data_8I5B
#
_entry.id   8I5B
#
_cell.length_a   1.00
_cell.length_b   1.00
_cell.length_c   1.00
_cell.angle_alpha   90.00
_cell.angle_beta   90.00
_cell.angle_gamma   90.00
#
_symmetry.space_group_name_H-M   'P 1'
#
loop_
_entity.id
_entity.type
_entity.pdbx_description
1 polymer 'Sodium channel protein type 9 subunit alpha'
2 polymer 'Sodium channel subunit beta-1'
3 polymer 'Sodium channel subunit beta-2'
4 branched 2-acetamido-2-deoxy-beta-D-glucopyranose-(1-4)-2-acetamido-2-deoxy-beta-D-glucopyranose
5 non-polymer 2-acetamido-2-deoxy-beta-D-glucopyranose
6 non-polymer O-[(R)-{[(2R)-2,3-bis(octadecanoyloxy)propyl]oxy}(hydroxy)phosphoryl]-L-serine
7 non-polymer 'CHOLESTEROL HEMISUCCINATE'
8 non-polymer 1-O-OCTADECYL-SN-GLYCERO-3-PHOSPHOCHOLINE
9 non-polymer 1,2-DIOLEOYL-SN-GLYCERO-3-PHOSPHOCHOLINE
10 non-polymer Levobupivacaine
#
loop_
_entity_poly.entity_id
_entity_poly.type
_entity_poly.pdbx_seq_one_letter_code
_entity_poly.pdbx_strand_id
1 'polypeptide(L)'
;WSHPQFEKGGGARGGSGGGSWSHPQFEKGFDYKDDDDKGTMAMLPPPGPQSFVHFTKQSLALIEQRIAERKSKEPKEEKK
DDDEEAPKPSSDLEAGKQLPFIYGDIPPGMVSEPLEDLDPYYADKKTFIVLNKGKTIFRFNATPALYMLSPFSPLRRISI
KILVHSLFSMLIMCTILTNCIFMTMNNPPDWTKNVEYTFTGIYTFESLVKILARGFCVGEFTFLRDPWNWLDFVVIVFAY
LTEFVNLGNVSALRTFRVLRALKTISVIPGLKTIVGALIQSVKKLSDVMILTVFCLSVFALIGLQLFMGNLKHKCFRNSL
ENNETLESIMNTLESEEDFRKYFYYLEGSKDALLCGFSTDSGQCPEGYTCVKIGRNPDYGYTSFDTFSWAFLALFRLMTQ
DYWENLYQQTLRAAGKTYMIFFVVVIFLGSFYLINLILAVVAMAYEEQNQANIEEAKQKELEFQQMLDRLKKEQEEAEAI
AAAAAEYTSIRRSRIMGLSESSSETSKLSSKSAKERRNRRKKKNQKKLSSGEEKGDAEKLSKSESEDSIRRKSFHLGVEG
HRRAHEKRLSTPNQSPLSIRGSLFSARRSSRTSLFSFKGRGRDIGSETEFADDEHSIFGDNESRRGSLFVPHRPQERRSS
NISQASRSPPMLPVNGKMHSAVDCNGVVSLVDGRSALMLPNGQLLPEVIIDKATSDDSGTTNQIHKKRRCSSYLLSEDML
NDPNLRQRAMSRASILTNTVEELEESRQKCPPWWYRFAHKFLIWNCSPYWIKFKKCIYFIVMDPFVDLAITICIVLNTLF
MAMEHHPMTEEFKNVLAIGNLVFTGIFAAEMVLKLIAMDPYEYFQVGWNIFDSLIVTLSLVELFLADVEGLSVLRSFRLL
RVFKLAKSWPTLNMLIKIIGNSVGALGNLTLVLAIIVFIFAVVGMQLFGKSYKECVCKINDDCTLPRWHMNDFFHSFLIV
FRVLCGEWIETMWDCMEVAGQAMCLIVYMMVMVIGNLVVLNLFLALLLSSFSSDNLTAIEEDPDANNLQIAVTRIKKGIN
YVKQTLREFILKAFSKKPKISREIRQAEDLNTKKENYISNHTLAEMSKGHNFLKEKDKISGFGSSVDKHLMEDSDGQSFI
HNPSLTVTVPIAPGESDLENMNAEELSSDSDSEYSKVRLNRSSSSECSTVDNPLPGEGEEAEAEPMNSDEPEACFTDGCV
WRFSCCQVNIESGKGKIWWNIRKTCYKIVEHSWFESFIVLMILLSSGALAFEDIYIERKKTIKIILEYADKIFTYIFILE
MLLKWIAYGYKTYFTNAWCWLDFLIVDVSLVTLVANTLGYSDLGPIKSLRTLRALRPLRALSRFEGMRVVVNALIGAIPS
IMNVLLVCLIFWLIFSIMGVNLFAGKFYECINTTDGSRFPASQVPNRSECFALMNVSQNVRWKNLKVNFDNVGLGYLSLL
QVATFKGWTIIMYAAVDSVNVDKQPKYEYSLYMYIYFVVFIIFGSFFTLNLFIGVIIDNFNQQKKKLGGQDIFMTEEQKK
YYNAMKKLGSKKPQKPIPRPGNKIQGCIFDLVTNQAFDISIMVLICLNMVTMMVEKEGQSQHMTEVLYWINVVFIILFTG
ECVLKLISLRHYYFTVGWNIFDFVVVIISIVGMFLADLIETYFVSPTLFRVIRLARIGRILRLVKGAKGIRTLLFALMMS
LPALFNIGLLLFLVMFIYAIFGMSNFAYVKKEDGINDMFNFETFGNSMICLFQITTSAGWDGLLAPILNSKPPDCDPKKV
HPGSSVEGDCGNPSVGIFYFVSYIIISFLVVVNMYIAVILENFSVATEESTEPLSEDDFEMFYEVWEKFDPDATQFIEFS
KLSDFAAALDPPLLIAKPNKVQLIAMDLPMVSGDRIHCLDILFAFTKRVLGESGEMDSLRSQMEERFMSANPSKVSYEPI
TTTLKRKQEDVSATVIQRAYRRYRLRQNVKNISSIYIKDGDRDDDLLNKKDMAFDNVNENSSPEKTDATSSTTSPPSYDS
VTKPDKEKYEQDRTEKEDKGKDSKESKK
;
A
2 'polypeptide(L)'
;MGRLLALVVGAALVSSACGGCVEVDSETEAVYGMTFKILCISCKRRSETNAETFTEWTFRQKGTEEFVKILRYENEVLQL
EEDERFEGRVVWNGSRGTKDLQDLSIFITNVTYNHSGDYECHVYRLLFFENYEHNTSVVKKIHIEVVDKANRDMASIVSE
IMMYVLIVVLTIWLVAEMIYCYKKIAAATETAAQENASEYLAITSESKENCTGVQVAE
;
B
3 'polypeptide(L)'
;MHRDAWLPRPAFSLTGLSLFFSLVPPGRSMEVTVPATLNVLNGSDARLPCTFNSCYTVNHKQFSLNWTYQECNNCSEEMF
LQFRMKIINLKLERFQDRVEFSGNPSKYDVSVMLRNVQPEDEGIYNCYIMNPPDRHRGHGKIHLQVLMEEPPERDSTVAV
IVGASVGGFLAVVILVLMVVKCVRRKKEQKLSTDDLKTEEEGKTDGEGNPDDGAK
;
C
#
# COMPACT_ATOMS: atom_id res chain seq x y z
N GLY A 48 -33.96 -43.29 25.63
CA GLY A 48 -34.04 -44.74 25.54
C GLY A 48 -32.90 -45.34 24.75
N PRO A 49 -32.00 -46.04 25.45
CA PRO A 49 -30.87 -46.67 24.76
C PRO A 49 -31.27 -47.75 23.77
N GLN A 50 -32.48 -48.31 23.89
CA GLN A 50 -32.95 -49.36 23.00
C GLN A 50 -34.15 -48.92 22.18
N SER A 51 -34.12 -47.67 21.69
CA SER A 51 -35.18 -47.14 20.84
C SER A 51 -34.70 -47.16 19.39
N PHE A 52 -34.82 -48.35 18.78
CA PHE A 52 -34.43 -48.56 17.38
C PHE A 52 -35.46 -49.51 16.77
N VAL A 53 -36.48 -48.94 16.14
CA VAL A 53 -37.59 -49.71 15.59
C VAL A 53 -37.65 -49.46 14.08
N HIS A 54 -37.79 -50.54 13.32
CA HIS A 54 -37.91 -50.42 11.87
C HIS A 54 -39.15 -49.62 11.50
N PHE A 55 -39.00 -48.76 10.49
CA PHE A 55 -40.13 -48.01 9.96
C PHE A 55 -40.96 -48.93 9.07
N THR A 56 -42.23 -49.13 9.43
CA THR A 56 -43.11 -50.03 8.71
C THR A 56 -44.43 -49.31 8.43
N LYS A 57 -45.31 -50.01 7.70
CA LYS A 57 -46.62 -49.43 7.38
C LYS A 57 -47.45 -49.22 8.64
N GLN A 58 -47.30 -50.08 9.64
CA GLN A 58 -47.99 -49.89 10.90
C GLN A 58 -47.53 -48.60 11.59
N SER A 59 -46.22 -48.34 11.58
CA SER A 59 -45.71 -47.10 12.16
C SER A 59 -46.20 -45.89 11.39
N LEU A 60 -46.21 -45.98 10.05
CA LEU A 60 -46.74 -44.89 9.24
C LEU A 60 -48.23 -44.67 9.51
N ALA A 61 -48.99 -45.76 9.63
CA ALA A 61 -50.41 -45.63 9.93
C ALA A 61 -50.64 -45.01 11.29
N LEU A 62 -49.84 -45.41 12.29
CA LEU A 62 -49.98 -44.84 13.63
C LEU A 62 -49.68 -43.34 13.62
N ILE A 63 -48.65 -42.93 12.88
CA ILE A 63 -48.33 -41.52 12.78
C ILE A 63 -49.46 -40.76 12.10
N GLU A 64 -50.01 -41.32 11.01
CA GLU A 64 -51.11 -40.67 10.32
C GLU A 64 -52.36 -40.61 11.20
N GLN A 65 -52.62 -41.66 11.97
CA GLN A 65 -53.78 -41.67 12.86
C GLN A 65 -53.67 -40.58 13.90
N ARG A 66 -52.48 -40.39 14.48
CA ARG A 66 -52.30 -39.33 15.47
C ARG A 66 -52.48 -37.95 14.85
N ILE A 67 -52.00 -37.77 13.60
CA ILE A 67 -52.20 -36.51 12.90
C ILE A 67 -53.67 -36.26 12.68
N ALA A 68 -54.42 -37.29 12.27
CA ALA A 68 -55.85 -37.15 12.08
C ALA A 68 -56.55 -36.81 13.40
N GLU A 69 -56.10 -37.40 14.50
CA GLU A 69 -56.64 -37.04 15.80
C GLU A 69 -56.33 -35.60 16.14
N ARG A 70 -55.10 -35.15 15.87
CA ARG A 70 -54.75 -33.76 16.14
C ARG A 70 -55.52 -32.80 15.26
N LYS A 71 -55.70 -33.14 13.98
CA LYS A 71 -56.41 -32.25 13.06
C LYS A 71 -57.88 -32.11 13.43
N SER A 72 -58.48 -33.17 13.99
CA SER A 72 -59.88 -33.12 14.40
C SER A 72 -60.09 -32.37 15.71
N LYS A 73 -59.04 -32.09 16.46
CA LYS A 73 -59.14 -31.38 17.72
C LYS A 73 -58.77 -29.90 17.61
N GLU A 74 -58.53 -29.42 16.39
CA GLU A 74 -58.20 -28.01 16.18
C GLU A 74 -59.38 -27.26 15.59
N PRO A 87 -43.44 -26.17 20.74
CA PRO A 87 -42.15 -26.76 21.14
C PRO A 87 -41.11 -26.70 20.03
N LYS A 88 -39.85 -26.91 20.38
CA LYS A 88 -38.76 -26.90 19.41
C LYS A 88 -38.12 -28.28 19.32
N PRO A 89 -37.56 -28.63 18.16
CA PRO A 89 -36.88 -29.92 18.04
C PRO A 89 -35.64 -29.98 18.93
N SER A 90 -35.32 -31.18 19.38
CA SER A 90 -34.13 -31.38 20.20
C SER A 90 -32.89 -31.19 19.34
N SER A 91 -31.98 -30.32 19.81
CA SER A 91 -30.77 -30.04 19.04
C SER A 91 -29.88 -31.27 18.93
N ASP A 92 -29.78 -32.08 19.99
CA ASP A 92 -28.90 -33.23 19.99
C ASP A 92 -29.28 -34.27 18.95
N LEU A 93 -30.55 -34.31 18.54
CA LEU A 93 -31.03 -35.28 17.55
C LEU A 93 -31.30 -34.66 16.19
N GLU A 94 -30.90 -33.41 15.98
CA GLU A 94 -31.15 -32.76 14.70
C GLU A 94 -30.30 -33.39 13.60
N ALA A 95 -30.78 -33.25 12.37
CA ALA A 95 -30.13 -33.88 11.22
C ALA A 95 -28.77 -33.26 10.96
N GLY A 96 -27.81 -34.10 10.55
CA GLY A 96 -26.49 -33.66 10.19
C GLY A 96 -25.42 -33.87 11.24
N LYS A 97 -25.80 -33.98 12.51
CA LYS A 97 -24.84 -34.20 13.58
C LYS A 97 -24.89 -35.66 14.03
N GLN A 98 -24.16 -35.97 15.10
CA GLN A 98 -23.95 -37.33 15.55
C GLN A 98 -24.94 -37.68 16.65
N LEU A 99 -25.48 -38.90 16.59
CA LEU A 99 -26.43 -39.36 17.58
C LEU A 99 -25.76 -39.46 18.95
N PRO A 100 -26.46 -39.12 20.03
CA PRO A 100 -25.84 -39.16 21.37
C PRO A 100 -25.38 -40.56 21.75
N PHE A 101 -24.31 -40.62 22.54
CA PHE A 101 -23.74 -41.89 22.97
C PHE A 101 -24.66 -42.65 23.90
N ILE A 102 -25.68 -42.00 24.48
CA ILE A 102 -26.57 -42.67 25.40
C ILE A 102 -27.38 -43.76 24.72
N TYR A 103 -27.55 -43.68 23.40
CA TYR A 103 -28.25 -44.72 22.66
C TYR A 103 -27.42 -45.98 22.48
N GLY A 104 -26.11 -45.90 22.63
CA GLY A 104 -25.26 -47.06 22.50
C GLY A 104 -25.01 -47.45 21.05
N ASP A 105 -24.46 -48.65 20.90
CA ASP A 105 -24.13 -49.17 19.57
C ASP A 105 -25.38 -49.53 18.79
N ILE A 106 -25.32 -49.29 17.49
CA ILE A 106 -26.44 -49.61 16.59
C ILE A 106 -26.41 -51.10 16.28
N PRO A 107 -27.56 -51.77 16.22
CA PRO A 107 -27.56 -53.17 15.83
C PRO A 107 -27.11 -53.32 14.38
N PRO A 108 -26.54 -54.47 14.02
CA PRO A 108 -26.12 -54.68 12.63
C PRO A 108 -27.25 -54.57 11.63
N GLY A 109 -28.46 -54.98 12.00
CA GLY A 109 -29.62 -54.89 11.14
C GLY A 109 -30.34 -53.56 11.15
N MET A 110 -29.82 -52.57 11.88
CA MET A 110 -30.46 -51.26 11.97
C MET A 110 -29.71 -50.17 11.22
N VAL A 111 -28.44 -50.37 10.91
CA VAL A 111 -27.63 -49.34 10.27
C VAL A 111 -28.02 -49.21 8.81
N SER A 112 -28.13 -47.96 8.35
CA SER A 112 -28.42 -47.63 6.95
C SER A 112 -29.75 -48.25 6.51
N GLU A 113 -30.75 -48.10 7.36
CA GLU A 113 -32.08 -48.64 7.11
C GLU A 113 -33.11 -47.59 7.50
N PRO A 114 -34.32 -47.65 6.93
CA PRO A 114 -35.40 -46.78 7.38
C PRO A 114 -35.81 -47.11 8.81
N LEU A 115 -35.66 -46.14 9.70
CA LEU A 115 -36.00 -46.29 11.10
C LEU A 115 -36.98 -45.21 11.53
N GLU A 116 -37.73 -45.50 12.59
CA GLU A 116 -38.70 -44.56 13.13
C GLU A 116 -37.99 -43.36 13.75
N ASP A 117 -38.67 -42.21 13.72
CA ASP A 117 -38.10 -40.99 14.26
C ASP A 117 -37.88 -41.11 15.76
N LEU A 118 -36.81 -40.49 16.25
CA LEU A 118 -36.47 -40.52 17.66
C LEU A 118 -36.89 -39.26 18.41
N ASP A 119 -36.94 -38.13 17.73
CA ASP A 119 -37.36 -36.89 18.38
C ASP A 119 -38.86 -36.92 18.66
N PRO A 120 -39.29 -36.67 19.90
CA PRO A 120 -40.73 -36.63 20.18
C PRO A 120 -41.45 -35.54 19.39
N TYR A 121 -40.77 -34.44 19.06
CA TYR A 121 -41.42 -33.39 18.28
C TYR A 121 -41.81 -33.90 16.89
N TYR A 122 -40.93 -34.67 16.26
CA TYR A 122 -41.22 -35.25 14.95
C TYR A 122 -41.99 -36.56 15.04
N ALA A 123 -42.32 -37.03 16.24
CA ALA A 123 -43.08 -38.26 16.38
C ALA A 123 -44.48 -38.11 15.80
N ASP A 124 -45.08 -36.93 15.98
CA ASP A 124 -46.42 -36.71 15.44
C ASP A 124 -46.41 -36.70 13.92
N LYS A 125 -45.50 -35.94 13.32
CA LYS A 125 -45.44 -35.82 11.88
C LYS A 125 -44.77 -37.05 11.25
N LYS A 126 -44.94 -37.19 9.94
CA LYS A 126 -44.46 -38.35 9.20
C LYS A 126 -43.04 -38.07 8.71
N THR A 127 -42.07 -38.36 9.58
CA THR A 127 -40.66 -38.23 9.24
C THR A 127 -39.93 -39.49 9.69
N PHE A 128 -39.14 -40.07 8.79
CA PHE A 128 -38.35 -41.25 9.08
C PHE A 128 -36.85 -40.91 9.03
N ILE A 129 -36.07 -41.67 9.79
CA ILE A 129 -34.66 -41.37 10.01
C ILE A 129 -33.82 -42.54 9.47
N VAL A 130 -32.65 -42.21 8.92
CA VAL A 130 -31.67 -43.19 8.49
C VAL A 130 -30.33 -42.79 9.08
N LEU A 131 -29.65 -43.75 9.71
CA LEU A 131 -28.34 -43.53 10.31
C LEU A 131 -27.31 -44.39 9.60
N ASN A 132 -26.20 -43.77 9.20
CA ASN A 132 -25.13 -44.48 8.53
C ASN A 132 -24.17 -45.08 9.55
N LYS A 133 -23.22 -45.87 9.05
CA LYS A 133 -22.20 -46.46 9.91
C LYS A 133 -21.27 -45.43 10.51
N GLY A 134 -21.29 -44.20 10.02
CA GLY A 134 -20.48 -43.11 10.54
C GLY A 134 -21.08 -42.37 11.71
N LYS A 135 -22.21 -42.85 12.25
CA LYS A 135 -22.88 -42.25 13.40
C LYS A 135 -23.26 -40.79 13.10
N THR A 136 -24.17 -40.66 12.13
CA THR A 136 -24.69 -39.36 11.73
C THR A 136 -26.20 -39.44 11.58
N ILE A 137 -26.88 -38.36 11.97
CA ILE A 137 -28.33 -38.29 11.95
C ILE A 137 -28.76 -37.68 10.62
N PHE A 138 -29.46 -38.46 9.81
CA PHE A 138 -30.05 -38.00 8.56
C PHE A 138 -31.56 -38.06 8.67
N ARG A 139 -32.22 -36.94 8.42
CA ARG A 139 -33.67 -36.83 8.52
C ARG A 139 -34.27 -36.60 7.14
N PHE A 140 -35.38 -37.29 6.85
CA PHE A 140 -36.05 -37.17 5.57
C PHE A 140 -37.55 -37.03 5.79
N ASN A 141 -38.32 -37.15 4.72
CA ASN A 141 -39.78 -37.07 4.79
C ASN A 141 -40.39 -38.40 4.40
N ALA A 142 -41.36 -38.87 5.19
CA ALA A 142 -42.02 -40.14 4.94
C ALA A 142 -43.09 -40.04 3.86
N THR A 143 -43.44 -38.84 3.41
CA THR A 143 -44.42 -38.70 2.35
C THR A 143 -43.86 -39.24 1.04
N PRO A 144 -44.72 -39.76 0.16
CA PRO A 144 -44.24 -40.28 -1.13
C PRO A 144 -43.61 -39.18 -1.96
N ALA A 145 -42.37 -39.42 -2.38
CA ALA A 145 -41.64 -38.46 -3.19
C ALA A 145 -42.22 -38.41 -4.60
N LEU A 146 -42.69 -37.24 -5.01
CA LEU A 146 -43.36 -37.02 -6.30
C LEU A 146 -44.60 -37.88 -6.46
N TYR A 147 -45.14 -38.39 -5.35
CA TYR A 147 -46.32 -39.25 -5.35
C TYR A 147 -46.13 -40.46 -6.28
N MET A 148 -44.92 -40.97 -6.32
CA MET A 148 -44.59 -42.09 -7.19
C MET A 148 -44.00 -43.29 -6.46
N LEU A 149 -43.12 -43.06 -5.49
CA LEU A 149 -42.47 -44.14 -4.77
C LEU A 149 -42.60 -43.92 -3.26
N SER A 150 -42.83 -45.00 -2.53
CA SER A 150 -42.96 -44.97 -1.09
C SER A 150 -41.59 -45.10 -0.44
N PRO A 151 -41.49 -44.79 0.86
CA PRO A 151 -40.21 -45.04 1.56
C PRO A 151 -39.79 -46.50 1.51
N PHE A 152 -40.73 -47.42 1.37
CA PHE A 152 -40.44 -48.85 1.31
C PHE A 152 -40.22 -49.35 -0.11
N SER A 153 -40.16 -48.44 -1.09
CA SER A 153 -39.95 -48.84 -2.47
C SER A 153 -38.56 -49.46 -2.64
N PRO A 154 -38.41 -50.42 -3.56
CA PRO A 154 -37.10 -51.07 -3.72
C PRO A 154 -35.99 -50.11 -4.15
N LEU A 155 -36.19 -49.36 -5.23
CA LEU A 155 -35.17 -48.41 -5.67
C LEU A 155 -34.97 -47.30 -4.66
N ARG A 156 -36.02 -46.94 -3.91
CA ARG A 156 -35.88 -45.92 -2.89
C ARG A 156 -34.85 -46.32 -1.84
N ARG A 157 -34.96 -47.56 -1.34
CA ARG A 157 -34.05 -48.02 -0.29
C ARG A 157 -32.60 -47.96 -0.77
N ILE A 158 -32.35 -48.38 -2.02
CA ILE A 158 -31.02 -48.26 -2.58
C ILE A 158 -30.61 -46.80 -2.68
N SER A 159 -31.57 -45.90 -2.95
CA SER A 159 -31.26 -44.49 -3.02
C SER A 159 -30.73 -43.96 -1.69
N ILE A 160 -31.41 -44.28 -0.58
CA ILE A 160 -30.85 -43.83 0.70
C ILE A 160 -29.55 -44.56 1.02
N LYS A 161 -29.45 -45.85 0.66
CA LYS A 161 -28.23 -46.59 0.98
C LYS A 161 -27.01 -45.97 0.31
N ILE A 162 -27.13 -45.57 -0.95
CA ILE A 162 -26.00 -44.91 -1.62
C ILE A 162 -25.91 -43.44 -1.25
N LEU A 163 -26.98 -42.84 -0.73
CA LEU A 163 -26.93 -41.45 -0.31
C LEU A 163 -26.19 -41.26 1.00
N VAL A 164 -26.21 -42.27 1.88
CA VAL A 164 -25.59 -42.12 3.20
C VAL A 164 -24.14 -42.58 3.23
N HIS A 165 -23.69 -43.32 2.22
CA HIS A 165 -22.34 -43.88 2.24
C HIS A 165 -21.30 -42.77 2.15
N SER A 166 -20.21 -42.93 2.90
CA SER A 166 -19.08 -42.01 2.81
C SER A 166 -18.31 -42.18 1.51
N LEU A 167 -18.40 -43.36 0.89
CA LEU A 167 -17.77 -43.57 -0.41
C LEU A 167 -18.39 -42.65 -1.47
N PHE A 168 -19.70 -42.40 -1.37
CA PHE A 168 -20.36 -41.46 -2.26
C PHE A 168 -19.76 -40.06 -2.10
N SER A 169 -19.57 -39.62 -0.85
CA SER A 169 -18.97 -38.31 -0.61
C SER A 169 -17.55 -38.25 -1.14
N MET A 170 -16.77 -39.31 -0.96
CA MET A 170 -15.41 -39.34 -1.49
C MET A 170 -15.41 -39.25 -3.01
N LEU A 171 -16.31 -39.98 -3.66
CA LEU A 171 -16.39 -39.92 -5.12
C LEU A 171 -16.78 -38.52 -5.60
N ILE A 172 -17.74 -37.90 -4.92
CA ILE A 172 -18.16 -36.55 -5.33
C ILE A 172 -17.03 -35.56 -5.13
N MET A 173 -16.30 -35.67 -4.01
CA MET A 173 -15.18 -34.77 -3.76
C MET A 173 -14.08 -34.94 -4.81
N CYS A 174 -13.78 -36.20 -5.17
CA CYS A 174 -12.79 -36.44 -6.21
C CYS A 174 -13.23 -35.86 -7.55
N THR A 175 -14.50 -36.03 -7.90
CA THR A 175 -15.02 -35.48 -9.15
C THR A 175 -14.91 -33.96 -9.15
N ILE A 176 -15.25 -33.32 -8.04
CA ILE A 176 -15.19 -31.86 -7.98
C ILE A 176 -13.74 -31.37 -8.07
N LEU A 177 -12.82 -32.07 -7.40
CA LEU A 177 -11.41 -31.68 -7.49
C LEU A 177 -10.88 -31.82 -8.90
N THR A 178 -11.23 -32.90 -9.59
CA THR A 178 -10.83 -33.06 -10.99
C THR A 178 -11.44 -31.99 -11.86
N ASN A 179 -12.70 -31.63 -11.59
CA ASN A 179 -13.36 -30.57 -12.34
C ASN A 179 -12.64 -29.24 -12.15
N CYS A 180 -12.21 -28.94 -10.91
CA CYS A 180 -11.44 -27.72 -10.67
C CYS A 180 -10.11 -27.76 -11.43
N ILE A 181 -9.42 -28.90 -11.39
CA ILE A 181 -8.14 -29.01 -12.08
C ILE A 181 -8.31 -28.76 -13.58
N PHE A 182 -9.40 -29.26 -14.16
CA PHE A 182 -9.64 -28.99 -15.57
C PHE A 182 -10.12 -27.56 -15.81
N MET A 183 -10.78 -26.95 -14.82
CA MET A 183 -11.13 -25.54 -14.91
C MET A 183 -9.89 -24.67 -14.98
N THR A 184 -8.79 -25.14 -14.39
CA THR A 184 -7.54 -24.37 -14.43
C THR A 184 -7.11 -24.09 -15.87
N MET A 185 -7.32 -25.04 -16.78
CA MET A 185 -6.87 -24.88 -18.15
C MET A 185 -7.58 -23.72 -18.84
N ASN A 186 -6.85 -22.99 -19.68
CA ASN A 186 -7.40 -21.87 -20.44
C ASN A 186 -7.65 -22.21 -21.90
N ASN A 187 -6.89 -23.14 -22.47
CA ASN A 187 -7.09 -23.60 -23.85
C ASN A 187 -7.20 -25.11 -23.70
N PRO A 188 -8.39 -25.63 -23.44
CA PRO A 188 -8.57 -27.07 -23.30
C PRO A 188 -8.37 -27.77 -24.62
N PRO A 189 -7.75 -28.96 -24.61
CA PRO A 189 -7.62 -29.73 -25.85
C PRO A 189 -8.96 -30.30 -26.32
N ASP A 190 -8.93 -31.08 -27.40
CA ASP A 190 -10.17 -31.59 -27.98
C ASP A 190 -10.77 -32.70 -27.15
N TRP A 191 -9.96 -33.45 -26.41
CA TRP A 191 -10.45 -34.60 -25.67
C TRP A 191 -11.05 -34.25 -24.30
N THR A 192 -11.04 -32.98 -23.91
CA THR A 192 -11.65 -32.59 -22.66
C THR A 192 -13.17 -32.61 -22.70
N LYS A 193 -13.77 -32.66 -23.90
CA LYS A 193 -15.22 -32.71 -24.00
C LYS A 193 -15.79 -33.97 -23.36
N ASN A 194 -15.12 -35.11 -23.57
CA ASN A 194 -15.57 -36.36 -22.97
C ASN A 194 -15.52 -36.28 -21.46
N VAL A 195 -14.47 -35.68 -20.90
CA VAL A 195 -14.36 -35.54 -19.46
C VAL A 195 -15.42 -34.60 -18.93
N GLU A 196 -15.74 -33.54 -19.67
CA GLU A 196 -16.83 -32.66 -19.27
C GLU A 196 -18.17 -33.40 -19.27
N TYR A 197 -18.39 -34.24 -20.27
CA TYR A 197 -19.59 -35.07 -20.29
C TYR A 197 -19.64 -36.01 -19.09
N THR A 198 -18.49 -36.61 -18.75
CA THR A 198 -18.44 -37.48 -17.58
C THR A 198 -18.76 -36.72 -16.31
N PHE A 199 -18.22 -35.51 -16.16
CA PHE A 199 -18.53 -34.70 -14.98
C PHE A 199 -20.01 -34.36 -14.92
N THR A 200 -20.60 -33.99 -16.06
CA THR A 200 -22.02 -33.67 -16.08
C THR A 200 -22.86 -34.89 -15.71
N GLY A 201 -22.48 -36.07 -16.22
CA GLY A 201 -23.20 -37.28 -15.87
C GLY A 201 -23.09 -37.62 -14.39
N ILE A 202 -21.89 -37.45 -13.82
CA ILE A 202 -21.70 -37.73 -12.40
C ILE A 202 -22.53 -36.77 -11.56
N TYR A 203 -22.54 -35.49 -11.93
CA TYR A 203 -23.35 -34.52 -11.20
C TYR A 203 -24.84 -34.85 -11.29
N THR A 204 -25.30 -35.23 -12.48
CA THR A 204 -26.70 -35.61 -12.65
C THR A 204 -27.05 -36.83 -11.81
N PHE A 205 -26.16 -37.83 -11.79
CA PHE A 205 -26.39 -39.01 -10.97
C PHE A 205 -26.42 -38.65 -9.48
N GLU A 206 -25.52 -37.77 -9.05
CA GLU A 206 -25.50 -37.37 -7.64
C GLU A 206 -26.77 -36.64 -7.26
N SER A 207 -27.23 -35.71 -8.10
CA SER A 207 -28.43 -34.95 -7.76
C SER A 207 -29.67 -35.84 -7.81
N LEU A 208 -29.78 -36.68 -8.83
CA LEU A 208 -30.95 -37.54 -8.99
C LEU A 208 -31.12 -38.51 -7.83
N VAL A 209 -30.03 -38.94 -7.20
CA VAL A 209 -30.13 -39.81 -6.03
C VAL A 209 -30.83 -39.08 -4.90
N LYS A 210 -30.48 -37.80 -4.69
CA LYS A 210 -31.14 -37.00 -3.66
C LYS A 210 -32.62 -36.79 -3.98
N ILE A 211 -32.96 -36.63 -5.25
CA ILE A 211 -34.36 -36.41 -5.63
C ILE A 211 -35.21 -37.62 -5.28
N LEU A 212 -34.70 -38.83 -5.56
CA LEU A 212 -35.47 -40.04 -5.29
C LEU A 212 -35.72 -40.23 -3.80
N ALA A 213 -34.72 -39.93 -2.97
CA ALA A 213 -34.84 -40.23 -1.54
C ALA A 213 -35.75 -39.21 -0.84
N ARG A 214 -35.37 -37.94 -0.88
CA ARG A 214 -36.05 -36.92 -0.08
C ARG A 214 -37.18 -36.21 -0.83
N GLY A 215 -37.37 -36.48 -2.11
CA GLY A 215 -38.35 -35.75 -2.89
C GLY A 215 -37.79 -34.45 -3.44
N PHE A 216 -38.60 -33.79 -4.26
CA PHE A 216 -38.14 -32.58 -4.93
C PHE A 216 -38.52 -31.31 -4.18
N CYS A 217 -39.82 -31.03 -4.07
CA CYS A 217 -40.28 -29.81 -3.41
C CYS A 217 -41.47 -29.97 -2.49
N VAL A 218 -42.28 -31.04 -2.63
CA VAL A 218 -43.61 -31.07 -2.01
C VAL A 218 -43.52 -31.13 -0.49
N GLY A 219 -42.54 -31.84 0.05
CA GLY A 219 -42.42 -32.02 1.48
C GLY A 219 -41.59 -30.94 2.16
N GLU A 220 -41.12 -31.25 3.37
CA GLU A 220 -40.36 -30.31 4.17
C GLU A 220 -38.89 -30.67 4.28
N PHE A 221 -38.56 -31.95 4.38
CA PHE A 221 -37.17 -32.41 4.23
C PHE A 221 -36.92 -32.88 2.81
N THR A 222 -37.03 -31.96 1.87
CA THR A 222 -36.92 -32.28 0.45
C THR A 222 -35.61 -31.76 -0.13
N PHE A 223 -35.45 -31.93 -1.44
CA PHE A 223 -34.22 -31.51 -2.11
C PHE A 223 -34.08 -30.00 -2.12
N LEU A 224 -35.13 -29.28 -2.55
CA LEU A 224 -35.01 -27.85 -2.75
C LEU A 224 -34.92 -27.05 -1.46
N ARG A 225 -35.14 -27.67 -0.31
CA ARG A 225 -35.13 -26.90 0.94
C ARG A 225 -33.72 -26.50 1.33
N ASP A 226 -32.71 -27.20 0.83
CA ASP A 226 -31.32 -26.86 1.16
C ASP A 226 -30.76 -25.88 0.13
N PRO A 227 -30.27 -24.71 0.55
CA PRO A 227 -29.71 -23.76 -0.42
C PRO A 227 -28.53 -24.31 -1.21
N TRP A 228 -27.72 -25.20 -0.61
CA TRP A 228 -26.65 -25.82 -1.38
C TRP A 228 -27.23 -26.72 -2.46
N ASN A 229 -28.38 -27.35 -2.20
CA ASN A 229 -29.08 -28.07 -3.25
C ASN A 229 -29.64 -27.11 -4.30
N TRP A 230 -30.01 -25.89 -3.91
CA TRP A 230 -30.34 -24.86 -4.88
C TRP A 230 -29.17 -24.62 -5.82
N LEU A 231 -27.96 -24.46 -5.23
CA LEU A 231 -26.78 -24.22 -6.05
C LEU A 231 -26.51 -25.40 -6.97
N ASP A 232 -26.66 -26.62 -6.46
CA ASP A 232 -26.44 -27.81 -7.28
C ASP A 232 -27.43 -27.88 -8.44
N PHE A 233 -28.70 -27.58 -8.16
CA PHE A 233 -29.71 -27.61 -9.21
C PHE A 233 -29.44 -26.55 -10.27
N VAL A 234 -29.05 -25.35 -9.84
CA VAL A 234 -28.72 -24.28 -10.80
C VAL A 234 -27.53 -24.70 -11.65
N VAL A 235 -26.52 -25.30 -11.03
CA VAL A 235 -25.35 -25.76 -11.77
C VAL A 235 -25.76 -26.80 -12.83
N ILE A 236 -26.60 -27.75 -12.44
CA ILE A 236 -26.98 -28.81 -13.37
C ILE A 236 -27.81 -28.27 -14.52
N VAL A 237 -28.77 -27.40 -14.22
CA VAL A 237 -29.62 -26.87 -15.30
C VAL A 237 -28.82 -25.97 -16.21
N PHE A 238 -27.88 -25.18 -15.66
CA PHE A 238 -27.04 -24.34 -16.50
C PHE A 238 -25.99 -25.13 -17.26
N ALA A 239 -25.66 -26.35 -16.81
CA ALA A 239 -24.80 -27.21 -17.60
C ALA A 239 -25.54 -27.91 -18.72
N TYR A 240 -26.80 -28.31 -18.46
CA TYR A 240 -27.58 -28.98 -19.49
C TYR A 240 -28.11 -28.00 -20.54
N LEU A 241 -28.35 -26.75 -20.16
CA LEU A 241 -28.89 -25.78 -21.10
C LEU A 241 -27.93 -25.51 -22.25
N THR A 242 -26.62 -25.44 -21.94
CA THR A 242 -25.64 -25.02 -22.94
C THR A 242 -25.50 -26.03 -24.06
N GLU A 243 -25.34 -27.31 -23.71
CA GLU A 243 -25.03 -28.33 -24.71
C GLU A 243 -26.17 -28.47 -25.71
N PHE A 244 -27.41 -28.39 -25.23
CA PHE A 244 -28.56 -28.50 -26.12
C PHE A 244 -28.73 -27.25 -26.97
N VAL A 245 -28.61 -26.07 -26.36
CA VAL A 245 -28.75 -24.82 -27.11
C VAL A 245 -27.58 -24.65 -28.09
N ASN A 246 -26.36 -24.86 -27.60
CA ASN A 246 -25.15 -24.72 -28.40
C ASN A 246 -25.05 -23.34 -29.05
N VAL A 250 -19.74 -15.99 -24.88
CA VAL A 250 -19.17 -17.32 -24.71
C VAL A 250 -18.37 -17.41 -23.41
N SER A 251 -17.60 -16.36 -23.09
CA SER A 251 -16.86 -16.36 -21.84
C SER A 251 -17.78 -16.34 -20.64
N ALA A 252 -18.94 -15.68 -20.75
CA ALA A 252 -19.92 -15.70 -19.67
C ALA A 252 -20.46 -17.11 -19.45
N LEU A 253 -20.62 -17.87 -20.54
CA LEU A 253 -21.27 -19.16 -20.44
C LEU A 253 -20.36 -20.15 -19.70
N ARG A 254 -19.08 -20.20 -20.07
CA ARG A 254 -18.13 -21.03 -19.35
C ARG A 254 -17.84 -20.48 -17.96
N THR A 255 -18.29 -19.27 -17.66
CA THR A 255 -17.97 -18.67 -16.35
C THR A 255 -18.76 -19.43 -15.31
N PHE A 256 -20.00 -19.80 -15.62
CA PHE A 256 -20.82 -20.47 -14.60
C PHE A 256 -20.18 -21.75 -14.08
N ARG A 257 -19.16 -22.26 -14.76
CA ARG A 257 -18.55 -23.53 -14.34
C ARG A 257 -17.88 -23.42 -12.97
N VAL A 258 -17.53 -22.21 -12.53
CA VAL A 258 -16.89 -22.08 -11.22
C VAL A 258 -17.85 -22.46 -10.11
N LEU A 259 -19.16 -22.36 -10.34
CA LEU A 259 -20.14 -22.70 -9.33
C LEU A 259 -20.03 -24.16 -8.91
N ARG A 260 -19.44 -25.01 -9.77
CA ARG A 260 -19.11 -26.37 -9.35
C ARG A 260 -18.09 -26.36 -8.22
N ALA A 261 -17.09 -25.47 -8.32
CA ALA A 261 -16.08 -25.38 -7.26
C ALA A 261 -16.68 -24.90 -5.94
N LEU A 262 -17.80 -24.18 -5.98
CA LEU A 262 -18.48 -23.78 -4.76
C LEU A 262 -19.15 -24.94 -4.05
N LYS A 263 -19.26 -26.10 -4.70
CA LYS A 263 -19.82 -27.29 -4.07
C LYS A 263 -18.84 -27.96 -3.11
N THR A 264 -17.57 -27.57 -3.14
CA THR A 264 -16.61 -28.08 -2.16
C THR A 264 -17.03 -27.71 -0.74
N ILE A 265 -17.66 -26.56 -0.58
CA ILE A 265 -18.12 -26.15 0.74
C ILE A 265 -19.16 -27.12 1.27
N SER A 266 -20.09 -27.54 0.42
CA SER A 266 -21.11 -28.49 0.84
C SER A 266 -20.53 -29.89 1.05
N VAL A 267 -19.66 -30.32 0.14
CA VAL A 267 -19.13 -31.69 0.22
C VAL A 267 -18.19 -31.84 1.42
N ILE A 268 -17.27 -30.91 1.58
CA ILE A 268 -16.25 -31.02 2.64
C ILE A 268 -16.89 -30.67 3.97
N PRO A 269 -16.81 -31.53 4.99
CA PRO A 269 -17.40 -31.21 6.29
C PRO A 269 -16.69 -30.04 6.94
N GLY A 270 -17.48 -29.25 7.68
CA GLY A 270 -16.96 -28.13 8.43
C GLY A 270 -16.90 -26.82 7.68
N LEU A 271 -16.99 -26.85 6.35
CA LEU A 271 -16.93 -25.61 5.58
C LEU A 271 -18.23 -24.82 5.65
N LYS A 272 -19.37 -25.50 5.83
CA LYS A 272 -20.64 -24.80 5.95
C LYS A 272 -20.67 -23.91 7.18
N THR A 273 -20.16 -24.41 8.31
CA THR A 273 -20.12 -23.61 9.53
C THR A 273 -19.20 -22.41 9.37
N ILE A 274 -18.06 -22.61 8.70
CA ILE A 274 -17.13 -21.50 8.46
C ILE A 274 -17.79 -20.43 7.59
N VAL A 275 -18.47 -20.85 6.53
CA VAL A 275 -19.14 -19.89 5.65
C VAL A 275 -20.23 -19.15 6.41
N GLY A 276 -20.99 -19.87 7.25
CA GLY A 276 -22.00 -19.20 8.05
C GLY A 276 -21.41 -18.19 9.01
N ALA A 277 -20.29 -18.53 9.66
CA ALA A 277 -19.64 -17.59 10.57
C ALA A 277 -19.15 -16.37 9.82
N LEU A 278 -18.62 -16.56 8.61
CA LEU A 278 -18.23 -15.42 7.78
C LEU A 278 -19.43 -14.54 7.44
N ILE A 279 -20.57 -15.17 7.17
CA ILE A 279 -21.78 -14.41 6.87
C ILE A 279 -22.20 -13.57 8.08
N GLN A 280 -22.17 -14.15 9.28
CA GLN A 280 -22.48 -13.37 10.47
C GLN A 280 -21.49 -12.23 10.68
N SER A 281 -20.20 -12.50 10.46
CA SER A 281 -19.19 -11.45 10.59
C SER A 281 -19.46 -10.30 9.64
N VAL A 282 -19.90 -10.61 8.42
CA VAL A 282 -20.33 -9.57 7.49
C VAL A 282 -21.54 -8.83 8.06
N LYS A 283 -22.48 -9.57 8.64
CA LYS A 283 -23.70 -8.97 9.18
C LYS A 283 -23.38 -7.98 10.30
N LYS A 284 -22.29 -8.20 11.02
CA LYS A 284 -21.93 -7.30 12.13
C LYS A 284 -21.18 -6.05 11.66
N LEU A 285 -20.93 -5.88 10.36
CA LEU A 285 -20.19 -4.75 9.83
C LEU A 285 -21.08 -3.74 9.12
N SER A 286 -22.37 -3.70 9.46
CA SER A 286 -23.29 -2.81 8.76
C SER A 286 -23.00 -1.35 9.09
N ASP A 287 -22.87 -1.02 10.38
CA ASP A 287 -22.65 0.36 10.78
C ASP A 287 -21.30 0.87 10.31
N VAL A 288 -20.26 0.02 10.38
CA VAL A 288 -18.94 0.42 9.92
C VAL A 288 -18.95 0.66 8.42
N MET A 289 -19.66 -0.19 7.67
CA MET A 289 -19.73 0.01 6.22
C MET A 289 -20.47 1.29 5.87
N ILE A 290 -21.56 1.58 6.58
CA ILE A 290 -22.32 2.80 6.32
C ILE A 290 -21.47 4.03 6.64
N LEU A 291 -20.75 3.99 7.77
CA LEU A 291 -19.88 5.11 8.13
C LEU A 291 -18.76 5.29 7.13
N THR A 292 -18.18 4.18 6.65
CA THR A 292 -17.12 4.26 5.64
C THR A 292 -17.65 4.88 4.36
N VAL A 293 -18.85 4.48 3.94
CA VAL A 293 -19.44 5.05 2.73
C VAL A 293 -19.68 6.55 2.91
N PHE A 294 -20.21 6.94 4.08
CA PHE A 294 -20.48 8.36 4.33
C PHE A 294 -19.19 9.18 4.34
N CYS A 295 -18.15 8.68 5.01
CA CYS A 295 -16.89 9.40 5.07
C CYS A 295 -16.25 9.50 3.69
N LEU A 296 -16.28 8.42 2.92
CA LEU A 296 -15.74 8.45 1.57
C LEU A 296 -16.50 9.43 0.70
N SER A 297 -17.83 9.47 0.82
CA SER A 297 -18.62 10.41 0.04
C SER A 297 -18.33 11.86 0.42
N VAL A 298 -18.20 12.14 1.71
CA VAL A 298 -17.91 13.51 2.15
C VAL A 298 -16.53 13.95 1.65
N PHE A 299 -15.53 13.09 1.82
CA PHE A 299 -14.19 13.44 1.36
C PHE A 299 -14.13 13.52 -0.16
N ALA A 300 -14.93 12.72 -0.87
CA ALA A 300 -14.96 12.81 -2.32
C ALA A 300 -15.63 14.09 -2.78
N LEU A 301 -16.65 14.56 -2.06
CA LEU A 301 -17.24 15.86 -2.36
C LEU A 301 -16.23 16.98 -2.12
N ILE A 302 -15.46 16.88 -1.04
CA ILE A 302 -14.43 17.90 -0.76
C ILE A 302 -13.38 17.89 -1.88
N GLY A 303 -12.92 16.70 -2.27
CA GLY A 303 -11.95 16.61 -3.33
C GLY A 303 -12.48 17.06 -4.68
N LEU A 304 -13.76 16.80 -4.96
CA LEU A 304 -14.37 17.28 -6.18
C LEU A 304 -14.47 18.80 -6.19
N GLN A 305 -14.80 19.39 -5.05
CA GLN A 305 -14.85 20.85 -4.97
C GLN A 305 -13.47 21.47 -5.11
N LEU A 306 -12.42 20.80 -4.62
CA LEU A 306 -11.08 21.38 -4.62
C LEU A 306 -10.33 21.15 -5.94
N PHE A 307 -10.29 19.91 -6.42
CA PHE A 307 -9.39 19.52 -7.49
C PHE A 307 -10.13 19.16 -8.79
N MET A 308 -11.29 19.77 -9.02
CA MET A 308 -12.04 19.49 -10.24
C MET A 308 -11.28 20.03 -11.45
N GLY A 309 -10.92 19.13 -12.37
CA GLY A 309 -10.22 19.51 -13.57
C GLY A 309 -8.76 19.83 -13.39
N ASN A 310 -8.23 19.75 -12.17
CA ASN A 310 -6.84 20.11 -11.93
C ASN A 310 -5.88 19.12 -12.57
N LEU A 311 -6.29 17.87 -12.72
CA LEU A 311 -5.43 16.85 -13.30
C LEU A 311 -5.40 16.90 -14.82
N LYS A 312 -6.12 17.83 -15.43
CA LYS A 312 -6.06 18.07 -16.86
C LYS A 312 -5.06 19.15 -17.23
N HIS A 313 -4.30 19.67 -16.26
CA HIS A 313 -3.31 20.69 -16.54
C HIS A 313 -2.15 20.10 -17.34
N LYS A 314 -1.78 20.77 -18.42
CA LYS A 314 -0.67 20.35 -19.27
C LYS A 314 0.09 21.58 -19.72
N CYS A 315 1.35 21.37 -20.13
CA CYS A 315 2.19 22.43 -20.66
C CYS A 315 2.09 22.41 -22.18
N PHE A 316 1.40 23.41 -22.74
CA PHE A 316 1.22 23.55 -24.17
C PHE A 316 2.21 24.55 -24.72
N ARG A 317 2.81 24.22 -25.86
CA ARG A 317 3.91 25.03 -26.39
C ARG A 317 3.44 26.44 -26.74
N ASN A 318 4.31 27.41 -26.50
CA ASN A 318 3.96 28.81 -26.75
C ASN A 318 3.96 29.13 -28.24
N SER A 319 4.93 28.60 -28.98
CA SER A 319 5.09 28.93 -30.40
C SER A 319 4.32 27.92 -31.24
N LEU A 320 3.39 28.43 -32.05
CA LEU A 320 2.58 27.61 -32.94
C LEU A 320 2.73 28.11 -34.37
N GLU A 321 2.79 27.17 -35.31
CA GLU A 321 3.00 27.48 -36.71
C GLU A 321 1.72 27.24 -37.52
N ASN A 322 1.71 27.80 -38.73
CA ASN A 322 0.61 27.61 -39.69
C ASN A 322 -0.73 28.08 -39.10
N ASN A 323 -0.69 29.17 -38.34
CA ASN A 323 -1.90 29.80 -37.78
C ASN A 323 -2.69 28.83 -36.90
N GLU A 324 -2.01 27.87 -36.29
CA GLU A 324 -2.68 26.88 -35.46
C GLU A 324 -3.03 27.47 -34.10
N THR A 325 -4.04 26.87 -33.46
CA THR A 325 -4.44 27.22 -32.12
C THR A 325 -4.64 25.94 -31.31
N LEU A 326 -4.90 26.10 -30.02
CA LEU A 326 -5.14 24.93 -29.17
C LEU A 326 -6.35 24.15 -29.64
N GLU A 327 -7.45 24.85 -29.95
CA GLU A 327 -8.64 24.18 -30.45
C GLU A 327 -8.39 23.52 -31.79
N SER A 328 -7.62 24.20 -32.66
CA SER A 328 -7.33 23.64 -33.98
C SER A 328 -6.50 22.36 -33.88
N ILE A 329 -5.49 22.36 -33.00
CA ILE A 329 -4.61 21.19 -32.92
C ILE A 329 -5.22 20.07 -32.09
N MET A 330 -6.16 20.37 -31.18
CA MET A 330 -6.72 19.32 -30.34
C MET A 330 -7.57 18.33 -31.14
N ASN A 331 -8.16 18.77 -32.25
CA ASN A 331 -9.03 17.89 -33.01
C ASN A 331 -8.25 16.79 -33.72
N THR A 332 -7.17 17.15 -34.40
CA THR A 332 -6.42 16.21 -35.24
C THR A 332 -5.21 15.65 -34.49
N LEU A 333 -5.48 15.07 -33.32
CA LEU A 333 -4.44 14.47 -32.47
C LEU A 333 -4.97 13.14 -31.92
N GLU A 334 -4.66 12.05 -32.63
CA GLU A 334 -4.92 10.70 -32.11
C GLU A 334 -3.64 9.89 -32.30
N SER A 335 -2.71 10.06 -31.36
CA SER A 335 -1.45 9.32 -31.27
C SER A 335 -0.70 9.84 -30.06
N GLU A 336 0.25 9.04 -29.58
CA GLU A 336 1.08 9.49 -28.45
C GLU A 336 2.16 10.45 -28.93
N GLU A 337 2.76 10.17 -30.09
CA GLU A 337 3.81 11.05 -30.61
C GLU A 337 3.26 12.43 -30.98
N ASP A 338 2.06 12.47 -31.56
CA ASP A 338 1.46 13.76 -31.94
C ASP A 338 1.21 14.62 -30.71
N PHE A 339 0.74 14.00 -29.62
CA PHE A 339 0.59 14.74 -28.37
C PHE A 339 1.95 15.16 -27.82
N ARG A 340 2.97 14.31 -27.97
CA ARG A 340 4.31 14.67 -27.52
C ARG A 340 4.85 15.88 -28.27
N LYS A 341 4.45 16.06 -29.53
CA LYS A 341 4.94 17.19 -30.31
C LYS A 341 4.41 18.53 -29.80
N TYR A 342 3.30 18.53 -29.07
CA TYR A 342 2.68 19.76 -28.63
C TYR A 342 2.63 19.95 -27.12
N PHE A 343 2.76 18.87 -26.34
CA PHE A 343 2.79 18.96 -24.89
C PHE A 343 4.11 18.39 -24.37
N TYR A 344 4.50 18.83 -23.18
CA TYR A 344 5.75 18.38 -22.58
C TYR A 344 5.54 17.03 -21.91
N TYR A 345 6.37 16.07 -22.28
CA TYR A 345 6.38 14.74 -21.68
C TYR A 345 7.75 14.49 -21.06
N LEU A 346 7.76 13.82 -19.91
CA LEU A 346 9.00 13.31 -19.38
C LEU A 346 9.41 12.05 -20.16
N GLU A 347 10.69 11.73 -20.08
CA GLU A 347 11.21 10.61 -20.86
C GLU A 347 10.58 9.29 -20.41
N GLY A 348 10.06 8.53 -21.37
CA GLY A 348 9.42 7.27 -21.06
C GLY A 348 8.19 7.38 -20.18
N SER A 349 7.35 8.37 -20.45
CA SER A 349 6.15 8.62 -19.67
C SER A 349 4.92 8.53 -20.56
N LYS A 350 3.89 7.84 -20.07
CA LYS A 350 2.65 7.67 -20.84
C LYS A 350 1.75 8.90 -20.78
N ASP A 351 1.96 9.79 -19.82
CA ASP A 351 1.10 10.95 -19.63
C ASP A 351 1.91 12.23 -19.77
N ALA A 352 1.24 13.28 -20.22
CA ALA A 352 1.87 14.59 -20.27
C ALA A 352 2.13 15.10 -18.86
N LEU A 353 3.23 15.82 -18.70
CA LEU A 353 3.61 16.33 -17.38
C LEU A 353 2.56 17.30 -16.86
N LEU A 354 2.21 17.15 -15.58
CA LEU A 354 1.25 18.04 -14.95
C LEU A 354 1.92 19.34 -14.54
N CYS A 355 1.14 20.41 -14.52
CA CYS A 355 1.62 21.73 -14.13
C CYS A 355 0.57 22.40 -13.26
N GLY A 356 0.88 23.62 -12.83
CA GLY A 356 -0.06 24.39 -12.04
C GLY A 356 0.15 25.87 -12.25
N PHE A 357 -0.86 26.64 -11.86
CA PHE A 357 -0.82 28.09 -11.98
C PHE A 357 -0.34 28.79 -10.72
N SER A 358 -0.01 28.03 -9.67
CA SER A 358 0.45 28.60 -8.41
C SER A 358 1.97 28.55 -8.32
N THR A 359 2.49 29.26 -7.32
CA THR A 359 3.94 29.31 -7.14
C THR A 359 4.48 28.01 -6.56
N ASP A 360 3.68 27.29 -5.78
CA ASP A 360 4.08 26.04 -5.17
C ASP A 360 3.72 24.82 -6.01
N SER A 361 3.23 25.03 -7.23
CA SER A 361 2.83 23.93 -8.10
C SER A 361 3.99 23.56 -9.01
N GLY A 362 3.74 22.68 -9.98
CA GLY A 362 4.76 22.30 -10.94
C GLY A 362 4.99 23.39 -11.98
N GLN A 363 6.19 23.40 -12.54
CA GLN A 363 6.59 24.42 -13.49
C GLN A 363 6.81 23.84 -14.86
N CYS A 364 6.39 24.58 -15.89
CA CYS A 364 6.53 24.12 -17.30
C CYS A 364 7.93 24.47 -17.81
N PRO A 365 8.50 23.72 -18.79
CA PRO A 365 9.79 24.07 -19.38
C PRO A 365 9.65 25.37 -20.19
N GLU A 366 10.77 26.09 -20.35
CA GLU A 366 10.73 27.38 -21.10
C GLU A 366 10.07 27.14 -22.47
N GLY A 367 9.04 27.92 -22.79
CA GLY A 367 8.33 27.75 -24.09
C GLY A 367 7.02 27.00 -23.93
N TYR A 368 6.62 26.73 -22.68
CA TYR A 368 5.39 26.02 -22.43
C TYR A 368 4.56 26.79 -21.42
N THR A 369 3.24 26.70 -21.55
CA THR A 369 2.33 27.38 -20.63
C THR A 369 1.32 26.36 -20.11
N CYS A 370 0.97 26.49 -18.83
CA CYS A 370 -0.01 25.61 -18.23
C CYS A 370 -1.40 25.93 -18.75
N VAL A 371 -2.14 24.89 -19.10
CA VAL A 371 -3.50 25.04 -19.63
C VAL A 371 -4.29 23.79 -19.28
N LYS A 372 -5.57 23.98 -18.97
CA LYS A 372 -6.47 22.88 -18.65
C LYS A 372 -7.05 22.34 -19.94
N ILE A 373 -6.53 21.21 -20.41
CA ILE A 373 -6.96 20.62 -21.68
C ILE A 373 -6.52 19.16 -21.68
N GLY A 374 -7.20 18.35 -22.49
CA GLY A 374 -6.83 16.97 -22.64
C GLY A 374 -7.52 16.04 -21.65
N ARG A 375 -6.95 14.84 -21.55
CA ARG A 375 -7.49 13.81 -20.68
C ARG A 375 -6.70 13.74 -19.37
N ASN A 376 -7.30 13.10 -18.38
CA ASN A 376 -6.70 12.93 -17.07
C ASN A 376 -5.65 11.82 -17.11
N PRO A 377 -4.73 11.82 -16.15
CA PRO A 377 -3.68 10.80 -16.14
C PRO A 377 -4.23 9.41 -15.87
N ASP A 378 -3.40 8.40 -16.15
CA ASP A 378 -3.72 7.00 -15.97
C ASP A 378 -4.95 6.60 -16.77
N TYR A 379 -4.83 6.72 -18.09
CA TYR A 379 -5.88 6.40 -19.06
C TYR A 379 -7.13 7.24 -18.87
N GLY A 380 -7.06 8.30 -18.08
CA GLY A 380 -8.24 9.08 -17.74
C GLY A 380 -8.99 8.59 -16.53
N TYR A 381 -8.52 7.53 -15.87
CA TYR A 381 -9.21 6.96 -14.73
C TYR A 381 -8.90 7.67 -13.42
N THR A 382 -7.91 8.56 -13.39
CA THR A 382 -7.53 9.28 -12.18
C THR A 382 -7.95 10.73 -12.34
N SER A 383 -9.00 11.13 -11.62
CA SER A 383 -9.50 12.50 -11.71
C SER A 383 -10.41 12.78 -10.52
N PHE A 384 -10.69 14.06 -10.32
CA PHE A 384 -11.74 14.52 -9.42
C PHE A 384 -12.83 15.24 -10.21
N ASP A 385 -13.00 14.86 -11.47
CA ASP A 385 -13.92 15.58 -12.35
C ASP A 385 -15.38 15.31 -11.99
N THR A 386 -15.71 14.05 -11.69
CA THR A 386 -17.07 13.66 -11.34
C THR A 386 -17.06 13.03 -9.96
N PHE A 387 -18.23 12.95 -9.35
CA PHE A 387 -18.34 12.37 -8.01
C PHE A 387 -17.92 10.90 -8.01
N SER A 388 -18.15 10.18 -9.12
CA SER A 388 -17.79 8.77 -9.16
C SER A 388 -16.27 8.59 -9.22
N TRP A 389 -15.59 9.39 -10.05
CA TRP A 389 -14.13 9.30 -10.11
C TRP A 389 -13.50 9.79 -8.81
N ALA A 390 -14.07 10.82 -8.20
CA ALA A 390 -13.59 11.27 -6.91
C ALA A 390 -13.80 10.20 -5.85
N PHE A 391 -14.92 9.49 -5.91
CA PHE A 391 -15.17 8.39 -4.99
C PHE A 391 -14.15 7.27 -5.18
N LEU A 392 -13.83 6.95 -6.43
CA LEU A 392 -12.80 5.95 -6.69
C LEU A 392 -11.45 6.40 -6.13
N ALA A 393 -11.11 7.67 -6.32
CA ALA A 393 -9.85 8.19 -5.79
C ALA A 393 -9.83 8.13 -4.26
N LEU A 394 -10.95 8.45 -3.62
CA LEU A 394 -10.98 8.45 -2.16
C LEU A 394 -10.97 7.03 -1.59
N PHE A 395 -11.61 6.09 -2.28
CA PHE A 395 -11.51 4.69 -1.86
C PHE A 395 -10.08 4.19 -2.02
N ARG A 396 -9.41 4.58 -3.10
CA ARG A 396 -8.00 4.25 -3.29
C ARG A 396 -7.14 4.84 -2.18
N LEU A 397 -7.44 6.08 -1.77
CA LEU A 397 -6.74 6.69 -0.65
C LEU A 397 -6.99 5.93 0.65
N MET A 398 -8.24 5.54 0.89
CA MET A 398 -8.58 4.83 2.12
C MET A 398 -7.87 3.49 2.20
N THR A 399 -7.81 2.75 1.09
CA THR A 399 -7.06 1.51 1.06
C THR A 399 -5.57 1.73 0.88
N GLN A 400 -5.15 2.96 0.60
CA GLN A 400 -3.74 3.32 0.48
C GLN A 400 -3.04 2.51 -0.62
N ASP A 401 -3.77 2.22 -1.68
CA ASP A 401 -3.22 1.51 -2.83
C ASP A 401 -2.66 2.53 -3.82
N TYR A 402 -1.34 2.60 -3.93
CA TYR A 402 -0.67 3.52 -4.85
C TYR A 402 -1.08 4.97 -4.58
N TRP A 403 -1.44 5.27 -3.33
CA TRP A 403 -1.96 6.59 -3.00
C TRP A 403 -0.90 7.67 -3.13
N GLU A 404 0.39 7.32 -3.09
CA GLU A 404 1.43 8.32 -3.21
C GLU A 404 1.51 8.88 -4.62
N ASN A 405 1.14 8.09 -5.64
CA ASN A 405 1.10 8.61 -7.00
C ASN A 405 0.03 9.69 -7.13
N LEU A 406 -1.17 9.42 -6.59
CA LEU A 406 -2.22 10.42 -6.59
C LEU A 406 -1.81 11.64 -5.76
N TYR A 407 -1.14 11.40 -4.64
CA TYR A 407 -0.62 12.47 -3.79
C TYR A 407 0.29 13.40 -4.59
N GLN A 408 1.27 12.82 -5.27
CA GLN A 408 2.23 13.63 -6.02
C GLN A 408 1.56 14.32 -7.22
N GLN A 409 0.66 13.63 -7.91
CA GLN A 409 -0.04 14.24 -9.04
C GLN A 409 -0.87 15.43 -8.58
N THR A 410 -1.61 15.28 -7.48
CA THR A 410 -2.44 16.36 -6.99
C THR A 410 -1.59 17.53 -6.48
N LEU A 411 -0.47 17.24 -5.81
CA LEU A 411 0.39 18.32 -5.36
C LEU A 411 0.99 19.07 -6.55
N ARG A 412 1.40 18.34 -7.59
CA ARG A 412 1.95 18.99 -8.78
C ARG A 412 0.90 19.85 -9.48
N ALA A 413 -0.33 19.34 -9.57
CA ALA A 413 -1.37 20.04 -10.33
C ALA A 413 -1.94 21.23 -9.55
N ALA A 414 -2.06 21.11 -8.23
CA ALA A 414 -2.75 22.11 -7.43
C ALA A 414 -1.82 22.94 -6.55
N GLY A 415 -0.79 22.34 -5.99
CA GLY A 415 0.14 23.05 -5.12
C GLY A 415 0.49 22.26 -3.88
N LYS A 416 1.65 22.56 -3.31
CA LYS A 416 2.12 21.84 -2.12
C LYS A 416 1.29 22.15 -0.88
N THR A 417 0.56 23.26 -0.87
CA THR A 417 -0.26 23.60 0.29
C THR A 417 -1.47 22.70 0.44
N TYR A 418 -1.77 21.89 -0.58
CA TYR A 418 -2.91 20.99 -0.55
C TYR A 418 -2.57 19.64 0.06
N MET A 419 -1.36 19.47 0.59
CA MET A 419 -1.03 18.25 1.31
C MET A 419 -1.79 18.13 2.63
N ILE A 420 -2.40 19.23 3.10
CA ILE A 420 -3.23 19.16 4.30
C ILE A 420 -4.44 18.26 4.07
N PHE A 421 -5.02 18.34 2.87
CA PHE A 421 -6.14 17.46 2.53
C PHE A 421 -5.73 16.00 2.63
N PHE A 422 -4.55 15.66 2.09
CA PHE A 422 -4.09 14.27 2.14
C PHE A 422 -3.74 13.86 3.57
N VAL A 423 -3.19 14.77 4.36
CA VAL A 423 -2.90 14.45 5.77
C VAL A 423 -4.19 14.12 6.50
N VAL A 424 -5.21 14.95 6.33
CA VAL A 424 -6.49 14.73 7.01
C VAL A 424 -7.12 13.44 6.53
N VAL A 425 -7.09 13.17 5.23
CA VAL A 425 -7.72 11.97 4.69
C VAL A 425 -6.99 10.72 5.19
N ILE A 426 -5.66 10.76 5.21
CA ILE A 426 -4.90 9.58 5.59
C ILE A 426 -5.05 9.28 7.08
N PHE A 427 -4.99 10.32 7.92
CA PHE A 427 -5.03 10.05 9.35
C PHE A 427 -6.45 9.87 9.86
N LEU A 428 -7.35 10.79 9.51
CA LEU A 428 -8.73 10.70 9.99
C LEU A 428 -9.53 9.65 9.23
N GLY A 429 -9.25 9.47 7.94
CA GLY A 429 -10.03 8.56 7.13
C GLY A 429 -9.45 7.18 6.92
N SER A 430 -8.18 7.11 6.51
CA SER A 430 -7.60 5.83 6.13
C SER A 430 -7.30 4.96 7.34
N PHE A 431 -6.45 5.44 8.24
CA PHE A 431 -6.06 4.65 9.41
C PHE A 431 -7.26 4.40 10.32
N TYR A 432 -8.09 5.42 10.55
CA TYR A 432 -9.15 5.32 11.54
C TYR A 432 -10.23 4.32 11.10
N LEU A 433 -10.67 4.40 9.84
CA LEU A 433 -11.71 3.49 9.38
C LEU A 433 -11.20 2.04 9.33
N ILE A 434 -9.95 1.85 8.91
CA ILE A 434 -9.38 0.51 8.90
C ILE A 434 -9.30 -0.06 10.32
N ASN A 435 -8.87 0.76 11.27
CA ASN A 435 -8.80 0.30 12.65
C ASN A 435 -10.20 0.01 13.20
N LEU A 436 -11.19 0.80 12.80
CA LEU A 436 -12.56 0.53 13.20
C LEU A 436 -13.04 -0.81 12.65
N ILE A 437 -12.72 -1.09 11.39
CA ILE A 437 -13.09 -2.37 10.78
C ILE A 437 -12.45 -3.51 11.55
N LEU A 438 -11.16 -3.39 11.85
CA LEU A 438 -10.46 -4.42 12.60
C LEU A 438 -11.09 -4.63 13.97
N ALA A 439 -11.41 -3.53 14.66
CA ALA A 439 -12.00 -3.63 15.99
C ALA A 439 -13.36 -4.33 15.95
N VAL A 440 -14.21 -3.93 15.00
CA VAL A 440 -15.54 -4.53 14.91
C VAL A 440 -15.45 -6.01 14.59
N VAL A 441 -14.61 -6.37 13.62
CA VAL A 441 -14.49 -7.78 13.25
C VAL A 441 -13.94 -8.59 14.41
N ALA A 442 -12.93 -8.07 15.11
CA ALA A 442 -12.33 -8.81 16.20
C ALA A 442 -13.30 -8.97 17.37
N MET A 443 -14.10 -7.97 17.63
CA MET A 443 -15.10 -8.06 18.71
C MET A 443 -16.16 -9.09 18.32
N ALA A 444 -16.58 -9.09 17.06
CA ALA A 444 -17.54 -10.08 16.60
C ALA A 444 -16.97 -11.49 16.74
N TYR A 445 -15.71 -11.67 16.37
CA TYR A 445 -15.09 -12.98 16.52
C TYR A 445 -14.95 -13.37 17.98
N GLU A 446 -14.70 -12.40 18.86
CA GLU A 446 -14.65 -12.69 20.29
C GLU A 446 -16.00 -13.20 20.79
N GLU A 447 -17.08 -12.53 20.43
CA GLU A 447 -18.37 -13.12 20.84
C GLU A 447 -18.43 -14.52 20.27
N GLN A 448 -18.30 -14.65 18.96
CA GLN A 448 -18.53 -15.97 18.36
C GLN A 448 -17.75 -17.05 19.10
N ASN A 449 -16.49 -16.78 19.42
CA ASN A 449 -15.67 -17.75 20.13
C ASN A 449 -16.18 -17.99 21.55
N GLN A 450 -16.64 -16.94 22.23
CA GLN A 450 -17.21 -17.12 23.55
C GLN A 450 -18.46 -17.98 23.49
N ALA A 451 -19.32 -17.74 22.49
CA ALA A 451 -20.52 -18.57 22.34
C ALA A 451 -20.15 -20.01 22.01
N ASN A 452 -19.13 -20.21 21.19
CA ASN A 452 -18.71 -21.57 20.83
C ASN A 452 -18.19 -22.33 22.05
N ILE A 453 -17.31 -21.70 22.83
CA ILE A 453 -16.74 -22.39 23.98
C ILE A 453 -17.78 -22.55 25.09
N GLU A 454 -18.75 -21.63 25.18
CA GLU A 454 -19.75 -21.73 26.24
C GLU A 454 -20.63 -22.97 26.05
N GLU A 455 -21.08 -23.22 24.82
CA GLU A 455 -21.87 -24.42 24.57
C GLU A 455 -21.02 -25.68 24.68
N ALA A 456 -19.76 -25.62 24.26
CA ALA A 456 -18.86 -26.75 24.42
C ALA A 456 -18.62 -27.05 25.89
N LYS A 457 -18.52 -26.01 26.72
CA LYS A 457 -18.35 -26.22 28.16
C LYS A 457 -19.57 -26.90 28.76
N GLN A 458 -20.76 -26.54 28.32
CA GLN A 458 -22.00 -27.12 28.81
C GLN A 458 -22.08 -28.61 28.47
N PRO A 768 22.45 -59.15 24.01
CA PRO A 768 23.71 -59.52 24.67
C PRO A 768 24.71 -58.36 24.73
N TYR A 769 25.83 -58.50 24.03
CA TYR A 769 26.82 -57.42 24.00
C TYR A 769 26.26 -56.19 23.30
N TRP A 770 25.45 -56.39 22.26
CA TRP A 770 24.82 -55.26 21.58
C TRP A 770 23.86 -54.51 22.49
N ILE A 771 23.23 -55.22 23.43
CA ILE A 771 22.36 -54.55 24.40
C ILE A 771 23.17 -53.61 25.28
N LYS A 772 24.32 -54.06 25.77
CA LYS A 772 25.19 -53.18 26.53
C LYS A 772 25.73 -52.04 25.66
N PHE A 773 25.94 -52.31 24.37
CA PHE A 773 26.37 -51.25 23.45
C PHE A 773 25.33 -50.15 23.35
N LYS A 774 24.07 -50.53 23.16
CA LYS A 774 23.02 -49.51 23.05
C LYS A 774 22.76 -48.85 24.40
N LYS A 775 23.01 -49.56 25.51
CA LYS A 775 22.97 -48.90 26.82
C LYS A 775 24.05 -47.81 26.92
N CYS A 776 25.26 -48.11 26.42
CA CYS A 776 26.31 -47.10 26.41
C CYS A 776 25.94 -45.93 25.51
N ILE A 777 25.31 -46.21 24.37
CA ILE A 777 24.88 -45.13 23.47
C ILE A 777 23.80 -44.29 24.14
N TYR A 778 22.90 -44.93 24.90
CA TYR A 778 21.91 -44.19 25.68
C TYR A 778 22.59 -43.30 26.73
N PHE A 779 23.64 -43.82 27.36
CA PHE A 779 24.44 -42.99 28.27
C PHE A 779 25.04 -41.80 27.54
N ILE A 780 25.47 -42.02 26.30
CA ILE A 780 26.00 -40.92 25.48
C ILE A 780 24.90 -39.90 25.19
N VAL A 781 23.67 -40.35 25.00
CA VAL A 781 22.53 -39.48 24.68
C VAL A 781 22.29 -38.44 25.77
N MET A 782 22.86 -38.63 26.96
CA MET A 782 22.73 -37.73 28.11
C MET A 782 22.74 -36.27 27.67
N ASP A 783 21.66 -35.56 28.01
CA ASP A 783 21.22 -34.36 27.29
C ASP A 783 21.99 -33.08 27.61
N PRO A 784 22.15 -32.67 28.90
CA PRO A 784 22.69 -31.33 29.18
C PRO A 784 24.04 -30.99 28.55
N PHE A 785 24.68 -31.95 27.87
CA PHE A 785 25.87 -31.64 27.09
C PHE A 785 25.70 -31.95 25.61
N VAL A 786 25.19 -33.13 25.28
CA VAL A 786 25.05 -33.51 23.87
C VAL A 786 23.96 -32.68 23.19
N ASP A 787 22.82 -32.50 23.87
CA ASP A 787 21.75 -31.69 23.29
C ASP A 787 22.18 -30.23 23.14
N LEU A 788 22.87 -29.69 24.14
CA LEU A 788 23.39 -28.33 24.03
C LEU A 788 24.43 -28.25 22.91
N ALA A 789 25.27 -29.28 22.77
CA ALA A 789 26.24 -29.30 21.69
C ALA A 789 25.55 -29.30 20.33
N ILE A 790 24.46 -30.05 20.19
CA ILE A 790 23.75 -30.11 18.92
C ILE A 790 23.07 -28.76 18.63
N THR A 791 22.54 -28.11 19.67
CA THR A 791 21.97 -26.78 19.49
C THR A 791 23.03 -25.79 19.03
N ILE A 792 24.21 -25.83 19.64
CA ILE A 792 25.31 -24.94 19.26
C ILE A 792 25.74 -25.24 17.83
N CYS A 793 25.75 -26.53 17.45
CA CYS A 793 26.11 -26.90 16.08
C CYS A 793 25.08 -26.39 15.09
N ILE A 794 23.79 -26.43 15.44
CA ILE A 794 22.75 -25.90 14.56
C ILE A 794 22.95 -24.40 14.37
N VAL A 795 23.21 -23.67 15.46
CA VAL A 795 23.43 -22.24 15.37
C VAL A 795 24.66 -21.93 14.53
N LEU A 796 25.74 -22.70 14.74
CA LEU A 796 26.96 -22.50 13.96
C LEU A 796 26.72 -22.78 12.49
N ASN A 797 25.93 -23.81 12.18
CA ASN A 797 25.64 -24.14 10.79
C ASN A 797 24.84 -23.04 10.10
N THR A 798 23.81 -22.50 10.77
CA THR A 798 23.04 -21.45 10.12
C THR A 798 23.83 -20.15 10.02
N LEU A 799 24.75 -19.90 10.96
CA LEU A 799 25.68 -18.78 10.77
C LEU A 799 26.63 -19.04 9.60
N PHE A 800 27.08 -20.28 9.45
CA PHE A 800 28.04 -20.62 8.40
C PHE A 800 27.43 -20.49 7.02
N MET A 801 26.17 -20.92 6.86
CA MET A 801 25.51 -20.82 5.57
C MET A 801 25.12 -19.38 5.23
N ALA A 802 25.07 -18.49 6.22
CA ALA A 802 24.76 -17.10 5.97
C ALA A 802 25.94 -16.33 5.38
N MET A 803 27.12 -16.96 5.28
CA MET A 803 28.28 -16.32 4.70
C MET A 803 28.33 -16.45 3.18
N GLU A 804 27.35 -17.12 2.57
CA GLU A 804 27.33 -17.27 1.12
C GLU A 804 26.96 -15.94 0.46
N HIS A 805 27.70 -15.59 -0.58
CA HIS A 805 27.49 -14.36 -1.33
C HIS A 805 27.89 -14.60 -2.77
N HIS A 806 27.41 -13.72 -3.66
CA HIS A 806 27.68 -13.93 -5.09
C HIS A 806 29.16 -13.74 -5.42
N PRO A 807 29.77 -12.55 -5.24
CA PRO A 807 31.17 -12.40 -5.67
C PRO A 807 32.10 -13.16 -4.74
N MET A 808 32.59 -14.31 -5.19
CA MET A 808 33.33 -15.23 -4.34
C MET A 808 34.65 -15.62 -4.99
N THR A 809 35.64 -15.87 -4.15
CA THR A 809 36.83 -16.59 -4.57
C THR A 809 36.58 -18.09 -4.46
N GLU A 810 37.39 -18.87 -5.19
CA GLU A 810 37.20 -20.31 -5.21
C GLU A 810 37.46 -20.93 -3.85
N GLU A 811 38.44 -20.39 -3.11
CA GLU A 811 38.75 -20.94 -1.80
C GLU A 811 37.59 -20.77 -0.82
N PHE A 812 36.90 -19.63 -0.88
CA PHE A 812 35.74 -19.43 -0.03
C PHE A 812 34.64 -20.44 -0.34
N LYS A 813 34.38 -20.68 -1.63
CA LYS A 813 33.38 -21.67 -2.01
C LYS A 813 33.78 -23.07 -1.53
N ASN A 814 35.05 -23.42 -1.67
CA ASN A 814 35.51 -24.73 -1.23
C ASN A 814 35.38 -24.89 0.28
N VAL A 815 35.75 -23.86 1.05
CA VAL A 815 35.65 -23.96 2.49
C VAL A 815 34.18 -24.01 2.92
N LEU A 816 33.30 -23.30 2.20
CA LEU A 816 31.87 -23.40 2.51
C LEU A 816 31.36 -24.81 2.26
N ALA A 817 31.74 -25.42 1.13
CA ALA A 817 31.30 -26.77 0.84
C ALA A 817 31.83 -27.76 1.88
N ILE A 818 33.09 -27.60 2.28
CA ILE A 818 33.68 -28.48 3.29
C ILE A 818 32.94 -28.34 4.61
N GLY A 819 32.63 -27.10 5.01
CA GLY A 819 31.90 -26.89 6.24
C GLY A 819 30.51 -27.50 6.22
N ASN A 820 29.80 -27.33 5.10
CA ASN A 820 28.46 -27.94 4.99
C ASN A 820 28.54 -29.46 5.02
N LEU A 821 29.55 -30.04 4.36
CA LEU A 821 29.71 -31.49 4.40
C LEU A 821 29.99 -31.97 5.82
N VAL A 822 30.85 -31.25 6.56
CA VAL A 822 31.15 -31.64 7.93
C VAL A 822 29.91 -31.54 8.80
N PHE A 823 29.13 -30.47 8.65
CA PHE A 823 27.93 -30.31 9.46
C PHE A 823 26.90 -31.39 9.16
N THR A 824 26.70 -31.72 7.88
CA THR A 824 25.75 -32.77 7.55
C THR A 824 26.24 -34.13 8.05
N GLY A 825 27.56 -34.36 8.04
CA GLY A 825 28.09 -35.59 8.61
C GLY A 825 27.83 -35.67 10.10
N ILE A 826 28.04 -34.56 10.82
CA ILE A 826 27.79 -34.56 12.26
C ILE A 826 26.31 -34.81 12.55
N PHE A 827 25.43 -34.17 11.80
CA PHE A 827 24.00 -34.35 12.05
C PHE A 827 23.57 -35.78 11.74
N ALA A 828 24.07 -36.36 10.65
CA ALA A 828 23.75 -37.75 10.34
C ALA A 828 24.31 -38.69 11.40
N ALA A 829 25.51 -38.41 11.91
CA ALA A 829 26.08 -39.24 12.96
C ALA A 829 25.23 -39.19 14.22
N GLU A 830 24.75 -38.00 14.60
CA GLU A 830 23.87 -37.89 15.76
C GLU A 830 22.56 -38.64 15.53
N MET A 831 22.01 -38.53 14.32
CA MET A 831 20.84 -39.31 13.95
C MET A 831 21.06 -40.81 14.16
N VAL A 832 22.16 -41.33 13.63
CA VAL A 832 22.41 -42.77 13.72
C VAL A 832 22.68 -43.18 15.16
N LEU A 833 23.34 -42.32 15.93
CA LEU A 833 23.61 -42.61 17.33
C LEU A 833 22.30 -42.72 18.11
N LYS A 834 21.37 -41.78 17.89
CA LYS A 834 20.08 -41.87 18.55
C LYS A 834 19.29 -43.10 18.09
N LEU A 835 19.37 -43.41 16.79
CA LEU A 835 18.63 -44.56 16.25
C LEU A 835 19.14 -45.86 16.84
N ILE A 836 20.44 -45.98 17.09
CA ILE A 836 20.97 -47.19 17.71
C ILE A 836 20.86 -47.17 19.23
N ALA A 837 20.71 -45.99 19.84
CA ALA A 837 20.46 -45.92 21.27
C ALA A 837 19.04 -46.38 21.60
N MET A 838 18.06 -45.87 20.86
CA MET A 838 16.66 -46.22 21.09
C MET A 838 16.07 -46.77 19.79
N ASP A 839 15.32 -47.86 19.91
CA ASP A 839 14.93 -48.65 18.75
C ASP A 839 13.98 -47.86 17.85
N PRO A 840 13.93 -48.19 16.56
CA PRO A 840 13.12 -47.40 15.61
C PRO A 840 11.64 -47.39 15.91
N TYR A 841 11.13 -48.35 16.69
CA TYR A 841 9.69 -48.41 16.93
C TYR A 841 9.19 -47.15 17.63
N GLU A 842 9.81 -46.79 18.76
CA GLU A 842 9.45 -45.56 19.46
C GLU A 842 10.37 -44.40 19.10
N TYR A 843 11.34 -44.61 18.22
CA TYR A 843 12.13 -43.50 17.70
C TYR A 843 11.26 -42.56 16.88
N PHE A 844 10.35 -43.11 16.07
CA PHE A 844 9.43 -42.32 15.26
C PHE A 844 8.17 -41.99 16.05
N GLN A 845 8.36 -41.42 17.24
CA GLN A 845 7.25 -41.01 18.10
C GLN A 845 7.24 -39.50 18.34
N VAL A 846 8.39 -38.92 18.66
CA VAL A 846 8.47 -37.48 18.83
C VAL A 846 8.39 -36.80 17.47
N GLY A 847 7.56 -35.77 17.37
CA GLY A 847 7.46 -35.04 16.12
C GLY A 847 8.79 -34.42 15.70
N TRP A 848 9.56 -33.94 16.69
CA TRP A 848 10.88 -33.40 16.38
C TRP A 848 11.79 -34.47 15.80
N ASN A 849 11.64 -35.72 16.26
CA ASN A 849 12.52 -36.79 15.78
C ASN A 849 12.22 -37.13 14.32
N ILE A 850 10.94 -37.30 13.98
CA ILE A 850 10.58 -37.58 12.59
C ILE A 850 10.93 -36.39 11.70
N PHE A 851 10.77 -35.18 12.24
CA PHE A 851 11.17 -33.98 11.51
C PHE A 851 12.65 -34.00 11.19
N ASP A 852 13.48 -34.28 12.20
CA ASP A 852 14.93 -34.33 11.99
C ASP A 852 15.31 -35.43 11.00
N SER A 853 14.63 -36.58 11.07
CA SER A 853 14.90 -37.63 10.10
C SER A 853 14.58 -37.15 8.69
N LEU A 854 13.49 -36.38 8.55
CA LEU A 854 13.13 -35.83 7.24
C LEU A 854 14.23 -34.90 6.73
N ILE A 855 14.74 -34.03 7.59
CA ILE A 855 15.83 -33.14 7.15
C ILE A 855 17.07 -33.94 6.77
N VAL A 856 17.42 -34.95 7.56
CA VAL A 856 18.62 -35.73 7.27
C VAL A 856 18.48 -36.44 5.93
N THR A 857 17.32 -37.06 5.69
CA THR A 857 17.09 -37.73 4.42
C THR A 857 17.13 -36.75 3.25
N LEU A 858 16.51 -35.58 3.42
CA LEU A 858 16.50 -34.58 2.35
C LEU A 858 17.90 -34.08 2.06
N SER A 859 18.71 -33.86 3.10
CA SER A 859 20.08 -33.41 2.91
C SER A 859 20.91 -34.45 2.19
N LEU A 860 20.76 -35.73 2.56
CA LEU A 860 21.49 -36.78 1.87
C LEU A 860 21.07 -36.88 0.41
N VAL A 861 19.77 -36.75 0.14
CA VAL A 861 19.28 -36.80 -1.24
C VAL A 861 19.85 -35.63 -2.04
N GLU A 862 19.87 -34.43 -1.44
CA GLU A 862 20.43 -33.27 -2.12
C GLU A 862 21.92 -33.46 -2.40
N LEU A 863 22.65 -34.02 -1.43
CA LEU A 863 24.08 -34.27 -1.65
C LEU A 863 24.30 -35.27 -2.78
N PHE A 864 23.48 -36.32 -2.84
CA PHE A 864 23.64 -37.33 -3.89
C PHE A 864 23.42 -36.72 -5.28
N LEU A 865 22.41 -35.89 -5.43
CA LEU A 865 22.13 -35.27 -6.72
C LEU A 865 22.91 -33.97 -6.88
N LEU A 871 18.41 -29.54 -6.36
CA LEU A 871 18.68 -28.28 -7.03
C LEU A 871 19.09 -27.20 -6.04
N SER A 872 18.99 -25.94 -6.46
CA SER A 872 19.31 -24.83 -5.56
C SER A 872 18.36 -24.76 -4.39
N VAL A 873 17.06 -25.02 -4.63
CA VAL A 873 16.08 -24.98 -3.57
C VAL A 873 16.36 -26.05 -2.53
N LEU A 874 16.85 -27.22 -2.97
CA LEU A 874 17.02 -28.35 -2.07
C LEU A 874 18.05 -28.07 -0.99
N ARG A 875 19.02 -27.21 -1.27
CA ARG A 875 20.10 -26.96 -0.31
C ARG A 875 19.58 -26.27 0.95
N SER A 876 18.58 -25.40 0.81
CA SER A 876 18.10 -24.61 1.92
C SER A 876 17.11 -25.34 2.82
N PHE A 877 16.74 -26.58 2.49
CA PHE A 877 15.78 -27.32 3.31
C PHE A 877 16.32 -27.58 4.71
N ARG A 878 17.65 -27.70 4.85
CA ARG A 878 18.25 -27.95 6.15
C ARG A 878 18.16 -26.76 7.08
N LEU A 879 17.79 -25.58 6.59
CA LEU A 879 17.63 -24.41 7.44
C LEU A 879 16.52 -24.59 8.46
N LEU A 880 15.58 -25.51 8.22
CA LEU A 880 14.46 -25.69 9.13
C LEU A 880 14.90 -26.22 10.50
N ARG A 881 16.13 -26.72 10.61
CA ARG A 881 16.63 -27.17 11.91
C ARG A 881 16.81 -26.03 12.89
N VAL A 882 16.79 -24.77 12.41
CA VAL A 882 16.82 -23.63 13.30
C VAL A 882 15.62 -23.63 14.23
N PHE A 883 14.50 -24.19 13.77
CA PHE A 883 13.28 -24.23 14.58
C PHE A 883 13.42 -25.13 15.80
N LYS A 884 14.48 -25.93 15.88
CA LYS A 884 14.71 -26.76 17.06
C LYS A 884 14.90 -25.94 18.31
N LEU A 885 15.37 -24.69 18.17
CA LEU A 885 15.59 -23.82 19.31
C LEU A 885 14.31 -23.38 20.01
N ALA A 886 13.15 -23.84 19.55
CA ALA A 886 11.89 -23.43 20.15
C ALA A 886 11.65 -24.05 21.52
N LYS A 887 12.32 -25.16 21.82
CA LYS A 887 12.13 -25.80 23.12
C LYS A 887 12.55 -24.88 24.26
N SER A 888 13.54 -24.04 24.02
CA SER A 888 13.99 -23.06 25.01
C SER A 888 13.46 -21.66 24.73
N TRP A 889 13.27 -21.31 23.46
CA TRP A 889 12.79 -19.98 23.10
C TRP A 889 11.29 -19.91 23.27
N PRO A 890 10.77 -19.00 24.10
CA PRO A 890 9.31 -18.92 24.30
C PRO A 890 8.58 -18.12 23.24
N THR A 891 9.28 -17.45 22.33
CA THR A 891 8.63 -16.69 21.26
C THR A 891 8.70 -17.41 19.92
N LEU A 892 9.78 -18.15 19.66
CA LEU A 892 9.78 -19.03 18.50
C LEU A 892 8.71 -20.10 18.62
N ASN A 893 8.46 -20.59 19.84
CA ASN A 893 7.35 -21.50 20.06
C ASN A 893 6.02 -20.83 19.79
N MET A 894 5.90 -19.54 20.13
CA MET A 894 4.71 -18.79 19.78
C MET A 894 4.51 -18.72 18.27
N LEU A 895 5.60 -18.47 17.54
CA LEU A 895 5.53 -18.42 16.07
C LEU A 895 5.10 -19.76 15.49
N ILE A 896 5.66 -20.85 16.00
CA ILE A 896 5.26 -22.18 15.52
C ILE A 896 3.82 -22.48 15.88
N LYS A 897 3.37 -22.03 17.05
CA LYS A 897 1.97 -22.20 17.42
C LYS A 897 1.06 -21.49 16.44
N ILE A 898 1.41 -20.25 16.06
CA ILE A 898 0.62 -19.51 15.08
C ILE A 898 0.62 -20.23 13.74
N ILE A 899 1.80 -20.70 13.30
CA ILE A 899 1.90 -21.34 11.99
C ILE A 899 1.09 -22.63 11.95
N GLY A 900 1.21 -23.46 12.99
CA GLY A 900 0.49 -24.71 13.03
C GLY A 900 -0.98 -24.59 13.33
N ASN A 901 -1.41 -23.47 13.92
CA ASN A 901 -2.84 -23.25 14.13
C ASN A 901 -3.57 -23.00 12.83
N SER A 902 -2.86 -22.47 11.82
CA SER A 902 -3.49 -22.21 10.53
C SER A 902 -3.93 -23.51 9.86
N VAL A 903 -3.10 -24.54 9.93
CA VAL A 903 -3.42 -25.83 9.35
C VAL A 903 -3.95 -26.82 10.37
N GLY A 904 -4.18 -26.37 11.60
CA GLY A 904 -4.69 -27.23 12.65
C GLY A 904 -6.11 -26.88 13.07
N ALA A 905 -6.23 -26.18 14.19
CA ALA A 905 -7.55 -25.81 14.70
C ALA A 905 -8.28 -24.84 13.77
N LEU A 906 -7.58 -24.14 12.91
CA LEU A 906 -8.18 -23.20 11.97
C LEU A 906 -7.93 -23.63 10.52
N GLY A 907 -7.84 -24.94 10.29
CA GLY A 907 -7.58 -25.43 8.95
C GLY A 907 -8.72 -25.20 7.99
N ASN A 908 -9.96 -25.25 8.48
CA ASN A 908 -11.12 -25.06 7.60
C ASN A 908 -11.19 -23.63 7.07
N LEU A 909 -10.83 -22.65 7.89
CA LEU A 909 -10.81 -21.27 7.43
C LEU A 909 -9.76 -21.06 6.35
N THR A 910 -8.58 -21.67 6.52
CA THR A 910 -7.55 -21.60 5.49
C THR A 910 -8.00 -22.29 4.21
N LEU A 911 -8.69 -23.43 4.34
CA LEU A 911 -9.21 -24.12 3.17
C LEU A 911 -10.23 -23.28 2.44
N VAL A 912 -11.11 -22.59 3.18
CA VAL A 912 -12.09 -21.70 2.57
C VAL A 912 -11.39 -20.57 1.84
N LEU A 913 -10.34 -20.01 2.45
CA LEU A 913 -9.58 -18.94 1.80
C LEU A 913 -8.94 -19.44 0.51
N ALA A 914 -8.36 -20.64 0.53
CA ALA A 914 -7.75 -21.19 -0.68
C ALA A 914 -8.79 -21.42 -1.77
N ILE A 915 -9.95 -21.96 -1.41
CA ILE A 915 -11.01 -22.19 -2.39
C ILE A 915 -11.48 -20.87 -2.98
N ILE A 916 -11.65 -19.85 -2.13
CA ILE A 916 -12.09 -18.54 -2.62
C ILE A 916 -11.08 -17.93 -3.57
N VAL A 917 -9.80 -18.04 -3.23
CA VAL A 917 -8.74 -17.50 -4.11
C VAL A 917 -8.75 -18.24 -5.45
N PHE A 918 -8.88 -19.57 -5.41
CA PHE A 918 -8.94 -20.35 -6.64
C PHE A 918 -10.13 -19.95 -7.50
N ILE A 919 -11.29 -19.77 -6.87
CA ILE A 919 -12.50 -19.40 -7.61
C ILE A 919 -12.32 -18.02 -8.24
N PHE A 920 -11.77 -17.07 -7.49
CA PHE A 920 -11.53 -15.74 -8.04
C PHE A 920 -10.57 -15.79 -9.22
N ALA A 921 -9.50 -16.57 -9.10
CA ALA A 921 -8.53 -16.68 -10.19
C ALA A 921 -9.16 -17.28 -11.43
N VAL A 922 -9.95 -18.33 -11.27
CA VAL A 922 -10.57 -18.97 -12.43
C VAL A 922 -11.61 -18.07 -13.06
N VAL A 923 -12.37 -17.34 -12.24
CA VAL A 923 -13.36 -16.40 -12.76
C VAL A 923 -12.67 -15.31 -13.56
N GLY A 924 -11.59 -14.75 -13.01
CA GLY A 924 -10.85 -13.72 -13.71
C GLY A 924 -10.29 -14.21 -15.03
N MET A 925 -9.72 -15.42 -15.03
CA MET A 925 -9.21 -15.98 -16.27
C MET A 925 -10.32 -16.15 -17.30
N GLN A 926 -11.40 -16.84 -16.93
CA GLN A 926 -12.48 -17.11 -17.86
C GLN A 926 -13.17 -15.84 -18.34
N LEU A 927 -13.10 -14.76 -17.58
CA LEU A 927 -13.75 -13.52 -17.98
C LEU A 927 -12.87 -12.59 -18.79
N PHE A 928 -11.55 -12.55 -18.51
CA PHE A 928 -10.71 -11.52 -19.09
C PHE A 928 -9.49 -12.02 -19.84
N GLY A 929 -9.26 -13.33 -19.94
CA GLY A 929 -8.04 -13.81 -20.59
C GLY A 929 -8.03 -13.49 -22.08
N LYS A 930 -9.14 -13.75 -22.76
CA LYS A 930 -9.19 -13.47 -24.19
C LYS A 930 -9.17 -11.96 -24.46
N SER A 931 -9.80 -11.18 -23.58
CA SER A 931 -9.73 -9.73 -23.71
C SER A 931 -8.29 -9.23 -23.57
N TYR A 932 -7.55 -9.78 -22.60
CA TYR A 932 -6.15 -9.43 -22.43
C TYR A 932 -5.35 -9.82 -23.67
N LYS A 933 -5.60 -10.99 -24.22
CA LYS A 933 -4.82 -11.48 -25.34
C LYS A 933 -5.09 -10.68 -26.61
N GLU A 934 -6.34 -10.28 -26.83
CA GLU A 934 -6.71 -9.65 -28.09
C GLU A 934 -6.66 -8.12 -28.05
N CYS A 935 -6.77 -7.52 -26.87
CA CYS A 935 -6.66 -6.06 -26.71
C CYS A 935 -5.29 -5.67 -26.13
N VAL A 936 -4.22 -6.35 -26.53
CA VAL A 936 -2.91 -6.14 -25.92
C VAL A 936 -2.41 -4.73 -26.20
N CYS A 937 -2.57 -4.25 -27.43
CA CYS A 937 -1.98 -2.98 -27.83
C CYS A 937 -2.61 -1.78 -27.12
N LYS A 938 -3.73 -1.95 -26.43
CA LYS A 938 -4.30 -0.88 -25.64
C LYS A 938 -3.57 -0.65 -24.32
N ILE A 939 -2.79 -1.64 -23.87
CA ILE A 939 -2.13 -1.55 -22.55
C ILE A 939 -0.66 -1.86 -22.67
N ASN A 940 -0.13 -1.92 -23.89
CA ASN A 940 1.28 -2.24 -24.09
C ASN A 940 1.71 -1.66 -25.43
N ASP A 941 2.79 -0.87 -25.41
CA ASP A 941 3.31 -0.27 -26.63
C ASP A 941 3.96 -1.30 -27.54
N ASP A 942 4.39 -2.44 -27.01
CA ASP A 942 5.01 -3.49 -27.79
C ASP A 942 4.00 -4.51 -28.31
N CYS A 943 2.72 -4.33 -28.01
CA CYS A 943 1.66 -5.25 -28.42
C CYS A 943 1.97 -6.67 -27.94
N THR A 944 2.41 -6.78 -26.69
CA THR A 944 2.65 -8.06 -26.04
C THR A 944 2.02 -8.04 -24.66
N LEU A 945 1.85 -9.22 -24.08
CA LEU A 945 1.18 -9.34 -22.80
C LEU A 945 1.98 -8.62 -21.71
N PRO A 946 1.33 -7.88 -20.82
CA PRO A 946 2.07 -7.19 -19.75
C PRO A 946 2.56 -8.15 -18.68
N ARG A 947 3.22 -7.60 -17.65
CA ARG A 947 3.72 -8.45 -16.57
C ARG A 947 2.58 -9.12 -15.81
N TRP A 948 1.51 -8.37 -15.55
CA TRP A 948 0.36 -8.87 -14.82
C TRP A 948 -0.83 -8.93 -15.76
N HIS A 949 -1.40 -10.12 -15.93
CA HIS A 949 -2.55 -10.32 -16.82
C HIS A 949 -3.34 -11.51 -16.31
N MET A 950 -4.45 -11.79 -16.99
CA MET A 950 -5.33 -12.89 -16.62
C MET A 950 -5.51 -13.88 -17.77
N ASN A 951 -4.50 -13.98 -18.63
CA ASN A 951 -4.61 -14.86 -19.80
C ASN A 951 -4.62 -16.33 -19.38
N ASP A 952 -3.73 -16.73 -18.48
CA ASP A 952 -3.65 -18.09 -17.99
C ASP A 952 -3.96 -18.10 -16.49
N PHE A 953 -3.99 -19.31 -15.92
CA PHE A 953 -4.41 -19.47 -14.53
C PHE A 953 -3.36 -18.95 -13.56
N PHE A 954 -2.08 -19.17 -13.84
CA PHE A 954 -1.04 -18.76 -12.91
C PHE A 954 -1.00 -17.24 -12.75
N HIS A 955 -1.08 -16.51 -13.87
CA HIS A 955 -1.04 -15.05 -13.78
C HIS A 955 -2.32 -14.48 -13.21
N SER A 956 -3.46 -15.11 -13.47
CA SER A 956 -4.71 -14.69 -12.84
C SER A 956 -4.64 -14.88 -11.33
N PHE A 957 -4.08 -16.01 -10.88
CA PHE A 957 -3.89 -16.23 -9.45
C PHE A 957 -2.92 -15.20 -8.87
N LEU A 958 -1.88 -14.86 -9.62
CA LEU A 958 -0.94 -13.83 -9.16
C LEU A 958 -1.64 -12.48 -9.00
N ILE A 959 -2.52 -12.14 -9.94
CA ILE A 959 -3.27 -10.89 -9.84
C ILE A 959 -4.18 -10.91 -8.62
N VAL A 960 -4.86 -12.03 -8.38
CA VAL A 960 -5.74 -12.14 -7.22
C VAL A 960 -4.95 -12.02 -5.92
N PHE A 961 -3.79 -12.68 -5.86
CA PHE A 961 -2.95 -12.60 -4.68
C PHE A 961 -2.43 -11.19 -4.46
N ARG A 962 -2.04 -10.50 -5.54
CA ARG A 962 -1.58 -9.13 -5.43
C ARG A 962 -2.70 -8.21 -4.94
N VAL A 963 -3.94 -8.47 -5.38
CA VAL A 963 -5.08 -7.72 -4.86
C VAL A 963 -5.24 -7.97 -3.36
N LEU A 964 -5.09 -9.24 -2.94
CA LEU A 964 -5.19 -9.55 -1.52
C LEU A 964 -4.10 -8.86 -0.71
N CYS A 965 -2.94 -8.62 -1.31
CA CYS A 965 -1.87 -7.88 -0.65
C CYS A 965 -2.17 -6.38 -0.57
N GLY A 966 -3.18 -5.89 -1.27
CA GLY A 966 -3.55 -4.49 -1.24
C GLY A 966 -3.22 -3.69 -2.48
N GLU A 967 -2.79 -4.33 -3.55
CA GLU A 967 -2.41 -3.65 -4.79
C GLU A 967 -3.39 -4.05 -5.89
N TRP A 968 -4.35 -3.17 -6.17
CA TRP A 968 -5.41 -3.46 -7.12
C TRP A 968 -5.64 -2.40 -8.19
N ILE A 969 -5.16 -1.16 -7.99
CA ILE A 969 -5.60 -0.06 -8.84
C ILE A 969 -5.00 -0.15 -10.25
N GLU A 970 -3.73 -0.52 -10.36
CA GLU A 970 -3.06 -0.51 -11.67
C GLU A 970 -3.54 -1.66 -12.54
N THR A 971 -3.63 -2.86 -11.96
CA THR A 971 -4.19 -3.99 -12.70
C THR A 971 -5.64 -3.73 -13.05
N MET A 972 -6.37 -2.99 -12.20
CA MET A 972 -7.73 -2.62 -12.54
C MET A 972 -7.76 -1.65 -13.71
N TRP A 973 -6.79 -0.73 -13.78
CA TRP A 973 -6.70 0.15 -14.94
C TRP A 973 -6.51 -0.66 -16.22
N ASP A 974 -5.58 -1.63 -16.19
CA ASP A 974 -5.35 -2.46 -17.36
C ASP A 974 -6.58 -3.27 -17.73
N CYS A 975 -7.26 -3.83 -16.72
CA CYS A 975 -8.47 -4.60 -16.96
C CYS A 975 -9.55 -3.73 -17.60
N MET A 976 -9.75 -2.52 -17.07
CA MET A 976 -10.76 -1.63 -17.62
C MET A 976 -10.40 -1.18 -19.03
N GLU A 977 -9.12 -1.08 -19.34
CA GLU A 977 -8.74 -0.72 -20.70
C GLU A 977 -8.95 -1.86 -21.68
N VAL A 978 -8.78 -3.11 -21.24
CA VAL A 978 -8.92 -4.22 -22.18
C VAL A 978 -10.31 -4.84 -22.23
N ALA A 979 -11.14 -4.65 -21.20
CA ALA A 979 -12.38 -5.39 -21.08
C ALA A 979 -13.56 -4.57 -20.59
N GLY A 980 -13.42 -3.27 -20.44
CA GLY A 980 -14.56 -2.46 -20.06
C GLY A 980 -14.54 -2.10 -18.58
N GLN A 981 -15.17 -0.97 -18.26
CA GLN A 981 -15.13 -0.45 -16.89
C GLN A 981 -15.98 -1.29 -15.95
N ALA A 982 -17.22 -1.60 -16.35
CA ALA A 982 -18.19 -2.16 -15.42
C ALA A 982 -17.78 -3.54 -14.92
N MET A 983 -17.40 -4.42 -15.85
CA MET A 983 -17.11 -5.80 -15.47
C MET A 983 -15.89 -5.88 -14.58
N CYS A 984 -14.81 -5.18 -14.95
CA CYS A 984 -13.60 -5.20 -14.14
C CYS A 984 -13.82 -4.53 -12.80
N LEU A 985 -14.60 -3.45 -12.76
CA LEU A 985 -14.91 -2.81 -11.48
C LEU A 985 -15.66 -3.77 -10.57
N ILE A 986 -16.67 -4.45 -11.10
CA ILE A 986 -17.46 -5.37 -10.28
C ILE A 986 -16.59 -6.51 -9.78
N VAL A 987 -15.79 -7.11 -10.67
CA VAL A 987 -14.97 -8.25 -10.29
C VAL A 987 -13.94 -7.85 -9.24
N TYR A 988 -13.26 -6.71 -9.46
CA TYR A 988 -12.23 -6.28 -8.53
C TYR A 988 -12.80 -5.90 -7.18
N MET A 989 -13.95 -5.22 -7.15
CA MET A 989 -14.57 -4.88 -5.88
C MET A 989 -15.01 -6.12 -5.13
N MET A 990 -15.59 -7.10 -5.84
CA MET A 990 -16.00 -8.34 -5.18
C MET A 990 -14.79 -9.07 -4.61
N VAL A 991 -13.71 -9.18 -5.40
CA VAL A 991 -12.50 -9.84 -4.93
C VAL A 991 -11.95 -9.11 -3.71
N MET A 992 -11.82 -7.79 -3.80
CA MET A 992 -11.34 -7.00 -2.67
C MET A 992 -12.13 -7.28 -1.42
N VAL A 993 -13.45 -7.08 -1.48
CA VAL A 993 -14.29 -7.19 -0.28
C VAL A 993 -14.21 -8.60 0.29
N ILE A 994 -14.47 -9.61 -0.53
CA ILE A 994 -14.61 -10.97 -0.01
C ILE A 994 -13.25 -11.50 0.46
N GLY A 995 -12.21 -11.35 -0.37
CA GLY A 995 -10.90 -11.85 0.01
C GLY A 995 -10.31 -11.13 1.20
N ASN A 996 -10.48 -9.81 1.27
CA ASN A 996 -10.01 -9.07 2.43
C ASN A 996 -10.75 -9.51 3.68
N LEU A 997 -12.07 -9.73 3.58
CA LEU A 997 -12.84 -10.21 4.72
C LEU A 997 -12.31 -11.55 5.20
N VAL A 998 -12.08 -12.49 4.28
CA VAL A 998 -11.64 -13.83 4.69
C VAL A 998 -10.23 -13.79 5.27
N VAL A 999 -9.32 -13.06 4.61
CA VAL A 999 -7.94 -12.97 5.09
C VAL A 999 -7.90 -12.32 6.47
N LEU A 1000 -8.66 -11.23 6.65
CA LEU A 1000 -8.67 -10.54 7.93
C LEU A 1000 -9.34 -11.36 9.02
N ASN A 1001 -10.39 -12.12 8.68
CA ASN A 1001 -11.00 -13.01 9.65
C ASN A 1001 -10.01 -14.08 10.09
N LEU A 1002 -9.26 -14.66 9.15
CA LEU A 1002 -8.23 -15.63 9.51
C LEU A 1002 -7.15 -14.98 10.38
N PHE A 1003 -6.77 -13.75 10.06
CA PHE A 1003 -5.74 -13.05 10.82
C PHE A 1003 -6.17 -12.86 12.28
N LEU A 1004 -7.37 -12.31 12.49
CA LEU A 1004 -7.86 -12.14 13.85
C LEU A 1004 -8.09 -13.48 14.56
N ALA A 1005 -8.56 -14.49 13.81
CA ALA A 1005 -8.78 -15.79 14.42
C ALA A 1005 -7.47 -16.38 14.93
N LEU A 1006 -6.41 -16.31 14.13
CA LEU A 1006 -5.10 -16.77 14.59
C LEU A 1006 -4.61 -15.94 15.76
N LEU A 1007 -4.74 -14.61 15.67
CA LEU A 1007 -4.26 -13.72 16.70
C LEU A 1007 -4.96 -13.97 18.04
N LEU A 1008 -6.20 -14.43 18.00
CA LEU A 1008 -6.95 -14.66 19.24
C LEU A 1008 -6.85 -16.10 19.73
N SER A 1009 -6.70 -17.07 18.83
CA SER A 1009 -6.55 -18.45 19.27
C SER A 1009 -5.13 -18.71 19.79
N SER A 1010 -4.13 -17.99 19.28
CA SER A 1010 -2.77 -18.21 19.72
C SER A 1010 -2.36 -17.35 20.90
N PHE A 1011 -2.92 -16.14 21.02
CA PHE A 1011 -2.49 -15.20 22.05
C PHE A 1011 -3.42 -15.15 23.25
N SER A 1012 -4.73 -15.10 23.03
CA SER A 1012 -5.67 -15.01 24.14
C SER A 1012 -5.71 -16.29 24.98
N SER A 1013 -5.10 -17.38 24.50
CA SER A 1013 -5.03 -18.62 25.26
C SER A 1013 -4.02 -18.57 26.40
N ASP A 1014 -3.44 -17.40 26.70
CA ASP A 1014 -2.47 -17.28 27.79
C ASP A 1014 -3.18 -17.06 29.12
N ASN A 1015 -4.12 -17.93 29.45
CA ASN A 1015 -4.84 -17.88 30.71
C ASN A 1015 -4.61 -19.09 31.59
N LEU A 1016 -4.32 -20.25 31.02
CA LEU A 1016 -4.08 -21.46 31.82
C LEU A 1016 -3.27 -22.43 30.97
N THR A 1017 -2.07 -22.76 31.43
CA THR A 1017 -1.24 -23.81 30.84
C THR A 1017 -1.16 -24.93 31.86
N ALA A 1018 -1.98 -25.98 31.66
CA ALA A 1018 -2.07 -27.05 32.64
C ALA A 1018 -0.73 -27.78 32.81
N ILE A 1019 -0.05 -28.06 31.70
CA ILE A 1019 1.24 -28.74 31.77
C ILE A 1019 2.28 -27.80 32.36
N GLU A 1020 3.26 -28.38 33.07
CA GLU A 1020 4.33 -27.58 33.64
C GLU A 1020 5.29 -27.12 32.54
N GLU A 1021 6.07 -26.10 32.87
CA GLU A 1021 7.03 -25.53 31.93
C GLU A 1021 8.12 -26.54 31.62
N ASP A 1022 8.08 -27.12 30.41
CA ASP A 1022 9.09 -28.06 29.93
C ASP A 1022 9.27 -29.21 30.92
N PRO A 1023 8.34 -30.17 30.96
CA PRO A 1023 8.38 -31.23 31.97
C PRO A 1023 9.74 -31.91 32.14
N ASP A 1024 10.58 -31.93 31.09
CA ASP A 1024 11.91 -32.50 31.25
C ASP A 1024 12.85 -31.47 31.85
N ALA A 1025 12.42 -30.82 32.93
CA ALA A 1025 13.23 -29.87 33.70
C ALA A 1025 13.88 -28.81 32.83
N ASN A 1026 13.28 -28.50 31.68
CA ASN A 1026 13.81 -27.49 30.76
C ASN A 1026 15.23 -27.86 30.30
N ASN A 1027 15.29 -28.91 29.49
CA ASN A 1027 16.52 -29.57 29.06
C ASN A 1027 17.70 -28.62 28.88
N LEU A 1028 17.47 -27.46 28.24
CA LEU A 1028 18.53 -26.48 28.09
C LEU A 1028 18.94 -25.87 29.43
N GLN A 1029 17.99 -25.71 30.37
CA GLN A 1029 18.31 -25.09 31.65
C GLN A 1029 19.30 -25.93 32.45
N ILE A 1030 19.14 -27.26 32.44
CA ILE A 1030 20.09 -28.11 33.16
C ILE A 1030 21.48 -27.96 32.54
N ALA A 1031 21.55 -27.80 31.23
CA ALA A 1031 22.83 -27.53 30.57
C ALA A 1031 23.46 -26.27 31.13
N VAL A 1032 22.67 -25.22 31.28
CA VAL A 1032 23.15 -24.01 31.96
C VAL A 1032 23.43 -24.31 33.43
N THR A 1033 22.54 -25.05 34.08
CA THR A 1033 22.73 -25.38 35.50
C THR A 1033 23.97 -26.24 35.72
N ARG A 1034 24.16 -27.25 34.86
CA ARG A 1034 25.33 -28.11 35.00
C ARG A 1034 26.62 -27.33 34.76
N ILE A 1035 26.62 -26.43 33.78
CA ILE A 1035 27.82 -25.66 33.48
C ILE A 1035 28.18 -24.75 34.65
N LYS A 1036 27.19 -24.01 35.18
CA LYS A 1036 27.48 -23.11 36.29
C LYS A 1036 27.84 -23.86 37.56
N LYS A 1037 27.43 -25.12 37.68
CA LYS A 1037 27.92 -25.95 38.78
C LYS A 1037 29.44 -26.14 38.67
N GLY A 1038 29.93 -26.42 37.47
CA GLY A 1038 31.37 -26.50 37.27
C GLY A 1038 32.05 -25.16 37.41
N ILE A 1039 31.39 -24.09 36.93
CA ILE A 1039 31.96 -22.75 37.07
C ILE A 1039 32.08 -22.37 38.53
N ASN A 1040 31.03 -22.64 39.32
CA ASN A 1040 31.10 -22.38 40.76
C ASN A 1040 32.14 -23.27 41.43
N TYR A 1041 32.27 -24.53 40.98
CA TYR A 1041 33.30 -25.41 41.50
C TYR A 1041 34.70 -24.92 41.13
N VAL A 1042 34.84 -24.25 39.99
CA VAL A 1042 36.15 -23.73 39.58
C VAL A 1042 36.43 -22.38 40.24
N LYS A 1043 35.45 -21.49 40.28
CA LYS A 1043 35.65 -20.17 40.87
C LYS A 1043 36.00 -20.27 42.35
N GLN A 1044 35.30 -21.14 43.09
CA GLN A 1044 35.59 -21.31 44.51
C GLN A 1044 36.99 -21.88 44.72
N THR A 1045 37.37 -22.87 43.91
CA THR A 1045 38.70 -23.47 44.05
C THR A 1045 39.79 -22.51 43.59
N LEU A 1046 39.51 -21.72 42.55
CA LEU A 1046 40.52 -20.77 42.06
C LEU A 1046 40.84 -19.72 43.11
N ARG A 1047 39.82 -19.17 43.76
CA ARG A 1047 40.06 -18.19 44.83
C ARG A 1047 40.78 -18.83 46.01
N GLU A 1048 40.34 -20.03 46.40
CA GLU A 1048 40.97 -20.71 47.54
C GLU A 1048 42.42 -21.07 47.25
N PHE A 1049 42.71 -21.54 46.04
CA PHE A 1049 44.08 -21.91 45.70
C PHE A 1049 45.01 -20.72 45.74
N ILE A 1050 44.55 -19.57 45.24
CA ILE A 1050 45.35 -18.35 45.31
C ILE A 1050 45.58 -17.95 46.76
N LEU A 1051 44.53 -18.00 47.57
CA LEU A 1051 44.67 -17.66 48.99
C LEU A 1051 45.60 -18.64 49.70
N LYS A 1052 45.48 -19.93 49.38
CA LYS A 1052 46.37 -20.92 49.98
C LYS A 1052 47.82 -20.68 49.57
N ALA A 1053 48.04 -20.41 48.29
CA ALA A 1053 49.40 -20.13 47.81
C ALA A 1053 49.94 -18.84 48.41
N PHE A 1054 49.10 -17.81 48.50
CA PHE A 1054 49.52 -16.52 49.06
C PHE A 1054 49.13 -16.42 50.53
N GLY A 1215 29.84 26.07 54.24
CA GLY A 1215 28.86 25.03 54.45
C GLY A 1215 27.42 25.52 54.42
N LYS A 1216 27.09 26.41 55.35
CA LYS A 1216 25.75 26.98 55.39
C LYS A 1216 25.48 27.81 54.14
N ILE A 1217 26.46 28.60 53.71
CA ILE A 1217 26.31 29.39 52.49
C ILE A 1217 26.17 28.47 51.28
N TRP A 1218 26.90 27.35 51.28
CA TRP A 1218 26.80 26.40 50.18
C TRP A 1218 25.38 25.82 50.08
N TRP A 1219 24.80 25.45 51.22
CA TRP A 1219 23.44 24.90 51.19
C TRP A 1219 22.40 25.97 50.87
N ASN A 1220 22.65 27.22 51.29
CA ASN A 1220 21.78 28.31 50.87
C ASN A 1220 21.82 28.50 49.36
N ILE A 1221 23.02 28.42 48.76
CA ILE A 1221 23.15 28.51 47.32
C ILE A 1221 22.42 27.35 46.65
N ARG A 1222 22.58 26.14 47.19
CA ARG A 1222 21.91 24.97 46.65
C ARG A 1222 20.39 25.15 46.67
N LYS A 1223 19.86 25.63 47.79
CA LYS A 1223 18.42 25.80 47.91
C LYS A 1223 17.90 26.90 47.00
N THR A 1224 18.65 28.00 46.85
CA THR A 1224 18.22 29.07 45.97
C THR A 1224 18.17 28.59 44.52
N CYS A 1225 19.22 27.89 44.07
CA CYS A 1225 19.21 27.38 42.70
C CYS A 1225 18.15 26.32 42.51
N TYR A 1226 17.87 25.52 43.54
CA TYR A 1226 16.73 24.60 43.47
C TYR A 1226 15.43 25.36 43.27
N LYS A 1227 15.26 26.47 44.00
CA LYS A 1227 14.05 27.27 43.82
C LYS A 1227 13.99 27.86 42.42
N ILE A 1228 15.14 28.15 41.83
CA ILE A 1228 15.17 28.79 40.51
C ILE A 1228 14.72 27.82 39.43
N VAL A 1229 15.23 26.58 39.46
CA VAL A 1229 15.08 25.68 38.32
C VAL A 1229 13.62 25.23 38.17
N GLU A 1230 12.95 24.92 39.27
CA GLU A 1230 11.58 24.43 39.20
C GLU A 1230 10.55 25.55 39.13
N HIS A 1231 10.97 26.81 39.05
CA HIS A 1231 10.02 27.89 38.85
C HIS A 1231 9.37 27.76 37.48
N SER A 1232 8.08 28.11 37.41
CA SER A 1232 7.33 27.96 36.17
C SER A 1232 7.88 28.88 35.07
N TRP A 1233 8.31 30.09 35.45
CA TRP A 1233 8.85 31.02 34.47
C TRP A 1233 10.12 30.48 33.83
N PHE A 1234 10.98 29.86 34.62
CA PHE A 1234 12.20 29.26 34.07
C PHE A 1234 11.86 28.14 33.08
N GLU A 1235 10.90 27.30 33.42
CA GLU A 1235 10.50 26.22 32.52
C GLU A 1235 9.93 26.76 31.22
N SER A 1236 9.08 27.79 31.32
CA SER A 1236 8.51 28.39 30.12
C SER A 1236 9.59 29.03 29.25
N PHE A 1237 10.55 29.71 29.87
CA PHE A 1237 11.64 30.31 29.11
C PHE A 1237 12.48 29.26 28.41
N ILE A 1238 12.78 28.16 29.10
CA ILE A 1238 13.58 27.10 28.49
C ILE A 1238 12.82 26.45 27.34
N VAL A 1239 11.51 26.25 27.50
CA VAL A 1239 10.70 25.67 26.42
C VAL A 1239 10.70 26.60 25.22
N LEU A 1240 10.55 27.91 25.45
CA LEU A 1240 10.59 28.87 24.36
C LEU A 1240 11.93 28.85 23.64
N MET A 1241 13.02 28.75 24.41
CA MET A 1241 14.34 28.69 23.79
C MET A 1241 14.51 27.42 22.96
N ILE A 1242 13.99 26.29 23.46
CA ILE A 1242 14.06 25.04 22.70
C ILE A 1242 13.31 25.17 21.39
N LEU A 1243 12.11 25.74 21.44
CA LEU A 1243 11.32 25.92 20.23
C LEU A 1243 12.02 26.86 19.25
N LEU A 1244 12.60 27.94 19.75
CA LEU A 1244 13.30 28.89 18.89
C LEU A 1244 14.52 28.24 18.23
N SER A 1245 15.27 27.44 18.99
CA SER A 1245 16.44 26.79 18.43
C SER A 1245 16.05 25.75 17.38
N SER A 1246 14.96 25.01 17.61
CA SER A 1246 14.49 24.07 16.59
C SER A 1246 14.02 24.80 15.33
N GLY A 1247 13.31 25.91 15.50
CA GLY A 1247 12.92 26.70 14.35
C GLY A 1247 14.11 27.23 13.58
N ALA A 1248 15.16 27.65 14.29
CA ALA A 1248 16.39 28.08 13.64
C ALA A 1248 17.03 26.92 12.87
N LEU A 1249 16.97 25.72 13.43
CA LEU A 1249 17.43 24.54 12.72
C LEU A 1249 16.67 24.35 11.41
N ALA A 1250 15.36 24.59 11.44
CA ALA A 1250 14.52 24.36 10.28
C ALA A 1250 14.78 25.35 9.13
N PHE A 1251 15.80 26.21 9.23
CA PHE A 1251 16.02 27.26 8.24
C PHE A 1251 17.18 27.00 7.30
N GLU A 1252 18.11 26.09 7.64
CA GLU A 1252 19.33 25.91 6.86
C GLU A 1252 19.08 24.93 5.72
N ASP A 1253 18.47 25.44 4.66
CA ASP A 1253 18.22 24.69 3.43
C ASP A 1253 19.25 25.08 2.37
N ILE A 1254 19.04 24.60 1.15
CA ILE A 1254 19.96 24.91 0.06
C ILE A 1254 19.89 26.38 -0.35
N TYR A 1255 18.84 27.09 0.05
CA TYR A 1255 18.67 28.50 -0.30
C TYR A 1255 19.22 29.43 0.77
N ILE A 1256 19.96 28.90 1.74
CA ILE A 1256 20.50 29.74 2.81
C ILE A 1256 21.50 30.77 2.29
N GLU A 1257 22.13 30.50 1.15
CA GLU A 1257 23.07 31.46 0.58
C GLU A 1257 22.36 32.64 -0.06
N ARG A 1258 21.07 32.52 -0.36
CA ARG A 1258 20.31 33.64 -0.90
C ARG A 1258 19.92 34.65 0.18
N LYS A 1259 20.00 34.27 1.44
CA LYS A 1259 19.61 35.12 2.56
C LYS A 1259 20.80 35.22 3.52
N LYS A 1260 21.66 36.21 3.30
CA LYS A 1260 22.85 36.36 4.12
C LYS A 1260 22.50 36.87 5.51
N THR A 1261 21.56 37.82 5.60
CA THR A 1261 21.21 38.40 6.89
C THR A 1261 20.65 37.35 7.84
N ILE A 1262 19.72 36.52 7.34
CA ILE A 1262 19.17 35.44 8.16
C ILE A 1262 20.26 34.47 8.57
N LYS A 1263 21.20 34.20 7.66
CA LYS A 1263 22.29 33.28 7.97
C LYS A 1263 23.15 33.81 9.12
N ILE A 1264 23.48 35.10 9.09
CA ILE A 1264 24.29 35.69 10.16
C ILE A 1264 23.51 35.70 11.48
N ILE A 1265 22.22 36.06 11.41
CA ILE A 1265 21.39 36.07 12.61
C ILE A 1265 21.33 34.70 13.24
N LEU A 1266 21.16 33.65 12.42
CA LEU A 1266 21.16 32.29 12.92
C LEU A 1266 22.50 31.88 13.50
N GLU A 1267 23.61 32.27 12.86
CA GLU A 1267 24.93 31.94 13.39
C GLU A 1267 25.14 32.53 14.77
N TYR A 1268 24.64 33.75 15.01
CA TYR A 1268 24.81 34.33 16.34
C TYR A 1268 23.79 33.80 17.34
N ALA A 1269 22.56 33.52 16.90
CA ALA A 1269 21.58 32.89 17.77
C ALA A 1269 22.04 31.51 18.24
N ASP A 1270 22.84 30.82 17.41
CA ASP A 1270 23.40 29.54 17.84
C ASP A 1270 24.24 29.69 19.10
N LYS A 1271 25.15 30.67 19.11
CA LYS A 1271 25.94 30.93 20.31
C LYS A 1271 25.09 31.39 21.48
N ILE A 1272 24.06 32.21 21.21
CA ILE A 1272 23.19 32.65 22.29
C ILE A 1272 22.50 31.44 22.96
N PHE A 1273 21.95 30.54 22.14
CA PHE A 1273 21.29 29.35 22.69
C PHE A 1273 22.28 28.44 23.40
N THR A 1274 23.50 28.30 22.86
CA THR A 1274 24.50 27.48 23.53
C THR A 1274 24.81 28.04 24.92
N TYR A 1275 24.96 29.35 25.03
CA TYR A 1275 25.18 29.97 26.33
C TYR A 1275 24.00 29.71 27.26
N ILE A 1276 22.78 29.87 26.76
CA ILE A 1276 21.60 29.67 27.59
C ILE A 1276 21.57 28.25 28.14
N PHE A 1277 21.80 27.26 27.27
CA PHE A 1277 21.72 25.87 27.69
C PHE A 1277 22.88 25.45 28.60
N ILE A 1278 24.08 25.99 28.37
CA ILE A 1278 25.17 25.73 29.31
C ILE A 1278 24.83 26.30 30.68
N LEU A 1279 24.27 27.51 30.72
CA LEU A 1279 23.86 28.10 32.00
C LEU A 1279 22.80 27.24 32.68
N GLU A 1280 21.84 26.73 31.91
CA GLU A 1280 20.79 25.88 32.46
C GLU A 1280 21.39 24.59 33.03
N MET A 1281 22.34 24.00 32.31
CA MET A 1281 22.99 22.79 32.81
C MET A 1281 23.74 23.05 34.11
N LEU A 1282 24.47 24.16 34.18
CA LEU A 1282 25.19 24.48 35.41
C LEU A 1282 24.23 24.72 36.57
N LEU A 1283 23.13 25.44 36.30
CA LEU A 1283 22.12 25.66 37.32
C LEU A 1283 21.51 24.36 37.83
N LYS A 1284 21.19 23.43 36.93
CA LYS A 1284 20.65 22.14 37.34
C LYS A 1284 21.69 21.30 38.08
N TRP A 1285 22.96 21.42 37.69
CA TRP A 1285 24.04 20.78 38.45
C TRP A 1285 24.10 21.29 39.88
N ILE A 1286 23.95 22.60 40.07
CA ILE A 1286 24.11 23.18 41.40
C ILE A 1286 22.82 23.00 42.17
N ALA A 1287 21.74 22.63 41.46
CA ALA A 1287 20.43 22.57 42.13
C ALA A 1287 19.89 21.15 42.28
N TYR A 1288 20.57 20.14 41.76
CA TYR A 1288 20.08 18.77 41.88
C TYR A 1288 21.17 17.88 42.47
N GLY A 1289 22.42 18.29 42.32
CA GLY A 1289 23.55 17.45 42.70
C GLY A 1289 23.91 16.46 41.59
N TYR A 1290 25.15 15.98 41.66
CA TYR A 1290 25.64 15.07 40.64
C TYR A 1290 24.87 13.75 40.65
N LYS A 1291 24.55 13.24 41.84
CA LYS A 1291 23.91 11.93 41.95
C LYS A 1291 22.56 11.92 41.23
N THR A 1292 21.68 12.86 41.57
CA THR A 1292 20.35 12.87 40.97
C THR A 1292 20.39 13.30 39.51
N TYR A 1293 21.30 14.22 39.16
CA TYR A 1293 21.40 14.65 37.78
C TYR A 1293 21.85 13.52 36.86
N PHE A 1294 22.84 12.74 37.30
CA PHE A 1294 23.40 11.68 36.47
C PHE A 1294 22.75 10.33 36.71
N THR A 1295 21.75 10.25 37.59
CA THR A 1295 20.87 9.09 37.65
C THR A 1295 19.55 9.34 36.92
N ASN A 1296 19.46 10.41 36.14
CA ASN A 1296 18.27 10.76 35.38
C ASN A 1296 18.56 10.63 33.89
N ALA A 1297 17.69 9.94 33.17
CA ALA A 1297 17.91 9.70 31.75
C ALA A 1297 17.64 10.96 30.92
N TRP A 1298 16.60 11.73 31.27
CA TRP A 1298 16.34 12.98 30.57
C TRP A 1298 17.50 13.95 30.74
N CYS A 1299 18.04 14.04 31.96
CA CYS A 1299 19.18 14.89 32.21
C CYS A 1299 20.40 14.40 31.44
N TRP A 1300 20.56 13.08 31.31
CA TRP A 1300 21.65 12.54 30.50
C TRP A 1300 21.51 12.94 29.04
N LEU A 1301 20.28 12.87 28.50
CA LEU A 1301 20.07 13.27 27.11
C LEU A 1301 20.38 14.75 26.90
N ASP A 1302 19.89 15.60 27.80
CA ASP A 1302 20.17 17.03 27.69
C ASP A 1302 21.66 17.30 27.83
N PHE A 1303 22.33 16.58 28.73
CA PHE A 1303 23.77 16.74 28.93
C PHE A 1303 24.54 16.35 27.68
N LEU A 1304 24.17 15.24 27.04
CA LEU A 1304 24.86 14.82 25.82
C LEU A 1304 24.65 15.84 24.70
N ILE A 1305 23.42 16.35 24.57
CA ILE A 1305 23.16 17.34 23.53
C ILE A 1305 23.99 18.60 23.77
N VAL A 1306 24.06 19.05 25.02
CA VAL A 1306 24.81 20.27 25.31
C VAL A 1306 26.31 20.03 25.14
N ASP A 1307 26.80 18.81 25.41
CA ASP A 1307 28.21 18.53 25.15
C ASP A 1307 28.52 18.57 23.66
N VAL A 1308 27.66 17.99 22.82
CA VAL A 1308 27.93 18.04 21.39
C VAL A 1308 27.88 19.49 20.90
N SER A 1309 26.95 20.28 21.44
CA SER A 1309 26.88 21.69 21.07
C SER A 1309 28.14 22.45 21.51
N LEU A 1310 28.61 22.18 22.73
CA LEU A 1310 29.79 22.86 23.24
C LEU A 1310 31.03 22.48 22.44
N VAL A 1311 31.18 21.20 22.09
CA VAL A 1311 32.31 20.79 21.26
C VAL A 1311 32.26 21.46 19.91
N THR A 1312 31.07 21.53 19.29
CA THR A 1312 30.96 22.21 18.01
C THR A 1312 31.34 23.68 18.14
N LEU A 1313 30.87 24.35 19.19
CA LEU A 1313 31.19 25.77 19.39
C LEU A 1313 32.68 25.97 19.62
N VAL A 1314 33.31 25.09 20.41
CA VAL A 1314 34.74 25.22 20.68
C VAL A 1314 35.54 25.02 19.41
N ALA A 1315 35.17 24.01 18.60
CA ALA A 1315 35.86 23.79 17.34
C ALA A 1315 35.68 24.97 16.39
N ASN A 1316 34.49 25.56 16.35
CA ASN A 1316 34.24 26.71 15.50
C ASN A 1316 35.06 27.92 15.95
N THR A 1317 35.14 28.14 17.26
CA THR A 1317 35.90 29.29 17.77
C THR A 1317 37.39 29.16 17.49
N LEU A 1318 37.94 27.96 17.68
CA LEU A 1318 39.38 27.74 17.53
C LEU A 1318 39.81 27.62 16.07
N GLY A 1319 38.88 27.61 15.13
CA GLY A 1319 39.21 27.51 13.72
C GLY A 1319 39.24 26.10 13.16
N TYR A 1320 39.11 25.08 14.00
CA TYR A 1320 39.07 23.70 13.53
C TYR A 1320 37.63 23.35 13.14
N SER A 1321 37.21 23.95 12.02
CA SER A 1321 35.82 23.88 11.61
C SER A 1321 35.55 22.95 10.43
N ASP A 1322 36.58 22.53 9.70
CA ASP A 1322 36.38 21.71 8.51
C ASP A 1322 37.43 20.60 8.43
N LEU A 1323 37.67 19.92 9.54
CA LEU A 1323 38.61 18.80 9.58
C LEU A 1323 37.96 17.61 10.28
N GLY A 1324 38.10 16.43 9.67
CA GLY A 1324 37.61 15.21 10.25
C GLY A 1324 36.11 15.17 10.42
N PRO A 1325 35.65 14.60 11.53
CA PRO A 1325 34.21 14.43 11.75
C PRO A 1325 33.49 15.67 12.27
N ILE A 1326 34.10 16.86 12.18
CA ILE A 1326 33.47 18.04 12.74
C ILE A 1326 32.21 18.41 11.97
N LYS A 1327 32.17 18.19 10.66
CA LYS A 1327 30.92 18.37 9.94
C LYS A 1327 29.88 17.35 10.40
N SER A 1328 30.30 16.11 10.62
CA SER A 1328 29.38 15.08 11.10
C SER A 1328 28.88 15.42 12.50
N LEU A 1329 29.75 15.98 13.34
CA LEU A 1329 29.30 16.46 14.64
C LEU A 1329 28.31 17.61 14.50
N ARG A 1330 28.58 18.52 13.55
CA ARG A 1330 27.61 19.58 13.26
C ARG A 1330 26.30 19.01 12.73
N THR A 1331 26.37 17.92 11.95
CA THR A 1331 25.17 17.28 11.47
C THR A 1331 24.28 16.81 12.63
N LEU A 1332 24.89 16.41 13.74
CA LEU A 1332 24.15 15.96 14.91
C LEU A 1332 23.36 17.08 15.59
N ARG A 1333 23.38 18.30 15.06
CA ARG A 1333 22.53 19.36 15.59
C ARG A 1333 21.05 19.03 15.42
N ALA A 1334 20.72 18.12 14.50
CA ALA A 1334 19.33 17.74 14.28
C ALA A 1334 18.73 17.01 15.47
N LEU A 1335 19.55 16.52 16.39
CA LEU A 1335 19.07 15.87 17.60
C LEU A 1335 18.68 16.87 18.69
N ARG A 1336 18.92 18.16 18.46
CA ARG A 1336 18.55 19.17 19.43
C ARG A 1336 17.06 19.19 19.79
N PRO A 1337 16.11 19.01 18.85
CA PRO A 1337 14.70 18.98 19.25
C PRO A 1337 14.35 17.91 20.27
N LEU A 1338 15.24 16.97 20.56
CA LEU A 1338 14.98 15.98 21.60
C LEU A 1338 14.88 16.61 22.98
N ARG A 1339 15.34 17.85 23.14
CA ARG A 1339 15.20 18.55 24.42
C ARG A 1339 13.73 18.79 24.78
N ALA A 1340 12.85 18.83 23.79
CA ALA A 1340 11.42 19.03 24.05
C ALA A 1340 10.72 17.76 24.52
N LEU A 1341 11.40 16.62 24.45
CA LEU A 1341 10.76 15.36 24.85
C LEU A 1341 10.38 15.36 26.32
N SER A 1342 11.25 15.91 27.18
CA SER A 1342 11.03 15.90 28.62
C SER A 1342 10.24 17.10 29.11
N ARG A 1343 9.78 17.97 28.21
CA ARG A 1343 9.06 19.17 28.61
C ARG A 1343 7.58 19.12 28.28
N PHE A 1344 7.14 18.17 27.47
CA PHE A 1344 5.73 17.97 27.16
C PHE A 1344 5.28 16.64 27.72
N GLU A 1345 4.21 16.65 28.52
CA GLU A 1345 3.82 15.45 29.25
C GLU A 1345 3.21 14.39 28.34
N GLY A 1346 2.52 14.79 27.27
CA GLY A 1346 1.98 13.82 26.34
C GLY A 1346 3.07 13.05 25.61
N MET A 1347 4.06 13.76 25.09
CA MET A 1347 5.19 13.10 24.46
C MET A 1347 5.97 12.27 25.49
N ARG A 1348 6.03 12.75 26.73
CA ARG A 1348 6.72 11.99 27.78
C ARG A 1348 6.02 10.67 28.06
N VAL A 1349 4.68 10.67 28.15
CA VAL A 1349 3.98 9.42 28.45
C VAL A 1349 4.03 8.48 27.25
N VAL A 1350 3.98 9.02 26.03
CA VAL A 1350 4.10 8.14 24.86
C VAL A 1350 5.51 7.53 24.80
N VAL A 1351 6.53 8.31 25.15
CA VAL A 1351 7.89 7.79 25.18
C VAL A 1351 8.03 6.73 26.28
N ASN A 1352 7.37 6.95 27.41
CA ASN A 1352 7.39 5.96 28.49
C ASN A 1352 6.74 4.66 28.04
N ALA A 1353 5.62 4.74 27.32
CA ALA A 1353 5.00 3.54 26.77
C ALA A 1353 5.92 2.83 25.79
N LEU A 1354 6.59 3.60 24.93
CA LEU A 1354 7.54 2.99 23.99
C LEU A 1354 8.66 2.28 24.74
N ILE A 1355 9.20 2.92 25.77
CA ILE A 1355 10.30 2.32 26.53
C ILE A 1355 9.83 1.06 27.24
N GLY A 1356 8.61 1.09 27.79
CA GLY A 1356 8.07 -0.10 28.42
C GLY A 1356 7.89 -1.25 27.45
N ALA A 1357 7.49 -0.95 26.21
CA ALA A 1357 7.33 -1.98 25.20
C ALA A 1357 8.63 -2.39 24.53
N ILE A 1358 9.71 -1.64 24.76
CA ILE A 1358 10.98 -1.94 24.07
C ILE A 1358 11.47 -3.37 24.27
N PRO A 1359 11.45 -3.94 25.48
CA PRO A 1359 12.01 -5.30 25.62
C PRO A 1359 11.35 -6.35 24.76
N SER A 1360 10.02 -6.47 24.83
CA SER A 1360 9.32 -7.45 24.00
C SER A 1360 9.45 -7.11 22.52
N ILE A 1361 9.51 -5.83 22.19
CA ILE A 1361 9.71 -5.42 20.79
C ILE A 1361 11.05 -5.96 20.28
N MET A 1362 12.10 -5.83 21.08
CA MET A 1362 13.41 -6.34 20.68
C MET A 1362 13.42 -7.85 20.61
N ASN A 1363 12.75 -8.53 21.54
CA ASN A 1363 12.68 -9.98 21.51
C ASN A 1363 12.00 -10.48 20.24
N VAL A 1364 10.86 -9.89 19.91
CA VAL A 1364 10.12 -10.33 18.73
C VAL A 1364 10.85 -9.90 17.46
N LEU A 1365 11.54 -8.77 17.48
CA LEU A 1365 12.35 -8.38 16.34
C LEU A 1365 13.47 -9.39 16.10
N LEU A 1366 14.09 -9.88 17.18
CA LEU A 1366 15.11 -10.91 17.05
C LEU A 1366 14.52 -12.20 16.49
N VAL A 1367 13.33 -12.58 16.96
CA VAL A 1367 12.67 -13.78 16.43
C VAL A 1367 12.37 -13.62 14.94
N CYS A 1368 11.87 -12.44 14.56
CA CYS A 1368 11.53 -12.19 13.16
C CYS A 1368 12.79 -12.15 12.30
N LEU A 1369 13.89 -11.62 12.84
CA LEU A 1369 15.16 -11.66 12.12
C LEU A 1369 15.63 -13.10 11.92
N ILE A 1370 15.47 -13.94 12.94
CA ILE A 1370 15.87 -15.34 12.83
C ILE A 1370 15.03 -16.03 11.76
N PHE A 1371 13.72 -15.78 11.75
CA PHE A 1371 12.85 -16.38 10.75
C PHE A 1371 13.18 -15.87 9.35
N TRP A 1372 13.42 -14.57 9.21
CA TRP A 1372 13.74 -14.00 7.90
C TRP A 1372 15.13 -14.40 7.42
N LEU A 1373 16.00 -14.85 8.32
CA LEU A 1373 17.33 -15.29 7.90
C LEU A 1373 17.24 -16.52 6.99
N ILE A 1374 16.30 -17.42 7.28
CA ILE A 1374 16.10 -18.59 6.42
C ILE A 1374 15.69 -18.16 5.02
N PHE A 1375 14.73 -17.24 4.93
CA PHE A 1375 14.27 -16.76 3.63
C PHE A 1375 15.37 -15.99 2.91
N SER A 1376 16.17 -15.21 3.64
CA SER A 1376 17.27 -14.48 3.01
C SER A 1376 18.34 -15.43 2.48
N ILE A 1377 18.65 -16.49 3.23
CA ILE A 1377 19.63 -17.46 2.76
C ILE A 1377 19.09 -18.21 1.54
N MET A 1378 17.80 -18.55 1.55
CA MET A 1378 17.21 -19.18 0.37
C MET A 1378 17.26 -18.25 -0.84
N GLY A 1379 16.96 -16.97 -0.63
CA GLY A 1379 17.04 -16.00 -1.72
C GLY A 1379 18.45 -15.81 -2.24
N VAL A 1380 19.44 -15.90 -1.34
CA VAL A 1380 20.83 -15.83 -1.79
C VAL A 1380 21.19 -17.07 -2.60
N ASN A 1381 20.72 -18.24 -2.16
CA ASN A 1381 20.98 -19.47 -2.92
C ASN A 1381 20.31 -19.44 -4.28
N LEU A 1382 19.16 -18.78 -4.40
CA LEU A 1382 18.41 -18.75 -5.64
C LEU A 1382 18.85 -17.64 -6.60
N PHE A 1383 19.14 -16.45 -6.09
CA PHE A 1383 19.25 -15.25 -6.92
C PHE A 1383 20.57 -14.52 -6.73
N ALA A 1384 21.65 -15.24 -6.41
CA ALA A 1384 22.94 -14.59 -6.22
C ALA A 1384 23.58 -14.31 -7.57
N GLY A 1385 23.77 -13.03 -7.89
CA GLY A 1385 24.46 -12.63 -9.10
C GLY A 1385 23.69 -12.84 -10.38
N LYS A 1386 22.38 -13.03 -10.31
CA LYS A 1386 21.58 -13.29 -11.50
C LYS A 1386 20.72 -12.08 -11.90
N PHE A 1387 20.96 -10.92 -11.30
CA PHE A 1387 20.19 -9.72 -11.63
C PHE A 1387 20.95 -8.75 -12.52
N TYR A 1388 22.16 -9.12 -12.96
CA TYR A 1388 22.90 -8.30 -13.91
C TYR A 1388 22.28 -8.40 -15.30
N GLU A 1389 22.54 -7.38 -16.12
CA GLU A 1389 21.96 -7.33 -17.46
C GLU A 1389 22.64 -6.23 -18.27
N CYS A 1390 22.90 -6.50 -19.54
CA CYS A 1390 23.10 -5.42 -20.49
C CYS A 1390 21.85 -4.54 -20.55
N ILE A 1391 22.04 -3.23 -20.51
CA ILE A 1391 20.97 -2.26 -20.70
C ILE A 1391 21.47 -1.17 -21.65
N ASN A 1392 20.61 -0.75 -22.56
CA ASN A 1392 20.87 0.42 -23.39
C ASN A 1392 20.48 1.65 -22.57
N THR A 1393 21.47 2.35 -22.04
CA THR A 1393 21.24 3.36 -21.03
C THR A 1393 20.49 4.59 -21.55
N THR A 1394 20.38 4.76 -22.87
CA THR A 1394 19.60 5.87 -23.40
C THR A 1394 18.13 5.75 -22.98
N ASP A 1395 17.58 4.55 -23.07
CA ASP A 1395 16.21 4.29 -22.64
C ASP A 1395 16.09 3.31 -21.48
N GLY A 1396 17.20 2.71 -21.05
CA GLY A 1396 17.13 1.75 -19.96
C GLY A 1396 16.46 0.45 -20.30
N SER A 1397 16.44 0.08 -21.57
CA SER A 1397 15.77 -1.13 -22.03
C SER A 1397 16.78 -2.27 -22.12
N ARG A 1398 16.43 -3.43 -21.56
CA ARG A 1398 17.30 -4.58 -21.59
C ARG A 1398 17.45 -5.09 -23.01
N PHE A 1399 18.68 -5.44 -23.39
CA PHE A 1399 18.92 -6.03 -24.69
C PHE A 1399 18.25 -7.40 -24.75
N PRO A 1400 17.84 -7.84 -25.94
CA PRO A 1400 17.27 -9.18 -26.08
C PRO A 1400 18.30 -10.25 -25.71
N ALA A 1401 17.81 -11.49 -25.65
CA ALA A 1401 18.70 -12.62 -25.38
C ALA A 1401 19.23 -13.27 -26.64
N SER A 1402 18.70 -12.92 -27.81
CA SER A 1402 19.25 -13.43 -29.06
C SER A 1402 20.64 -12.87 -29.30
N GLN A 1403 20.81 -11.56 -29.13
CA GLN A 1403 22.11 -10.92 -29.13
C GLN A 1403 22.51 -10.60 -27.70
N VAL A 1404 23.79 -10.76 -27.39
CA VAL A 1404 24.30 -10.63 -26.02
C VAL A 1404 23.58 -11.60 -25.10
N PRO A 1405 23.83 -12.90 -25.21
CA PRO A 1405 23.25 -13.84 -24.24
C PRO A 1405 23.91 -13.81 -22.88
N ASN A 1406 25.13 -13.27 -22.79
CA ASN A 1406 26.01 -13.50 -21.65
C ASN A 1406 27.16 -12.49 -21.65
N ARG A 1407 27.85 -12.43 -20.51
CA ARG A 1407 28.52 -11.20 -20.06
C ARG A 1407 29.62 -10.76 -21.02
N SER A 1408 30.42 -11.72 -21.49
CA SER A 1408 31.48 -11.38 -22.47
C SER A 1408 30.87 -10.58 -23.61
N GLU A 1409 29.62 -10.91 -23.99
CA GLU A 1409 28.94 -10.17 -25.05
C GLU A 1409 28.61 -8.75 -24.63
N CYS A 1410 28.29 -8.54 -23.35
CA CYS A 1410 28.03 -7.18 -22.88
C CYS A 1410 29.28 -6.30 -23.06
N PHE A 1411 30.43 -6.86 -22.69
CA PHE A 1411 31.71 -6.12 -22.86
C PHE A 1411 31.96 -5.92 -24.36
N ALA A 1412 31.60 -6.90 -25.17
CA ALA A 1412 31.74 -6.74 -26.64
C ALA A 1412 30.88 -5.56 -27.08
N LEU A 1413 29.64 -5.49 -26.60
CA LEU A 1413 28.75 -4.35 -26.94
C LEU A 1413 29.36 -3.05 -26.39
N MET A 1414 30.03 -3.14 -25.24
CA MET A 1414 30.67 -1.93 -24.62
C MET A 1414 31.67 -1.32 -25.60
N ASN A 1415 32.39 -2.17 -26.36
CA ASN A 1415 33.34 -1.66 -27.38
C ASN A 1415 32.59 -1.52 -28.71
N VAL A 1416 31.83 -2.54 -29.10
CA VAL A 1416 31.05 -2.52 -30.38
C VAL A 1416 30.19 -1.26 -30.40
N SER A 1417 29.68 -0.84 -29.25
CA SER A 1417 28.76 0.34 -29.22
C SER A 1417 29.01 1.23 -28.00
N GLN A 1418 28.07 2.12 -27.70
CA GLN A 1418 28.19 3.05 -26.58
C GLN A 1418 26.87 3.05 -25.82
N ASN A 1419 26.92 3.58 -24.58
CA ASN A 1419 25.74 3.63 -23.71
C ASN A 1419 25.20 2.24 -23.41
N VAL A 1420 26.11 1.29 -23.22
CA VAL A 1420 25.78 -0.09 -22.88
C VAL A 1420 26.37 -0.38 -21.50
N ARG A 1421 25.55 -0.93 -20.60
CA ARG A 1421 25.97 -1.16 -19.23
C ARG A 1421 25.57 -2.54 -18.77
N TRP A 1422 26.45 -3.18 -18.01
CA TRP A 1422 26.18 -4.46 -17.35
C TRP A 1422 25.79 -4.14 -15.91
N LYS A 1423 24.50 -3.89 -15.69
CA LYS A 1423 24.01 -3.20 -14.52
C LYS A 1423 23.30 -4.14 -13.57
N ASN A 1424 23.59 -4.02 -12.27
CA ASN A 1424 22.94 -4.80 -11.24
C ASN A 1424 21.64 -4.11 -10.82
N LEU A 1425 21.04 -4.56 -9.72
CA LEU A 1425 19.71 -4.10 -9.32
C LEU A 1425 19.72 -3.37 -7.97
N LYS A 1426 20.87 -2.89 -7.52
CA LYS A 1426 20.98 -2.11 -6.29
C LYS A 1426 20.53 -2.91 -5.07
N VAL A 1427 19.23 -3.21 -5.00
CA VAL A 1427 18.67 -4.05 -3.94
C VAL A 1427 18.44 -5.43 -4.54
N ASN A 1428 19.23 -6.41 -4.09
CA ASN A 1428 19.16 -7.75 -4.65
C ASN A 1428 19.45 -8.75 -3.53
N PHE A 1429 19.71 -10.00 -3.92
CA PHE A 1429 20.07 -11.06 -2.99
C PHE A 1429 21.53 -11.46 -3.16
N ASP A 1430 22.40 -10.47 -3.37
CA ASP A 1430 23.82 -10.75 -3.57
C ASP A 1430 24.48 -11.21 -2.28
N ASN A 1431 23.98 -10.77 -1.13
CA ASN A 1431 24.44 -11.26 0.17
C ASN A 1431 23.27 -11.22 1.13
N VAL A 1432 23.52 -11.67 2.37
CA VAL A 1432 22.43 -11.85 3.32
C VAL A 1432 21.86 -10.51 3.77
N GLY A 1433 22.71 -9.49 3.93
CA GLY A 1433 22.20 -8.17 4.28
C GLY A 1433 21.37 -7.55 3.16
N LEU A 1434 21.85 -7.64 1.92
CA LEU A 1434 21.06 -7.20 0.79
C LEU A 1434 19.78 -8.02 0.66
N GLY A 1435 19.86 -9.32 0.99
CA GLY A 1435 18.66 -10.12 1.03
C GLY A 1435 17.68 -9.65 2.08
N TYR A 1436 18.18 -9.21 3.23
CA TYR A 1436 17.31 -8.65 4.26
C TYR A 1436 16.62 -7.39 3.76
N LEU A 1437 17.36 -6.53 3.07
CA LEU A 1437 16.75 -5.32 2.51
C LEU A 1437 15.70 -5.67 1.46
N SER A 1438 16.00 -6.64 0.60
CA SER A 1438 15.02 -7.07 -0.41
C SER A 1438 13.78 -7.67 0.23
N LEU A 1439 13.96 -8.45 1.30
CA LEU A 1439 12.82 -9.03 1.99
C LEU A 1439 12.00 -7.97 2.71
N LEU A 1440 12.65 -6.92 3.22
CA LEU A 1440 11.90 -5.80 3.79
C LEU A 1440 11.09 -5.08 2.73
N GLN A 1441 11.66 -4.91 1.53
CA GLN A 1441 10.90 -4.28 0.45
C GLN A 1441 9.74 -5.16 0.00
N VAL A 1442 9.94 -6.48 -0.03
CA VAL A 1442 8.89 -7.40 -0.46
C VAL A 1442 7.78 -7.47 0.58
N ALA A 1443 8.14 -7.49 1.87
CA ALA A 1443 7.15 -7.61 2.92
C ALA A 1443 6.25 -6.38 2.99
N THR A 1444 6.80 -5.20 2.73
CA THR A 1444 6.03 -3.97 2.73
C THR A 1444 5.38 -3.68 1.39
N PHE A 1445 5.64 -4.51 0.38
CA PHE A 1445 5.08 -4.34 -0.97
C PHE A 1445 5.47 -2.99 -1.57
N LYS A 1446 6.65 -2.49 -1.25
CA LYS A 1446 7.18 -1.25 -1.78
C LYS A 1446 8.48 -1.56 -2.52
N GLY A 1447 8.45 -1.46 -3.84
CA GLY A 1447 9.60 -1.83 -4.63
C GLY A 1447 9.79 -3.31 -4.84
N TRP A 1448 8.83 -4.13 -4.40
CA TRP A 1448 8.95 -5.57 -4.56
C TRP A 1448 8.85 -6.00 -6.02
N THR A 1449 8.10 -5.25 -6.83
CA THR A 1449 7.84 -5.67 -8.20
C THR A 1449 9.12 -5.75 -9.02
N ILE A 1450 10.04 -4.80 -8.82
CA ILE A 1450 11.31 -4.84 -9.54
C ILE A 1450 12.09 -6.11 -9.18
N ILE A 1451 12.14 -6.44 -7.89
CA ILE A 1451 12.85 -7.64 -7.46
C ILE A 1451 12.21 -8.89 -8.02
N MET A 1452 10.87 -8.95 -8.01
CA MET A 1452 10.18 -10.12 -8.57
C MET A 1452 10.42 -10.24 -10.07
N TYR A 1453 10.39 -9.13 -10.80
CA TYR A 1453 10.65 -9.18 -12.23
C TYR A 1453 12.07 -9.67 -12.50
N ALA A 1454 13.04 -9.19 -11.72
CA ALA A 1454 14.41 -9.65 -11.89
C ALA A 1454 14.55 -11.13 -11.55
N ALA A 1455 13.83 -11.60 -10.53
CA ALA A 1455 13.96 -12.98 -10.09
C ALA A 1455 13.32 -13.94 -11.08
N VAL A 1456 12.13 -13.63 -11.57
CA VAL A 1456 11.47 -14.51 -12.54
C VAL A 1456 12.11 -14.46 -13.92
N ASP A 1457 12.94 -13.45 -14.17
CA ASP A 1457 13.70 -13.39 -15.42
C ASP A 1457 15.08 -14.02 -15.29
N SER A 1458 15.49 -14.44 -14.10
CA SER A 1458 16.84 -14.91 -13.89
C SER A 1458 17.08 -16.22 -14.63
N VAL A 1459 18.28 -16.35 -15.20
CA VAL A 1459 18.71 -17.57 -15.88
C VAL A 1459 19.86 -18.23 -15.13
N ASN A 1460 20.99 -17.55 -15.01
CA ASN A 1460 22.17 -18.07 -14.33
C ASN A 1460 23.09 -16.90 -14.03
N VAL A 1461 24.26 -17.20 -13.46
CA VAL A 1461 25.25 -16.18 -13.17
C VAL A 1461 25.99 -15.83 -14.45
N ASP A 1462 26.16 -14.53 -14.72
CA ASP A 1462 26.81 -14.03 -15.93
C ASP A 1462 26.05 -14.42 -17.19
N LYS A 1463 24.73 -14.54 -17.09
CA LYS A 1463 23.88 -14.83 -18.24
C LYS A 1463 22.79 -13.77 -18.33
N GLN A 1464 22.52 -13.32 -19.55
CA GLN A 1464 21.50 -12.30 -19.77
C GLN A 1464 20.12 -12.86 -19.40
N PRO A 1465 19.34 -12.15 -18.60
CA PRO A 1465 18.02 -12.67 -18.23
C PRO A 1465 17.08 -12.78 -19.43
N LYS A 1466 16.19 -13.76 -19.36
CA LYS A 1466 15.15 -13.97 -20.34
C LYS A 1466 13.80 -13.70 -19.70
N TYR A 1467 12.88 -13.11 -20.48
CA TYR A 1467 11.59 -12.70 -19.94
C TYR A 1467 10.82 -13.88 -19.36
N GLU A 1468 10.65 -13.88 -18.04
CA GLU A 1468 9.92 -14.92 -17.32
C GLU A 1468 10.48 -16.31 -17.62
N TYR A 1469 11.81 -16.38 -17.71
CA TYR A 1469 12.48 -17.68 -17.88
C TYR A 1469 12.23 -18.56 -16.66
N SER A 1470 12.45 -18.02 -15.47
CA SER A 1470 12.16 -18.72 -14.22
C SER A 1470 10.82 -18.23 -13.67
N LEU A 1471 9.77 -18.52 -14.43
CA LEU A 1471 8.46 -17.96 -14.16
C LEU A 1471 7.95 -18.34 -12.78
N TYR A 1472 8.19 -19.58 -12.35
CA TYR A 1472 7.63 -20.10 -11.12
C TYR A 1472 8.48 -19.76 -9.89
N MET A 1473 9.36 -18.74 -9.99
CA MET A 1473 9.97 -18.17 -8.81
C MET A 1473 9.06 -17.19 -8.10
N TYR A 1474 7.91 -16.85 -8.69
CA TYR A 1474 6.90 -16.10 -7.98
C TYR A 1474 6.43 -16.83 -6.73
N ILE A 1475 6.55 -18.17 -6.75
CA ILE A 1475 6.13 -18.97 -5.61
C ILE A 1475 6.99 -18.68 -4.40
N TYR A 1476 8.28 -18.39 -4.60
CA TYR A 1476 9.14 -17.98 -3.50
C TYR A 1476 8.58 -16.75 -2.79
N PHE A 1477 8.19 -15.74 -3.57
CA PHE A 1477 7.67 -14.51 -2.99
C PHE A 1477 6.30 -14.74 -2.36
N VAL A 1478 5.47 -15.60 -2.97
CA VAL A 1478 4.16 -15.91 -2.38
C VAL A 1478 4.35 -16.56 -1.02
N VAL A 1479 5.26 -17.53 -0.93
CA VAL A 1479 5.52 -18.22 0.33
C VAL A 1479 6.09 -17.25 1.36
N PHE A 1480 6.99 -16.35 0.93
CA PHE A 1480 7.54 -15.39 1.87
C PHE A 1480 6.48 -14.43 2.38
N ILE A 1481 5.57 -14.00 1.51
CA ILE A 1481 4.50 -13.12 1.97
C ILE A 1481 3.57 -13.85 2.92
N ILE A 1482 3.34 -15.14 2.68
CA ILE A 1482 2.50 -15.92 3.58
C ILE A 1482 3.16 -16.07 4.94
N PHE A 1483 4.45 -16.38 4.99
CA PHE A 1483 5.11 -16.73 6.25
C PHE A 1483 5.78 -15.52 6.91
N GLY A 1484 6.76 -14.93 6.23
CA GLY A 1484 7.52 -13.83 6.79
C GLY A 1484 6.81 -12.49 6.81
N SER A 1485 5.62 -12.40 6.22
CA SER A 1485 4.83 -11.18 6.26
C SER A 1485 3.53 -11.36 7.04
N PHE A 1486 2.71 -12.34 6.67
CA PHE A 1486 1.43 -12.54 7.35
C PHE A 1486 1.63 -13.02 8.79
N PHE A 1487 2.45 -14.07 8.97
CA PHE A 1487 2.61 -14.65 10.29
C PHE A 1487 3.48 -13.77 11.19
N THR A 1488 4.53 -13.16 10.63
CA THR A 1488 5.37 -12.28 11.42
C THR A 1488 4.62 -11.01 11.82
N LEU A 1489 3.77 -10.50 10.93
CA LEU A 1489 2.92 -9.37 11.30
C LEU A 1489 1.94 -9.76 12.39
N ASN A 1490 1.39 -10.98 12.30
CA ASN A 1490 0.55 -11.50 13.38
C ASN A 1490 1.29 -11.48 14.71
N LEU A 1491 2.52 -12.01 14.71
CA LEU A 1491 3.31 -12.05 15.95
C LEU A 1491 3.63 -10.65 16.45
N PHE A 1492 4.00 -9.75 15.54
CA PHE A 1492 4.30 -8.36 15.92
C PHE A 1492 3.11 -7.72 16.63
N ILE A 1493 1.95 -7.75 15.99
CA ILE A 1493 0.77 -7.10 16.59
C ILE A 1493 0.40 -7.77 17.90
N GLY A 1494 0.42 -9.10 17.93
CA GLY A 1494 0.05 -9.80 19.15
C GLY A 1494 0.94 -9.44 20.32
N VAL A 1495 2.26 -9.48 20.12
CA VAL A 1495 3.17 -9.22 21.22
C VAL A 1495 3.13 -7.76 21.64
N ILE A 1496 3.05 -6.83 20.67
CA ILE A 1496 3.04 -5.41 21.04
C ILE A 1496 1.76 -5.06 21.79
N ILE A 1497 0.61 -5.57 21.34
CA ILE A 1497 -0.64 -5.29 22.05
C ILE A 1497 -0.64 -5.98 23.41
N ASP A 1498 -0.03 -7.17 23.52
CA ASP A 1498 0.09 -7.81 24.81
C ASP A 1498 0.92 -6.97 25.77
N ASN A 1499 2.03 -6.41 25.29
CA ASN A 1499 2.86 -5.55 26.14
C ASN A 1499 2.10 -4.31 26.57
N PHE A 1500 1.34 -3.70 25.64
CA PHE A 1500 0.54 -2.53 26.00
C PHE A 1500 -0.51 -2.87 27.04
N ASN A 1501 -1.17 -4.02 26.90
CA ASN A 1501 -2.16 -4.45 27.88
C ASN A 1501 -1.53 -4.72 29.24
N GLN A 1502 -0.34 -5.34 29.24
CA GLN A 1502 0.37 -5.56 30.50
C GLN A 1502 0.72 -4.24 31.17
N GLN A 1503 1.18 -3.26 30.39
CA GLN A 1503 1.47 -1.94 30.95
C GLN A 1503 0.21 -1.30 31.52
N LYS A 1504 -0.91 -1.41 30.79
CA LYS A 1504 -2.15 -0.81 31.27
C LYS A 1504 -2.63 -1.46 32.56
N LYS A 1505 -2.54 -2.79 32.65
CA LYS A 1505 -3.01 -3.48 33.84
C LYS A 1505 -2.04 -3.32 35.02
N LYS A 1506 -0.77 -3.03 34.75
CA LYS A 1506 0.18 -2.79 35.84
C LYS A 1506 -0.16 -1.50 36.57
N LEU A 1507 -0.60 -0.47 35.84
CA LEU A 1507 -0.93 0.81 36.45
C LEU A 1507 -2.25 0.79 37.21
N GLY A 1508 -3.08 -0.23 37.00
CA GLY A 1508 -4.35 -0.34 37.69
C GLY A 1508 -5.58 -0.16 36.82
N GLY A 1509 -5.42 0.01 35.52
CA GLY A 1509 -6.56 0.15 34.63
C GLY A 1509 -6.77 1.57 34.12
N GLN A 1510 -5.67 2.26 33.81
CA GLN A 1510 -5.72 3.61 33.25
C GLN A 1510 -4.98 3.63 31.92
N ASP A 1511 -5.42 4.53 31.04
CA ASP A 1511 -4.80 4.64 29.72
C ASP A 1511 -3.35 5.07 29.85
N ILE A 1512 -2.48 4.43 29.06
CA ILE A 1512 -1.05 4.69 29.12
C ILE A 1512 -0.60 5.73 28.10
N PHE A 1513 -1.54 6.31 27.34
CA PHE A 1513 -1.22 7.31 26.33
C PHE A 1513 -1.78 8.69 26.66
N MET A 1514 -2.38 8.88 27.82
CA MET A 1514 -3.01 10.14 28.19
C MET A 1514 -2.37 10.69 29.45
N THR A 1515 -2.16 12.01 29.47
CA THR A 1515 -1.59 12.67 30.63
C THR A 1515 -2.58 12.67 31.79
N GLU A 1516 -2.08 13.06 32.97
CA GLU A 1516 -2.93 13.10 34.16
C GLU A 1516 -4.05 14.11 33.99
N GLU A 1517 -3.74 15.29 33.43
CA GLU A 1517 -4.78 16.27 33.18
C GLU A 1517 -5.75 15.83 32.10
N GLN A 1518 -5.26 15.08 31.11
CA GLN A 1518 -6.13 14.61 30.04
C GLN A 1518 -7.16 13.61 30.54
N LYS A 1519 -6.86 12.89 31.63
CA LYS A 1519 -7.80 11.89 32.13
C LYS A 1519 -9.08 12.53 32.67
N LYS A 1520 -8.97 13.69 33.32
CA LYS A 1520 -10.16 14.38 33.81
C LYS A 1520 -11.06 14.81 32.67
N TYR A 1521 -10.47 15.38 31.62
CA TYR A 1521 -11.26 15.75 30.44
C TYR A 1521 -11.85 14.52 29.78
N TYR A 1522 -11.10 13.42 29.74
CA TYR A 1522 -11.62 12.16 29.19
C TYR A 1522 -12.86 11.71 29.95
N ASN A 1523 -12.80 11.72 31.28
CA ASN A 1523 -13.95 11.31 32.07
C ASN A 1523 -15.13 12.24 31.87
N ALA A 1524 -14.91 13.55 31.88
CA ALA A 1524 -16.01 14.49 31.72
C ALA A 1524 -16.67 14.35 30.37
N MET A 1525 -15.87 14.32 29.30
CA MET A 1525 -16.39 14.22 27.95
C MET A 1525 -16.87 12.82 27.59
N LYS A 1526 -16.53 11.81 28.39
CA LYS A 1526 -17.19 10.51 28.28
C LYS A 1526 -18.56 10.55 28.94
N LYS A 1527 -18.67 11.25 30.08
CA LYS A 1527 -19.97 11.44 30.71
C LYS A 1527 -20.88 12.31 29.86
N LEU A 1528 -20.32 13.15 28.99
CA LEU A 1528 -21.13 13.98 28.11
C LEU A 1528 -21.98 13.15 27.15
N GLY A 1529 -21.60 11.90 26.89
CA GLY A 1529 -22.34 11.07 25.96
C GLY A 1529 -23.19 10.01 26.63
N SER A 1530 -23.59 10.23 27.88
CA SER A 1530 -24.36 9.26 28.62
C SER A 1530 -25.62 9.82 29.27
N LYS A 1531 -25.82 11.14 29.27
CA LYS A 1531 -27.01 11.73 29.89
C LYS A 1531 -28.23 11.44 29.02
N LYS A 1532 -29.00 10.43 29.41
CA LYS A 1532 -30.17 10.02 28.64
C LYS A 1532 -31.36 10.97 28.81
N PRO A 1533 -31.86 11.20 30.03
CA PRO A 1533 -33.12 11.96 30.16
C PRO A 1533 -32.90 13.46 30.31
N GLN A 1534 -33.81 14.22 29.69
CA GLN A 1534 -33.81 15.67 29.78
C GLN A 1534 -35.24 16.16 29.85
N LYS A 1535 -35.41 17.40 30.33
CA LYS A 1535 -36.73 18.00 30.37
C LYS A 1535 -37.24 18.23 28.96
N PRO A 1536 -38.51 17.89 28.67
CA PRO A 1536 -39.00 17.84 27.28
C PRO A 1536 -39.55 19.17 26.76
N ILE A 1537 -38.79 20.24 26.95
CA ILE A 1537 -39.02 21.53 26.28
C ILE A 1537 -40.47 21.99 26.44
N PRO A 1538 -40.85 22.52 27.59
CA PRO A 1538 -42.27 22.82 27.85
C PRO A 1538 -42.89 23.69 26.76
N ARG A 1539 -44.13 23.35 26.40
CA ARG A 1539 -44.78 23.99 25.27
C ARG A 1539 -45.19 25.43 25.60
N PRO A 1540 -45.09 26.35 24.65
CA PRO A 1540 -45.49 27.73 24.92
C PRO A 1540 -46.99 27.85 25.14
N GLY A 1541 -47.36 28.85 25.94
CA GLY A 1541 -48.76 29.01 26.32
C GLY A 1541 -49.65 29.42 25.16
N ASN A 1542 -49.14 30.24 24.26
CA ASN A 1542 -49.98 30.86 23.22
C ASN A 1542 -50.34 29.83 22.15
N LYS A 1543 -50.98 30.29 21.07
CA LYS A 1543 -51.62 29.40 20.11
C LYS A 1543 -50.71 29.06 18.93
N ILE A 1544 -50.23 30.07 18.20
CA ILE A 1544 -49.52 29.81 16.95
C ILE A 1544 -48.15 29.17 17.23
N GLN A 1545 -47.46 29.63 18.27
CA GLN A 1545 -46.18 29.03 18.58
C GLN A 1545 -46.33 27.59 19.06
N GLY A 1546 -47.42 27.27 19.77
CA GLY A 1546 -47.68 25.87 20.08
C GLY A 1546 -48.03 25.05 18.86
N CYS A 1547 -48.80 25.64 17.94
CA CYS A 1547 -49.25 24.94 16.74
C CYS A 1547 -48.11 24.70 15.76
N ILE A 1548 -47.01 25.44 15.88
CA ILE A 1548 -45.80 25.09 15.13
C ILE A 1548 -44.77 24.34 15.99
N PHE A 1549 -44.91 24.40 17.32
CA PHE A 1549 -44.05 23.61 18.20
C PHE A 1549 -44.36 22.12 18.07
N ASP A 1550 -45.64 21.75 18.13
CA ASP A 1550 -46.00 20.35 17.96
C ASP A 1550 -45.61 19.85 16.58
N LEU A 1551 -45.56 20.74 15.59
CA LEU A 1551 -45.01 20.38 14.29
C LEU A 1551 -43.50 20.17 14.37
N VAL A 1552 -42.81 20.97 15.19
CA VAL A 1552 -41.37 20.81 15.37
C VAL A 1552 -41.06 19.46 15.99
N THR A 1553 -41.77 19.10 17.05
CA THR A 1553 -41.43 17.90 17.83
C THR A 1553 -41.85 16.62 17.13
N ASN A 1554 -42.67 16.71 16.08
CA ASN A 1554 -43.08 15.52 15.36
C ASN A 1554 -41.87 14.85 14.71
N GLN A 1555 -41.81 13.52 14.83
CA GLN A 1555 -40.70 12.77 14.24
C GLN A 1555 -40.76 12.83 12.70
N ALA A 1556 -41.94 12.99 12.13
CA ALA A 1556 -42.06 13.14 10.69
C ALA A 1556 -41.31 14.37 10.21
N PHE A 1557 -41.29 15.43 11.01
CA PHE A 1557 -40.51 16.62 10.66
C PHE A 1557 -39.03 16.29 10.55
N ASP A 1558 -38.50 15.53 11.51
CA ASP A 1558 -37.09 15.16 11.47
C ASP A 1558 -36.79 14.25 10.29
N ILE A 1559 -37.67 13.31 9.99
CA ILE A 1559 -37.48 12.44 8.82
C ILE A 1559 -37.49 13.26 7.54
N SER A 1560 -38.41 14.23 7.43
CA SER A 1560 -38.45 15.08 6.25
C SER A 1560 -37.18 15.91 6.12
N ILE A 1561 -36.67 16.44 7.23
CA ILE A 1561 -35.43 17.22 7.17
C ILE A 1561 -34.26 16.33 6.75
N MET A 1562 -34.23 15.08 7.24
CA MET A 1562 -33.18 14.16 6.84
C MET A 1562 -33.27 13.86 5.34
N VAL A 1563 -34.48 13.68 4.81
CA VAL A 1563 -34.65 13.44 3.39
C VAL A 1563 -34.18 14.66 2.59
N LEU A 1564 -34.49 15.87 3.08
CA LEU A 1564 -34.04 17.08 2.41
C LEU A 1564 -32.52 17.18 2.40
N ILE A 1565 -31.88 16.80 3.51
CA ILE A 1565 -30.42 16.79 3.58
C ILE A 1565 -29.85 15.81 2.56
N CYS A 1566 -30.47 14.63 2.46
CA CYS A 1566 -30.02 13.65 1.46
C CYS A 1566 -30.16 14.19 0.05
N LEU A 1567 -31.26 14.88 -0.23
CA LEU A 1567 -31.46 15.47 -1.55
C LEU A 1567 -30.41 16.55 -1.84
N ASN A 1568 -30.10 17.37 -0.85
CA ASN A 1568 -29.04 18.36 -1.02
C ASN A 1568 -27.70 17.70 -1.28
N MET A 1569 -27.41 16.61 -0.57
CA MET A 1569 -26.22 15.82 -0.85
C MET A 1569 -26.18 15.37 -2.30
N VAL A 1570 -27.31 14.84 -2.79
CA VAL A 1570 -27.37 14.34 -4.16
C VAL A 1570 -27.10 15.47 -5.15
N THR A 1571 -27.73 16.63 -4.94
CA THR A 1571 -27.49 17.78 -5.82
C THR A 1571 -26.05 18.23 -5.76
N MET A 1572 -25.37 18.00 -4.63
CA MET A 1572 -23.93 18.25 -4.60
C MET A 1572 -23.17 17.23 -5.45
N MET A 1573 -23.57 15.96 -5.40
CA MET A 1573 -22.85 14.94 -6.16
C MET A 1573 -23.02 15.10 -7.66
N VAL A 1574 -24.16 15.64 -8.12
CA VAL A 1574 -24.39 15.70 -9.56
C VAL A 1574 -23.49 16.70 -10.28
N GLU A 1575 -22.70 17.49 -9.56
CA GLU A 1575 -21.78 18.41 -10.20
C GLU A 1575 -20.63 17.67 -10.86
N LYS A 1576 -20.11 18.24 -11.94
CA LYS A 1576 -19.03 17.62 -12.69
C LYS A 1576 -18.28 18.69 -13.46
N GLU A 1577 -17.12 18.29 -14.00
CA GLU A 1577 -16.24 19.22 -14.69
C GLU A 1577 -16.80 19.60 -16.05
N GLY A 1578 -16.84 20.89 -16.33
CA GLY A 1578 -17.31 21.38 -17.62
C GLY A 1578 -18.74 20.98 -17.94
N GLN A 1579 -19.62 21.01 -16.95
CA GLN A 1579 -20.99 20.53 -17.13
C GLN A 1579 -21.75 21.36 -18.15
N SER A 1580 -22.02 22.62 -17.83
CA SER A 1580 -22.76 23.55 -18.68
C SER A 1580 -22.86 24.88 -17.95
N GLN A 1581 -23.37 25.89 -18.65
CA GLN A 1581 -23.75 27.12 -17.99
C GLN A 1581 -25.17 27.05 -17.45
N HIS A 1582 -26.06 26.38 -18.18
CA HIS A 1582 -27.42 26.17 -17.68
C HIS A 1582 -27.44 25.30 -16.44
N MET A 1583 -26.65 24.22 -16.45
CA MET A 1583 -26.58 23.34 -15.29
C MET A 1583 -26.04 24.07 -14.07
N THR A 1584 -25.05 24.94 -14.27
CA THR A 1584 -24.49 25.69 -13.15
C THR A 1584 -25.55 26.58 -12.51
N GLU A 1585 -26.33 27.29 -13.32
CA GLU A 1585 -27.38 28.15 -12.79
C GLU A 1585 -28.48 27.35 -12.11
N VAL A 1586 -28.86 26.22 -12.70
CA VAL A 1586 -29.91 25.38 -12.10
C VAL A 1586 -29.45 24.86 -10.74
N LEU A 1587 -28.21 24.38 -10.67
CA LEU A 1587 -27.69 23.87 -9.40
C LEU A 1587 -27.54 24.98 -8.38
N TYR A 1588 -27.14 26.18 -8.82
CA TYR A 1588 -27.03 27.31 -7.90
C TYR A 1588 -28.39 27.66 -7.31
N TRP A 1589 -29.44 27.66 -8.14
CA TRP A 1589 -30.76 28.00 -7.64
C TRP A 1589 -31.32 26.89 -6.74
N ILE A 1590 -31.02 25.63 -7.07
CA ILE A 1590 -31.43 24.53 -6.20
C ILE A 1590 -30.76 24.65 -4.84
N ASN A 1591 -29.46 24.96 -4.82
CA ASN A 1591 -28.76 25.15 -3.56
C ASN A 1591 -29.30 26.34 -2.78
N VAL A 1592 -29.67 27.41 -3.49
CA VAL A 1592 -30.26 28.57 -2.83
C VAL A 1592 -31.58 28.19 -2.18
N VAL A 1593 -32.41 27.42 -2.89
CA VAL A 1593 -33.68 26.97 -2.32
C VAL A 1593 -33.44 26.09 -1.09
N PHE A 1594 -32.45 25.20 -1.17
CA PHE A 1594 -32.13 24.34 -0.03
C PHE A 1594 -31.68 25.16 1.17
N ILE A 1595 -30.83 26.18 0.94
CA ILE A 1595 -30.37 27.05 2.01
C ILE A 1595 -31.55 27.79 2.63
N ILE A 1596 -32.46 28.29 1.79
CA ILE A 1596 -33.63 29.01 2.28
C ILE A 1596 -34.49 28.10 3.14
N LEU A 1597 -34.70 26.86 2.69
CA LEU A 1597 -35.52 25.91 3.46
C LEU A 1597 -34.87 25.57 4.79
N PHE A 1598 -33.55 25.36 4.80
CA PHE A 1598 -32.87 25.04 6.05
C PHE A 1598 -32.90 26.21 7.01
N THR A 1599 -32.70 27.43 6.50
CA THR A 1599 -32.78 28.61 7.36
C THR A 1599 -34.18 28.80 7.90
N GLY A 1600 -35.20 28.53 7.08
CA GLY A 1600 -36.57 28.61 7.55
C GLY A 1600 -36.87 27.59 8.63
N GLU A 1601 -36.36 26.37 8.47
CA GLU A 1601 -36.52 25.36 9.51
C GLU A 1601 -35.85 25.79 10.80
N CYS A 1602 -34.63 26.36 10.71
CA CYS A 1602 -33.94 26.83 11.91
C CYS A 1602 -34.70 27.97 12.58
N VAL A 1603 -35.22 28.91 11.80
CA VAL A 1603 -35.95 30.04 12.37
C VAL A 1603 -37.25 29.57 13.01
N LEU A 1604 -37.97 28.68 12.35
CA LEU A 1604 -39.23 28.17 12.88
C LEU A 1604 -38.98 27.29 14.11
N LYS A 1605 -37.79 26.69 14.21
CA LYS A 1605 -37.37 26.06 15.45
C LYS A 1605 -37.08 27.10 16.53
N LEU A 1606 -36.75 28.33 16.13
CA LEU A 1606 -36.47 29.38 17.10
C LEU A 1606 -37.73 30.10 17.55
N ILE A 1607 -38.76 30.13 16.71
CA ILE A 1607 -40.04 30.69 17.13
C ILE A 1607 -40.62 29.87 18.28
N SER A 1608 -40.56 28.55 18.17
CA SER A 1608 -40.81 27.64 19.28
C SER A 1608 -39.51 27.44 20.06
N LEU A 1609 -39.54 26.54 21.03
CA LEU A 1609 -38.36 26.20 21.81
C LEU A 1609 -37.68 27.47 22.33
N ARG A 1610 -38.49 28.36 22.91
CA ARG A 1610 -38.05 29.73 23.19
C ARG A 1610 -36.81 29.72 24.09
N HIS A 1611 -35.66 30.09 23.51
CA HIS A 1611 -34.37 30.14 24.18
C HIS A 1611 -33.94 28.77 24.70
N TYR A 1612 -34.76 27.74 24.47
CA TYR A 1612 -34.41 26.38 24.85
C TYR A 1612 -33.76 25.66 23.68
N TYR A 1613 -33.73 26.33 22.53
CA TYR A 1613 -33.11 25.74 21.35
C TYR A 1613 -31.60 25.58 21.54
N PHE A 1614 -30.98 26.51 22.27
CA PHE A 1614 -29.54 26.51 22.44
C PHE A 1614 -29.06 25.58 23.54
N THR A 1615 -29.98 24.85 24.20
CA THR A 1615 -29.56 23.88 25.20
C THR A 1615 -28.93 22.66 24.54
N VAL A 1616 -29.54 22.14 23.48
CA VAL A 1616 -29.04 20.95 22.80
C VAL A 1616 -27.84 21.31 21.95
N GLY A 1617 -26.77 20.52 22.06
CA GLY A 1617 -25.57 20.78 21.28
C GLY A 1617 -25.79 20.61 19.79
N TRP A 1618 -26.62 19.63 19.40
CA TRP A 1618 -26.90 19.42 17.99
C TRP A 1618 -27.67 20.59 17.38
N ASN A 1619 -28.56 21.20 18.14
CA ASN A 1619 -29.25 22.39 17.65
C ASN A 1619 -28.29 23.55 17.48
N ILE A 1620 -27.32 23.68 18.38
CA ILE A 1620 -26.26 24.68 18.20
C ILE A 1620 -25.48 24.39 16.93
N PHE A 1621 -25.19 23.11 16.68
CA PHE A 1621 -24.47 22.76 15.46
C PHE A 1621 -25.28 23.14 14.22
N ASP A 1622 -26.58 22.89 14.23
CA ASP A 1622 -27.42 23.23 13.08
C ASP A 1622 -27.47 24.75 12.88
N PHE A 1623 -27.61 25.51 13.97
CA PHE A 1623 -27.60 26.97 13.88
C PHE A 1623 -26.30 27.48 13.28
N VAL A 1624 -25.17 26.97 13.79
CA VAL A 1624 -23.87 27.39 13.28
C VAL A 1624 -23.73 27.01 11.82
N VAL A 1625 -24.21 25.83 11.44
CA VAL A 1625 -24.08 25.34 10.07
C VAL A 1625 -24.85 26.24 9.11
N VAL A 1626 -26.08 26.60 9.47
CA VAL A 1626 -26.84 27.49 8.58
C VAL A 1626 -26.18 28.86 8.51
N ILE A 1627 -25.55 29.30 9.61
CA ILE A 1627 -24.82 30.57 9.58
C ILE A 1627 -23.68 30.49 8.57
N ILE A 1628 -22.88 29.43 8.62
CA ILE A 1628 -21.78 29.32 7.65
C ILE A 1628 -22.31 29.18 6.24
N SER A 1629 -23.44 28.49 6.07
CA SER A 1629 -24.00 28.31 4.73
C SER A 1629 -24.37 29.67 4.12
N ILE A 1630 -25.11 30.49 4.88
CA ILE A 1630 -25.51 31.80 4.38
C ILE A 1630 -24.29 32.67 4.12
N VAL A 1631 -23.35 32.70 5.09
CA VAL A 1631 -22.18 33.55 4.97
C VAL A 1631 -21.34 33.14 3.77
N GLY A 1632 -21.15 31.84 3.58
CA GLY A 1632 -20.36 31.36 2.46
C GLY A 1632 -21.01 31.62 1.12
N MET A 1633 -22.34 31.47 1.04
CA MET A 1633 -23.00 31.79 -0.22
C MET A 1633 -22.85 33.28 -0.56
N PHE A 1634 -23.05 34.15 0.42
CA PHE A 1634 -22.90 35.59 0.17
C PHE A 1634 -21.46 35.93 -0.19
N LEU A 1635 -20.49 35.33 0.52
CA LEU A 1635 -19.09 35.62 0.26
C LEU A 1635 -18.65 35.10 -1.09
N ALA A 1636 -19.15 33.92 -1.50
CA ALA A 1636 -18.82 33.41 -2.83
C ALA A 1636 -19.41 34.30 -3.92
N ASP A 1637 -20.64 34.79 -3.72
CA ASP A 1637 -21.20 35.74 -4.67
C ASP A 1637 -20.34 36.99 -4.76
N LEU A 1638 -19.93 37.53 -3.61
CA LEU A 1638 -19.12 38.74 -3.61
C LEU A 1638 -17.76 38.51 -4.26
N ILE A 1639 -17.16 37.34 -4.03
CA ILE A 1639 -15.86 37.03 -4.61
C ILE A 1639 -15.98 36.87 -6.12
N GLU A 1640 -17.03 36.19 -6.59
CA GLU A 1640 -17.18 35.98 -8.01
C GLU A 1640 -17.54 37.27 -8.75
N THR A 1641 -18.20 38.21 -8.07
CA THR A 1641 -18.60 39.46 -8.74
C THR A 1641 -17.54 40.55 -8.60
N TYR A 1642 -17.22 40.94 -7.38
CA TYR A 1642 -16.36 42.09 -7.10
C TYR A 1642 -14.88 41.74 -6.98
N PHE A 1643 -14.53 40.45 -6.96
CA PHE A 1643 -13.16 40.03 -6.70
C PHE A 1643 -12.70 39.04 -7.76
N VAL A 1644 -11.44 38.65 -7.68
CA VAL A 1644 -10.87 37.63 -8.57
C VAL A 1644 -9.99 36.70 -7.73
N SER A 1645 -10.52 35.53 -7.38
CA SER A 1645 -9.76 34.56 -6.59
C SER A 1645 -10.40 33.18 -6.73
N PRO A 1646 -10.03 32.39 -7.73
CA PRO A 1646 -10.67 31.08 -7.90
C PRO A 1646 -10.37 30.11 -6.76
N THR A 1647 -9.13 30.06 -6.30
CA THR A 1647 -8.77 29.11 -5.23
C THR A 1647 -9.49 29.44 -3.94
N LEU A 1648 -9.47 30.70 -3.52
CA LEU A 1648 -10.14 31.09 -2.29
C LEU A 1648 -11.65 30.97 -2.44
N PHE A 1649 -12.18 31.18 -3.67
CA PHE A 1649 -13.60 30.94 -3.91
C PHE A 1649 -13.96 29.48 -3.71
N ARG A 1650 -13.12 28.56 -4.21
CA ARG A 1650 -13.37 27.14 -3.99
C ARG A 1650 -13.31 26.78 -2.51
N VAL A 1651 -12.32 27.33 -1.80
CA VAL A 1651 -12.18 27.05 -0.37
C VAL A 1651 -13.41 27.56 0.39
N ILE A 1652 -13.89 28.74 0.05
CA ILE A 1652 -15.08 29.29 0.70
C ILE A 1652 -16.30 28.43 0.38
N ARG A 1653 -16.47 28.05 -0.89
CA ARG A 1653 -17.60 27.22 -1.27
C ARG A 1653 -17.56 25.85 -0.62
N LEU A 1654 -16.38 25.39 -0.22
CA LEU A 1654 -16.27 24.15 0.55
C LEU A 1654 -17.06 24.19 1.86
N ALA A 1655 -17.60 25.34 2.25
CA ALA A 1655 -18.31 25.46 3.51
C ALA A 1655 -19.68 24.79 3.49
N ARG A 1656 -20.26 24.55 2.31
CA ARG A 1656 -21.58 23.95 2.23
C ARG A 1656 -21.57 22.47 2.62
N ILE A 1657 -20.38 21.87 2.79
CA ILE A 1657 -20.30 20.49 3.26
C ILE A 1657 -20.90 20.37 4.66
N GLY A 1658 -20.90 21.45 5.43
CA GLY A 1658 -21.48 21.40 6.76
C GLY A 1658 -22.96 21.07 6.76
N ARG A 1659 -23.66 21.38 5.67
CA ARG A 1659 -25.08 21.06 5.59
C ARG A 1659 -25.31 19.55 5.60
N ILE A 1660 -24.49 18.79 4.88
CA ILE A 1660 -24.66 17.35 4.80
C ILE A 1660 -24.01 16.62 5.97
N LEU A 1661 -23.16 17.30 6.75
CA LEU A 1661 -22.62 16.72 7.96
C LEU A 1661 -23.66 16.56 9.05
N ARG A 1662 -24.84 17.15 8.87
CA ARG A 1662 -25.95 17.03 9.81
C ARG A 1662 -26.67 15.70 9.68
N LEU A 1663 -26.31 14.89 8.69
CA LEU A 1663 -26.87 13.55 8.50
C LEU A 1663 -26.56 12.61 9.66
N VAL A 1664 -25.57 12.96 10.49
CA VAL A 1664 -25.19 12.12 11.62
C VAL A 1664 -26.27 12.08 12.70
N LYS A 1665 -27.11 13.13 12.80
CA LYS A 1665 -28.13 13.19 13.84
C LYS A 1665 -29.00 11.94 13.85
N GLY A 1666 -29.52 11.55 12.69
CA GLY A 1666 -30.40 10.39 12.62
C GLY A 1666 -29.68 9.10 12.31
N ALA A 1667 -28.65 8.78 13.09
CA ALA A 1667 -27.91 7.54 12.92
C ALA A 1667 -27.19 7.15 14.20
N LYS A 1668 -27.66 6.08 14.85
CA LYS A 1668 -27.04 5.62 16.08
C LYS A 1668 -25.73 4.88 15.84
N GLY A 1669 -25.61 4.13 14.75
CA GLY A 1669 -24.38 3.43 14.44
C GLY A 1669 -23.23 4.36 14.13
N ILE A 1670 -23.49 5.41 13.34
CA ILE A 1670 -22.45 6.36 13.01
C ILE A 1670 -22.06 7.18 14.22
N ARG A 1671 -23.05 7.60 15.01
CA ARG A 1671 -22.78 8.44 16.17
C ARG A 1671 -21.91 7.72 17.20
N THR A 1672 -22.14 6.42 17.39
CA THR A 1672 -21.33 5.67 18.35
C THR A 1672 -19.87 5.61 17.93
N LEU A 1673 -19.60 5.34 16.64
CA LEU A 1673 -18.23 5.24 16.18
C LEU A 1673 -17.55 6.61 16.20
N LEU A 1674 -18.28 7.67 15.85
CA LEU A 1674 -17.70 9.00 15.95
C LEU A 1674 -17.44 9.39 17.40
N PHE A 1675 -18.30 8.93 18.32
CA PHE A 1675 -18.05 9.13 19.74
C PHE A 1675 -16.78 8.40 20.18
N ALA A 1676 -16.55 7.20 19.65
CA ALA A 1676 -15.31 6.49 19.93
C ALA A 1676 -14.10 7.27 19.40
N LEU A 1677 -14.23 7.86 18.21
CA LEU A 1677 -13.15 8.68 17.67
C LEU A 1677 -12.87 9.89 18.57
N MET A 1678 -13.93 10.55 19.03
CA MET A 1678 -13.72 11.68 19.94
C MET A 1678 -13.14 11.22 21.27
N MET A 1679 -13.48 10.01 21.71
CA MET A 1679 -12.86 9.43 22.89
C MET A 1679 -11.36 9.28 22.68
N SER A 1680 -10.96 8.77 21.52
CA SER A 1680 -9.57 8.49 21.22
C SER A 1680 -8.76 9.73 20.84
N LEU A 1681 -9.44 10.86 20.61
CA LEU A 1681 -8.74 12.08 20.18
C LEU A 1681 -7.55 12.51 21.04
N PRO A 1682 -7.61 12.54 22.38
CA PRO A 1682 -6.45 13.03 23.14
C PRO A 1682 -5.20 12.16 23.01
N ALA A 1683 -5.34 10.85 23.14
CA ALA A 1683 -4.18 9.96 22.96
C ALA A 1683 -3.64 10.07 21.54
N LEU A 1684 -4.54 10.21 20.57
CA LEU A 1684 -4.10 10.42 19.19
C LEU A 1684 -3.33 11.73 19.07
N PHE A 1685 -3.74 12.76 19.80
CA PHE A 1685 -3.00 14.02 19.78
C PHE A 1685 -1.61 13.86 20.34
N ASN A 1686 -1.48 13.14 21.46
CA ASN A 1686 -0.15 12.92 22.04
C ASN A 1686 0.75 12.12 21.09
N ILE A 1687 0.19 11.05 20.51
CA ILE A 1687 0.95 10.22 19.59
C ILE A 1687 1.36 11.02 18.36
N GLY A 1688 0.46 11.85 17.85
CA GLY A 1688 0.78 12.70 16.72
C GLY A 1688 1.82 13.75 17.03
N LEU A 1689 1.81 14.29 18.26
CA LEU A 1689 2.85 15.22 18.66
C LEU A 1689 4.22 14.55 18.66
N LEU A 1690 4.29 13.32 19.21
CA LEU A 1690 5.56 12.60 19.18
C LEU A 1690 5.97 12.29 17.74
N LEU A 1691 5.02 11.89 16.90
CA LEU A 1691 5.32 11.58 15.51
C LEU A 1691 5.81 12.81 14.77
N PHE A 1692 5.22 13.98 15.06
CA PHE A 1692 5.67 15.21 14.42
C PHE A 1692 7.08 15.60 14.89
N LEU A 1693 7.38 15.37 16.16
CA LEU A 1693 8.75 15.63 16.64
C LEU A 1693 9.76 14.73 15.91
N VAL A 1694 9.43 13.44 15.78
CA VAL A 1694 10.32 12.52 15.08
C VAL A 1694 10.45 12.93 13.62
N MET A 1695 9.34 13.33 13.00
CA MET A 1695 9.38 13.78 11.61
C MET A 1695 10.24 15.03 11.45
N PHE A 1696 10.15 15.95 12.40
CA PHE A 1696 10.99 17.15 12.37
C PHE A 1696 12.47 16.79 12.45
N ILE A 1697 12.82 15.88 13.35
CA ILE A 1697 14.22 15.48 13.49
C ILE A 1697 14.71 14.82 12.20
N TYR A 1698 13.90 13.92 11.64
CA TYR A 1698 14.29 13.26 10.40
C TYR A 1698 14.33 14.23 9.23
N ALA A 1699 13.50 15.26 9.24
CA ALA A 1699 13.54 16.28 8.19
C ALA A 1699 14.82 17.07 8.25
N ILE A 1700 15.24 17.48 9.45
CA ILE A 1700 16.52 18.19 9.57
C ILE A 1700 17.67 17.29 9.11
N PHE A 1701 17.64 16.01 9.50
CA PHE A 1701 18.68 15.09 9.06
C PHE A 1701 18.68 14.93 7.54
N GLY A 1702 17.50 14.83 6.93
CA GLY A 1702 17.44 14.67 5.48
C GLY A 1702 17.91 15.91 4.75
N MET A 1703 17.56 17.10 5.26
CA MET A 1703 18.10 18.32 4.68
C MET A 1703 19.62 18.36 4.79
N SER A 1704 20.15 17.92 5.92
CA SER A 1704 21.60 17.91 6.09
C SER A 1704 22.27 16.93 5.12
N ASN A 1705 21.66 15.76 4.89
CA ASN A 1705 22.34 14.67 4.20
C ASN A 1705 22.00 14.58 2.71
N PHE A 1706 20.71 14.41 2.39
CA PHE A 1706 20.29 14.04 1.03
C PHE A 1706 19.82 15.22 0.21
N ALA A 1707 20.27 16.44 0.52
CA ALA A 1707 19.79 17.61 -0.20
C ALA A 1707 20.39 17.73 -1.59
N TYR A 1708 21.45 16.99 -1.90
CA TYR A 1708 22.14 17.12 -3.18
C TYR A 1708 22.21 15.82 -3.98
N VAL A 1709 21.44 14.79 -3.59
CA VAL A 1709 21.49 13.54 -4.32
C VAL A 1709 20.86 13.73 -5.70
N LYS A 1710 21.18 12.80 -6.61
CA LYS A 1710 20.67 12.87 -7.97
C LYS A 1710 19.15 12.80 -7.98
N LYS A 1711 18.54 13.59 -8.86
CA LYS A 1711 17.08 13.65 -8.95
C LYS A 1711 16.62 12.52 -9.85
N GLU A 1712 16.31 11.38 -9.24
CA GLU A 1712 15.85 10.20 -9.95
C GLU A 1712 14.95 9.40 -9.03
N ASP A 1713 14.16 8.50 -9.63
CA ASP A 1713 13.25 7.61 -8.91
C ASP A 1713 12.26 8.48 -8.14
N GLY A 1714 12.19 8.39 -6.81
CA GLY A 1714 11.19 9.14 -6.06
C GLY A 1714 11.55 10.57 -5.78
N ILE A 1715 12.81 10.95 -5.93
CA ILE A 1715 13.24 12.34 -5.74
C ILE A 1715 13.26 13.05 -7.09
N ASN A 1716 12.49 14.12 -7.19
CA ASN A 1716 12.37 14.90 -8.41
C ASN A 1716 12.42 16.38 -8.04
N ASP A 1717 12.07 17.24 -8.99
CA ASP A 1717 12.13 18.68 -8.77
C ASP A 1717 11.18 19.15 -7.68
N MET A 1718 10.19 18.34 -7.31
CA MET A 1718 9.15 18.74 -6.38
C MET A 1718 9.17 17.98 -5.06
N PHE A 1719 9.69 16.76 -5.04
CA PHE A 1719 9.69 15.91 -3.84
C PHE A 1719 11.13 15.50 -3.56
N ASN A 1720 11.80 16.29 -2.72
CA ASN A 1720 13.22 16.07 -2.44
C ASN A 1720 13.47 16.47 -0.99
N PHE A 1721 14.76 16.58 -0.64
CA PHE A 1721 15.18 17.01 0.69
C PHE A 1721 15.93 18.35 0.63
N GLU A 1722 15.52 19.23 -0.28
CA GLU A 1722 16.21 20.50 -0.45
C GLU A 1722 15.80 21.53 0.60
N THR A 1723 14.50 21.62 0.89
CA THR A 1723 13.99 22.55 1.89
C THR A 1723 13.22 21.77 2.95
N PHE A 1724 12.76 22.49 3.97
CA PHE A 1724 12.04 21.86 5.07
C PHE A 1724 10.68 21.33 4.62
N GLY A 1725 9.97 22.10 3.80
CA GLY A 1725 8.66 21.67 3.34
C GLY A 1725 8.72 20.41 2.49
N ASN A 1726 9.70 20.35 1.58
CA ASN A 1726 9.86 19.17 0.73
C ASN A 1726 10.17 17.93 1.56
N SER A 1727 11.07 18.06 2.53
CA SER A 1727 11.42 16.94 3.38
C SER A 1727 10.23 16.50 4.22
N MET A 1728 9.45 17.46 4.74
CA MET A 1728 8.25 17.11 5.49
C MET A 1728 7.25 16.37 4.61
N ILE A 1729 7.09 16.82 3.37
CA ILE A 1729 6.17 16.14 2.44
C ILE A 1729 6.62 14.70 2.20
N CYS A 1730 7.93 14.52 1.94
CA CYS A 1730 8.44 13.18 1.69
C CYS A 1730 8.29 12.28 2.92
N LEU A 1731 8.55 12.82 4.11
CA LEU A 1731 8.47 12.01 5.32
C LEU A 1731 7.02 11.67 5.66
N PHE A 1732 6.09 12.59 5.41
CA PHE A 1732 4.68 12.25 5.57
C PHE A 1732 4.28 11.15 4.59
N GLN A 1733 4.78 11.22 3.36
CA GLN A 1733 4.48 10.18 2.39
C GLN A 1733 4.98 8.81 2.84
N ILE A 1734 6.22 8.75 3.36
CA ILE A 1734 6.79 7.48 3.77
C ILE A 1734 6.43 7.08 5.20
N THR A 1735 5.68 7.91 5.92
CA THR A 1735 5.16 7.49 7.22
C THR A 1735 4.24 6.28 7.06
N THR A 1736 3.47 6.23 5.98
CA THR A 1736 2.71 5.05 5.61
C THR A 1736 3.55 4.02 4.87
N SER A 1737 4.86 4.25 4.76
CA SER A 1737 5.83 3.44 4.03
C SER A 1737 5.60 3.48 2.52
N ALA A 1738 4.79 4.40 2.02
CA ALA A 1738 4.48 4.46 0.60
C ALA A 1738 5.65 5.09 -0.16
N GLY A 1739 6.26 4.32 -1.04
CA GLY A 1739 7.31 4.85 -1.89
C GLY A 1739 8.64 5.10 -1.21
N TRP A 1740 8.91 4.45 -0.08
CA TRP A 1740 10.20 4.63 0.57
C TRP A 1740 11.32 4.01 -0.26
N ASP A 1741 11.00 2.99 -1.07
CA ASP A 1741 12.00 2.43 -1.97
C ASP A 1741 12.45 3.46 -3.01
N GLY A 1742 11.50 4.24 -3.54
CA GLY A 1742 11.85 5.24 -4.52
C GLY A 1742 12.71 6.34 -3.95
N LEU A 1743 12.45 6.73 -2.70
CA LEU A 1743 13.29 7.72 -2.05
C LEU A 1743 14.67 7.15 -1.73
N LEU A 1744 14.74 5.88 -1.35
CA LEU A 1744 16.02 5.29 -0.99
C LEU A 1744 16.90 5.01 -2.22
N ALA A 1745 16.27 4.75 -3.37
CA ALA A 1745 17.02 4.28 -4.53
C ALA A 1745 18.15 5.22 -4.97
N PRO A 1746 17.95 6.53 -5.14
CA PRO A 1746 19.07 7.37 -5.58
C PRO A 1746 20.12 7.60 -4.50
N ILE A 1747 19.77 7.39 -3.23
CA ILE A 1747 20.76 7.47 -2.16
C ILE A 1747 21.65 6.24 -2.14
N LEU A 1748 21.19 5.14 -2.75
CA LEU A 1748 21.98 3.91 -2.74
C LEU A 1748 23.20 4.01 -3.64
N ASN A 1749 23.10 4.71 -4.77
CA ASN A 1749 24.24 4.85 -5.67
C ASN A 1749 25.27 5.82 -5.09
N SER A 1750 26.53 5.40 -5.11
CA SER A 1750 27.58 6.17 -4.47
C SER A 1750 28.88 6.20 -5.27
N LYS A 1751 28.87 5.61 -6.47
CA LYS A 1751 30.09 5.54 -7.29
C LYS A 1751 29.75 5.84 -8.73
N PRO A 1752 30.70 6.32 -9.53
CA PRO A 1752 30.47 6.47 -10.97
C PRO A 1752 30.33 5.11 -11.63
N PRO A 1753 29.56 5.01 -12.71
CA PRO A 1753 28.83 6.07 -13.41
C PRO A 1753 27.45 6.32 -12.81
N ASP A 1754 27.16 5.73 -11.65
CA ASP A 1754 25.87 5.91 -11.01
C ASP A 1754 25.67 7.32 -10.47
N CYS A 1755 26.76 8.07 -10.24
CA CYS A 1755 26.63 9.46 -9.82
C CYS A 1755 27.87 10.21 -10.26
N ASP A 1756 27.97 11.46 -9.80
CA ASP A 1756 29.13 12.32 -10.04
C ASP A 1756 29.65 12.84 -8.70
N PRO A 1757 30.77 12.30 -8.20
CA PRO A 1757 31.29 12.77 -6.91
C PRO A 1757 31.88 14.17 -6.96
N LYS A 1758 31.98 14.79 -8.14
CA LYS A 1758 32.55 16.13 -8.28
C LYS A 1758 31.57 17.08 -8.95
N LYS A 1759 30.28 16.95 -8.67
CA LYS A 1759 29.28 17.84 -9.22
C LYS A 1759 29.48 19.25 -8.68
N VAL A 1760 29.07 20.25 -9.46
CA VAL A 1760 29.38 21.64 -9.13
C VAL A 1760 28.30 22.28 -8.28
N HIS A 1761 27.02 22.11 -8.64
CA HIS A 1761 25.90 22.68 -7.90
C HIS A 1761 26.02 24.19 -7.81
N PRO A 1762 25.76 24.92 -8.89
CA PRO A 1762 25.94 26.38 -8.88
C PRO A 1762 25.13 27.04 -7.77
N GLY A 1763 25.73 28.05 -7.14
CA GLY A 1763 25.13 28.72 -6.02
C GLY A 1763 25.49 28.14 -4.67
N SER A 1764 26.30 27.10 -4.61
CA SER A 1764 26.71 26.49 -3.35
C SER A 1764 28.11 25.91 -3.51
N SER A 1765 28.75 25.68 -2.36
CA SER A 1765 30.10 25.15 -2.32
C SER A 1765 30.15 23.64 -2.17
N VAL A 1766 29.00 22.98 -2.14
CA VAL A 1766 28.95 21.53 -2.00
C VAL A 1766 29.28 20.88 -3.34
N GLU A 1767 30.03 19.78 -3.28
CA GLU A 1767 30.39 19.02 -4.47
C GLU A 1767 29.96 17.57 -4.30
N GLY A 1768 29.59 16.94 -5.41
CA GLY A 1768 29.07 15.59 -5.40
C GLY A 1768 27.55 15.58 -5.41
N ASP A 1769 26.99 14.52 -6.01
CA ASP A 1769 25.55 14.45 -6.20
C ASP A 1769 25.01 13.05 -5.89
N CYS A 1770 25.69 12.30 -5.02
CA CYS A 1770 25.16 11.04 -4.56
C CYS A 1770 25.43 10.84 -3.07
N GLY A 1771 24.55 10.07 -2.44
CA GLY A 1771 24.53 9.95 -1.00
C GLY A 1771 25.26 8.74 -0.44
N ASN A 1772 25.17 8.57 0.88
CA ASN A 1772 25.82 7.49 1.60
C ASN A 1772 24.87 6.31 1.72
N PRO A 1773 25.16 5.15 1.13
CA PRO A 1773 24.25 4.00 1.26
C PRO A 1773 24.01 3.58 2.70
N SER A 1774 25.03 3.60 3.56
CA SER A 1774 24.85 3.19 4.94
C SER A 1774 23.92 4.15 5.67
N VAL A 1775 24.20 5.45 5.58
CA VAL A 1775 23.39 6.45 6.26
C VAL A 1775 21.97 6.44 5.72
N GLY A 1776 21.81 6.33 4.40
CA GLY A 1776 20.47 6.31 3.82
C GLY A 1776 19.67 5.09 4.22
N ILE A 1777 20.30 3.92 4.19
CA ILE A 1777 19.61 2.69 4.58
C ILE A 1777 19.19 2.76 6.04
N PHE A 1778 20.10 3.18 6.92
CA PHE A 1778 19.74 3.31 8.33
C PHE A 1778 18.60 4.32 8.49
N TYR A 1779 18.69 5.46 7.83
CA TYR A 1779 17.68 6.50 7.92
C TYR A 1779 16.31 5.96 7.56
N PHE A 1780 16.19 5.33 6.39
CA PHE A 1780 14.87 4.92 5.91
C PHE A 1780 14.34 3.72 6.67
N VAL A 1781 15.19 2.73 6.96
CA VAL A 1781 14.73 1.56 7.70
C VAL A 1781 14.30 1.95 9.11
N SER A 1782 15.09 2.79 9.79
CA SER A 1782 14.72 3.23 11.13
C SER A 1782 13.43 4.04 11.10
N TYR A 1783 13.28 4.93 10.12
CA TYR A 1783 12.06 5.73 10.08
C TYR A 1783 10.84 4.87 9.83
N ILE A 1784 10.91 3.92 8.89
CA ILE A 1784 9.73 3.10 8.63
C ILE A 1784 9.44 2.18 9.82
N ILE A 1785 10.47 1.68 10.51
CA ILE A 1785 10.23 0.86 11.69
C ILE A 1785 9.59 1.68 12.80
N ILE A 1786 10.07 2.91 13.02
CA ILE A 1786 9.49 3.76 14.05
C ILE A 1786 8.06 4.12 13.71
N SER A 1787 7.79 4.41 12.43
CA SER A 1787 6.42 4.70 12.01
C SER A 1787 5.51 3.51 12.22
N PHE A 1788 5.97 2.30 11.87
CA PHE A 1788 5.18 1.11 12.10
C PHE A 1788 4.90 0.91 13.59
N LEU A 1789 5.91 1.12 14.43
CA LEU A 1789 5.73 0.93 15.86
C LEU A 1789 4.78 1.98 16.44
N VAL A 1790 4.84 3.21 15.95
CA VAL A 1790 4.05 4.28 16.56
C VAL A 1790 2.67 4.33 15.95
N VAL A 1791 2.56 4.70 14.66
CA VAL A 1791 1.24 5.05 14.13
C VAL A 1791 0.35 3.82 14.09
N VAL A 1792 0.81 2.73 13.47
CA VAL A 1792 -0.05 1.56 13.30
C VAL A 1792 -0.42 0.97 14.65
N ASN A 1793 0.57 0.58 15.44
CA ASN A 1793 0.28 -0.06 16.72
C ASN A 1793 -0.58 0.82 17.63
N MET A 1794 -0.10 2.02 17.92
CA MET A 1794 -0.82 2.91 18.84
C MET A 1794 -2.22 3.26 18.35
N TYR A 1795 -2.35 3.61 17.07
CA TYR A 1795 -3.65 3.97 16.54
C TYR A 1795 -4.62 2.83 16.81
N ILE A 1796 -4.18 1.62 16.54
CA ILE A 1796 -5.03 0.46 16.77
C ILE A 1796 -5.39 0.26 18.24
N ALA A 1797 -4.40 0.29 19.12
CA ALA A 1797 -4.66 0.02 20.55
C ALA A 1797 -5.48 1.10 21.24
N VAL A 1798 -5.52 2.30 20.68
CA VAL A 1798 -6.20 3.37 21.30
C VAL A 1798 -7.54 3.38 20.68
N ILE A 1799 -7.62 3.07 19.41
CA ILE A 1799 -8.93 2.91 18.82
C ILE A 1799 -9.64 1.70 19.43
N LEU A 1800 -8.89 0.63 19.70
CA LEU A 1800 -9.48 -0.57 20.27
C LEU A 1800 -9.99 -0.32 21.69
N GLU A 1801 -9.17 0.35 22.51
CA GLU A 1801 -9.58 0.66 23.87
C GLU A 1801 -10.81 1.56 23.87
N ASN A 1802 -10.82 2.59 23.02
CA ASN A 1802 -11.96 3.51 23.02
C ASN A 1802 -13.21 2.87 22.42
N PHE A 1803 -13.04 1.97 21.45
CA PHE A 1803 -14.18 1.22 20.93
C PHE A 1803 -14.78 0.32 22.01
N SER A 1804 -13.92 -0.35 22.78
CA SER A 1804 -14.41 -1.16 23.89
C SER A 1804 -15.14 -0.30 24.91
N VAL A 1805 -14.60 0.88 25.21
CA VAL A 1805 -15.24 1.77 26.19
C VAL A 1805 -16.60 2.24 25.68
N ALA A 1806 -16.66 2.65 24.41
CA ALA A 1806 -17.88 3.24 23.86
C ALA A 1806 -18.93 2.20 23.48
N THR A 1807 -18.56 0.92 23.38
CA THR A 1807 -19.51 -0.13 23.05
C THR A 1807 -20.16 -0.74 24.27
N GLU A 1808 -20.21 -0.01 25.38
CA GLU A 1808 -20.87 -0.50 26.60
C GLU A 1808 -22.08 0.36 26.94
N GLY B 20 20.77 21.60 -5.81
CA GLY B 20 20.75 21.87 -7.24
C GLY B 20 21.32 23.23 -7.61
N CYS B 21 20.53 24.01 -8.35
CA CYS B 21 20.93 25.34 -8.81
C CYS B 21 20.19 26.39 -8.00
N VAL B 22 20.95 27.34 -7.45
CA VAL B 22 20.39 28.43 -6.65
C VAL B 22 20.93 29.74 -7.21
N GLU B 23 20.03 30.67 -7.54
CA GLU B 23 20.41 31.97 -8.08
C GLU B 23 20.83 32.87 -6.93
N VAL B 24 22.12 32.83 -6.60
CA VAL B 24 22.67 33.66 -5.55
C VAL B 24 23.13 34.99 -6.15
N ASP B 25 22.71 36.09 -5.55
CA ASP B 25 23.08 37.41 -6.03
C ASP B 25 24.56 37.66 -5.78
N SER B 26 25.12 38.58 -6.58
CA SER B 26 26.53 38.92 -6.49
C SER B 26 26.77 39.96 -5.42
N GLU B 27 27.96 39.91 -4.82
CA GLU B 27 28.36 40.93 -3.85
C GLU B 27 28.61 42.25 -4.58
N THR B 28 28.23 43.35 -3.94
CA THR B 28 28.27 44.66 -4.57
C THR B 28 29.48 45.49 -4.18
N GLU B 29 30.42 44.92 -3.43
CA GLU B 29 31.58 45.66 -2.94
C GLU B 29 32.86 44.95 -3.35
N ALA B 30 33.75 45.69 -4.00
CA ALA B 30 35.05 45.18 -4.41
C ALA B 30 36.15 45.98 -3.72
N VAL B 31 37.28 45.31 -3.46
CA VAL B 31 38.40 45.90 -2.73
C VAL B 31 39.54 46.11 -3.71
N TYR B 32 40.10 47.32 -3.71
CA TYR B 32 41.22 47.65 -4.58
C TYR B 32 42.39 46.71 -4.34
N GLY B 33 42.98 46.21 -5.42
CA GLY B 33 44.11 45.32 -5.36
C GLY B 33 43.77 43.86 -5.18
N MET B 34 42.66 43.58 -4.50
CA MET B 34 42.25 42.22 -4.24
C MET B 34 41.56 41.62 -5.46
N THR B 35 41.18 40.35 -5.34
CA THR B 35 40.47 39.64 -6.40
C THR B 35 38.98 39.61 -6.09
N PHE B 36 38.17 39.79 -7.14
CA PHE B 36 36.73 39.86 -6.99
C PHE B 36 36.04 38.96 -8.00
N LYS B 37 34.98 38.28 -7.55
CA LYS B 37 34.17 37.42 -8.39
C LYS B 37 32.77 37.99 -8.50
N ILE B 38 32.29 38.17 -9.72
CA ILE B 38 30.96 38.72 -9.97
C ILE B 38 30.04 37.55 -10.31
N LEU B 39 29.05 37.31 -9.46
CA LEU B 39 28.17 36.15 -9.61
C LEU B 39 27.09 36.43 -10.66
N CYS B 40 26.86 35.45 -11.53
CA CYS B 40 25.72 35.48 -12.45
C CYS B 40 25.27 34.05 -12.63
N ILE B 41 24.22 33.66 -11.90
CA ILE B 41 23.66 32.32 -11.98
C ILE B 41 22.24 32.44 -12.52
N SER B 42 21.96 31.73 -13.61
CA SER B 42 20.65 31.73 -14.26
C SER B 42 20.21 30.28 -14.41
N CYS B 43 19.43 29.79 -13.45
CA CYS B 43 19.01 28.41 -13.46
C CYS B 43 17.86 28.18 -14.42
N LYS B 44 17.80 26.98 -14.99
CA LYS B 44 16.69 26.60 -15.85
C LYS B 44 15.43 26.39 -15.00
N ARG B 45 14.27 26.60 -15.64
CA ARG B 45 13.00 26.39 -14.93
C ARG B 45 12.83 24.92 -14.56
N ARG B 46 13.21 24.01 -15.45
CA ARG B 46 13.23 22.58 -15.17
C ARG B 46 14.65 22.06 -15.37
N SER B 47 15.15 21.32 -14.39
CA SER B 47 16.56 20.95 -14.37
C SER B 47 16.90 19.82 -15.33
N GLU B 48 15.91 19.08 -15.82
CA GLU B 48 16.17 17.93 -16.69
C GLU B 48 16.14 18.29 -18.17
N THR B 49 15.92 19.55 -18.51
CA THR B 49 15.84 19.96 -19.91
C THR B 49 17.24 20.20 -20.48
N ASN B 50 17.36 19.99 -21.79
CA ASN B 50 18.62 20.14 -22.49
C ASN B 50 18.68 21.53 -23.12
N ALA B 51 19.82 22.21 -22.95
CA ALA B 51 19.97 23.56 -23.44
C ALA B 51 21.40 23.80 -23.89
N GLU B 52 21.57 24.76 -24.79
CA GLU B 52 22.88 25.21 -25.26
C GLU B 52 22.95 26.72 -25.03
N THR B 53 23.70 27.12 -24.01
CA THR B 53 23.69 28.48 -23.50
C THR B 53 25.04 29.16 -23.72
N PHE B 54 24.99 30.43 -24.08
CA PHE B 54 26.16 31.29 -24.11
C PHE B 54 25.79 32.63 -23.49
N THR B 55 26.80 33.35 -23.01
CA THR B 55 26.58 34.57 -22.25
C THR B 55 27.37 35.73 -22.85
N GLU B 56 26.84 36.93 -22.65
CA GLU B 56 27.51 38.16 -23.05
C GLU B 56 27.44 39.15 -21.89
N TRP B 57 28.57 39.81 -21.62
CA TRP B 57 28.68 40.76 -20.51
C TRP B 57 28.90 42.16 -21.06
N THR B 58 28.12 43.12 -20.56
CA THR B 58 28.28 44.52 -20.89
C THR B 58 28.47 45.31 -19.60
N PHE B 59 29.34 46.31 -19.65
CA PHE B 59 29.72 47.08 -18.48
C PHE B 59 29.60 48.57 -18.77
N ARG B 60 28.93 49.30 -17.87
CA ARG B 60 28.78 50.74 -17.96
C ARG B 60 29.46 51.36 -16.75
N GLN B 61 30.62 51.98 -16.97
CA GLN B 61 31.37 52.57 -15.88
C GLN B 61 30.62 53.77 -15.31
N LYS B 62 30.87 54.06 -14.03
CA LYS B 62 30.26 55.21 -13.40
C LYS B 62 30.72 56.50 -14.07
N GLY B 63 29.79 57.42 -14.25
CA GLY B 63 30.05 58.61 -15.04
C GLY B 63 29.96 58.41 -16.54
N THR B 64 29.61 57.21 -17.00
CA THR B 64 29.48 56.89 -18.41
C THR B 64 28.05 56.42 -18.66
N GLU B 65 27.56 56.68 -19.87
CA GLU B 65 26.16 56.40 -20.21
C GLU B 65 25.98 55.04 -20.87
N GLU B 66 26.71 54.77 -21.95
CA GLU B 66 26.46 53.58 -22.75
C GLU B 66 26.99 52.33 -22.06
N PHE B 67 26.30 51.21 -22.27
CA PHE B 67 26.70 49.91 -21.77
C PHE B 67 27.60 49.25 -22.81
N VAL B 68 28.90 49.43 -22.67
CA VAL B 68 29.85 48.82 -23.60
C VAL B 68 30.01 47.35 -23.27
N LYS B 69 30.35 46.55 -24.28
CA LYS B 69 30.55 45.12 -24.11
C LYS B 69 32.00 44.83 -23.74
N ILE B 70 32.19 43.85 -22.87
CA ILE B 70 33.51 43.51 -22.35
C ILE B 70 33.95 42.11 -22.72
N LEU B 71 33.05 41.14 -22.68
CA LEU B 71 33.44 39.76 -22.93
C LEU B 71 32.24 38.96 -23.44
N ARG B 72 32.52 37.76 -23.93
CA ARG B 72 31.52 36.83 -24.42
C ARG B 72 32.08 35.42 -24.30
N TYR B 73 31.28 34.50 -23.76
CA TYR B 73 31.69 33.13 -23.53
C TYR B 73 30.74 32.19 -24.27
N GLU B 74 31.30 31.37 -25.15
CA GLU B 74 30.50 30.44 -25.95
C GLU B 74 31.37 29.28 -26.38
N ASN B 75 30.80 28.07 -26.33
CA ASN B 75 31.49 26.85 -26.76
C ASN B 75 32.82 26.67 -26.02
N GLU B 76 32.78 26.88 -24.70
CA GLU B 76 33.89 26.59 -23.80
C GLU B 76 35.13 27.44 -24.04
N VAL B 77 35.00 28.52 -24.80
CA VAL B 77 36.11 29.43 -25.05
C VAL B 77 35.63 30.86 -24.76
N LEU B 78 36.39 31.58 -23.94
CA LEU B 78 36.06 32.94 -23.56
C LEU B 78 36.71 33.90 -24.54
N GLN B 79 35.90 34.66 -25.26
CA GLN B 79 36.39 35.69 -26.17
C GLN B 79 36.35 37.03 -25.45
N LEU B 80 37.51 37.64 -25.26
CA LEU B 80 37.63 38.91 -24.54
C LEU B 80 37.77 40.04 -25.53
N GLU B 81 36.90 41.05 -25.41
CA GLU B 81 36.93 42.19 -26.30
C GLU B 81 38.07 43.14 -25.90
N GLU B 82 38.22 44.21 -26.67
CA GLU B 82 39.26 45.21 -26.38
C GLU B 82 38.77 46.14 -25.28
N ASP B 83 39.50 46.18 -24.16
CA ASP B 83 39.13 47.05 -23.05
C ASP B 83 40.35 47.21 -22.15
N GLU B 84 40.84 48.44 -22.02
CA GLU B 84 41.96 48.68 -21.12
C GLU B 84 41.58 48.39 -19.67
N ARG B 85 40.31 48.55 -19.31
CA ARG B 85 39.86 48.28 -17.96
C ARG B 85 39.81 46.78 -17.65
N PHE B 86 39.84 45.94 -18.68
CA PHE B 86 39.73 44.49 -18.49
C PHE B 86 40.68 43.74 -19.41
N GLU B 87 41.85 44.32 -19.69
CA GLU B 87 42.74 43.74 -20.70
C GLU B 87 43.24 42.36 -20.28
N GLY B 88 43.66 42.22 -19.02
CA GLY B 88 44.18 40.95 -18.56
C GLY B 88 43.77 40.63 -17.14
N ARG B 89 42.63 41.18 -16.70
CA ARG B 89 42.16 41.02 -15.33
C ARG B 89 40.83 40.27 -15.26
N VAL B 90 40.45 39.54 -16.30
CA VAL B 90 39.19 38.80 -16.33
C VAL B 90 39.48 37.36 -16.73
N VAL B 91 39.01 36.42 -15.91
CA VAL B 91 39.03 35.00 -16.24
C VAL B 91 37.64 34.43 -15.99
N TRP B 92 37.36 33.31 -16.66
CA TRP B 92 36.05 32.67 -16.55
C TRP B 92 35.90 32.02 -15.18
N ASN B 93 34.73 32.21 -14.56
CA ASN B 93 34.42 31.64 -13.26
C ASN B 93 33.01 31.08 -13.24
N GLY B 94 32.58 30.50 -14.36
CA GLY B 94 31.25 29.94 -14.45
C GLY B 94 31.23 28.43 -14.65
N SER B 95 30.23 27.93 -15.36
CA SER B 95 30.11 26.50 -15.60
C SER B 95 31.23 26.02 -16.50
N ARG B 96 31.63 24.76 -16.30
CA ARG B 96 32.75 24.17 -17.00
C ARG B 96 32.34 22.85 -17.65
N GLY B 97 32.96 22.56 -18.78
CA GLY B 97 32.80 21.26 -19.43
C GLY B 97 31.39 20.96 -19.90
N THR B 98 30.65 21.97 -20.34
CA THR B 98 29.29 21.74 -20.80
C THR B 98 28.86 22.92 -21.67
N LYS B 99 27.78 22.69 -22.43
CA LYS B 99 27.15 23.74 -23.21
C LYS B 99 25.94 24.34 -22.50
N ASP B 100 25.45 23.71 -21.44
CA ASP B 100 24.35 24.23 -20.63
C ASP B 100 24.96 24.97 -19.46
N LEU B 101 25.04 26.30 -19.56
CA LEU B 101 25.71 27.12 -18.56
C LEU B 101 24.67 27.77 -17.66
N GLN B 102 24.51 27.23 -16.45
CA GLN B 102 23.70 27.86 -15.42
C GLN B 102 24.51 28.78 -14.52
N ASP B 103 25.83 28.85 -14.72
CA ASP B 103 26.71 29.74 -13.97
C ASP B 103 27.48 30.58 -14.98
N LEU B 104 27.20 31.89 -14.98
CA LEU B 104 27.82 32.80 -15.93
C LEU B 104 28.80 33.75 -15.25
N SER B 105 29.25 33.39 -14.04
CA SER B 105 30.08 34.29 -13.24
C SER B 105 31.45 34.49 -13.88
N ILE B 106 32.02 35.67 -13.65
CA ILE B 106 33.36 36.01 -14.10
C ILE B 106 34.19 36.42 -12.88
N PHE B 107 35.50 36.45 -13.08
CA PHE B 107 36.45 36.73 -12.02
C PHE B 107 37.32 37.91 -12.41
N ILE B 108 37.58 38.79 -11.45
CA ILE B 108 38.47 39.93 -11.63
C ILE B 108 39.71 39.68 -10.78
N THR B 109 40.86 39.55 -11.43
CA THR B 109 42.10 39.22 -10.73
C THR B 109 42.79 40.44 -10.13
N ASN B 110 42.40 41.65 -10.50
CA ASN B 110 43.01 42.86 -9.94
C ASN B 110 42.00 43.98 -10.06
N VAL B 111 41.35 44.32 -8.95
CA VAL B 111 40.30 45.34 -8.94
C VAL B 111 40.94 46.72 -9.00
N THR B 112 40.36 47.58 -9.82
CA THR B 112 40.80 48.96 -9.98
C THR B 112 39.61 49.89 -9.83
N TYR B 113 39.88 51.19 -9.65
CA TYR B 113 38.81 52.16 -9.53
C TYR B 113 37.96 52.24 -10.79
N ASN B 114 38.46 51.78 -11.93
CA ASN B 114 37.69 51.80 -13.17
C ASN B 114 36.66 50.68 -13.25
N HIS B 115 36.67 49.73 -12.32
CA HIS B 115 35.72 48.65 -12.31
C HIS B 115 34.43 49.00 -11.59
N SER B 116 34.32 50.19 -11.02
CA SER B 116 33.08 50.62 -10.40
C SER B 116 32.09 51.05 -11.47
N GLY B 117 30.89 50.45 -11.42
CA GLY B 117 29.89 50.76 -12.41
C GLY B 117 28.76 49.75 -12.35
N ASP B 118 27.99 49.70 -13.44
CA ASP B 118 26.86 48.79 -13.57
C ASP B 118 27.20 47.71 -14.58
N TYR B 119 27.09 46.46 -14.17
CA TYR B 119 27.32 45.31 -15.03
C TYR B 119 26.00 44.72 -15.49
N GLU B 120 26.00 44.18 -16.70
CA GLU B 120 24.84 43.48 -17.24
C GLU B 120 25.27 42.12 -17.74
N CYS B 121 24.55 41.08 -17.32
CA CYS B 121 24.88 39.70 -17.64
C CYS B 121 23.77 39.16 -18.54
N HIS B 122 23.99 39.20 -19.85
CA HIS B 122 23.03 38.69 -20.82
C HIS B 122 23.24 37.20 -21.00
N VAL B 123 22.16 36.43 -20.83
CA VAL B 123 22.19 34.97 -20.95
C VAL B 123 21.25 34.59 -22.08
N TYR B 124 21.76 33.85 -23.05
CA TYR B 124 20.99 33.39 -24.21
C TYR B 124 20.93 31.88 -24.17
N ARG B 125 19.79 31.33 -23.77
CA ARG B 125 19.60 29.90 -23.63
C ARG B 125 18.71 29.38 -24.74
N LEU B 126 19.15 28.30 -25.38
CA LEU B 126 18.39 27.66 -26.47
C LEU B 126 17.94 26.29 -25.98
N LEU B 127 16.67 26.18 -25.61
CA LEU B 127 16.12 24.92 -25.13
C LEU B 127 15.89 23.96 -26.30
N PHE B 128 15.97 22.67 -26.01
CA PHE B 128 15.77 21.62 -27.00
C PHE B 128 14.66 20.69 -26.50
N PHE B 129 13.63 20.52 -27.33
CA PHE B 129 12.50 19.68 -26.98
C PHE B 129 12.23 18.66 -28.08
N GLU B 130 11.09 17.97 -28.00
CA GLU B 130 10.76 16.90 -28.95
C GLU B 130 10.75 17.41 -30.38
N ASN B 131 9.82 18.31 -30.71
CA ASN B 131 9.79 18.97 -32.00
C ASN B 131 9.85 20.49 -31.83
N TYR B 132 10.39 20.95 -30.71
CA TYR B 132 10.33 22.34 -30.32
C TYR B 132 11.73 22.82 -29.96
N GLU B 133 12.03 24.07 -30.32
CA GLU B 133 13.31 24.69 -29.99
C GLU B 133 13.02 26.13 -29.56
N HIS B 134 13.24 26.42 -28.29
CA HIS B 134 12.88 27.72 -27.72
C HIS B 134 14.14 28.52 -27.43
N ASN B 135 14.12 29.80 -27.81
CA ASN B 135 15.26 30.71 -27.65
C ASN B 135 14.87 31.75 -26.60
N THR B 136 15.46 31.63 -25.42
CA THR B 136 15.17 32.52 -24.31
C THR B 136 16.28 33.55 -24.14
N SER B 137 16.07 34.47 -23.19
CA SER B 137 17.06 35.49 -22.88
C SER B 137 16.82 35.99 -21.47
N VAL B 138 17.90 36.06 -20.69
CA VAL B 138 17.85 36.54 -19.31
C VAL B 138 18.93 37.60 -19.12
N VAL B 139 18.57 38.72 -18.52
CA VAL B 139 19.49 39.82 -18.24
C VAL B 139 19.55 40.02 -16.74
N LYS B 140 20.76 40.05 -16.19
CA LYS B 140 20.98 40.30 -14.77
C LYS B 140 21.86 41.54 -14.62
N LYS B 141 21.44 42.44 -13.72
CA LYS B 141 22.13 43.70 -13.49
C LYS B 141 22.83 43.67 -12.15
N ILE B 142 24.13 44.00 -12.15
CA ILE B 142 24.96 43.93 -10.96
C ILE B 142 25.70 45.26 -10.81
N HIS B 143 25.71 45.79 -9.60
CA HIS B 143 26.36 47.07 -9.29
C HIS B 143 27.59 46.80 -8.44
N ILE B 144 28.76 47.24 -8.92
CA ILE B 144 30.03 47.09 -8.22
C ILE B 144 30.50 48.46 -7.75
N GLU B 145 30.87 48.56 -6.48
CA GLU B 145 31.47 49.76 -5.91
C GLU B 145 32.83 49.38 -5.33
N VAL B 146 33.90 49.86 -5.97
CA VAL B 146 35.25 49.55 -5.51
C VAL B 146 35.61 50.46 -4.34
N VAL B 147 36.12 49.88 -3.27
CA VAL B 147 36.50 50.62 -2.07
C VAL B 147 37.94 50.28 -1.72
N ASP B 148 38.59 51.20 -1.00
CA ASP B 148 39.97 51.00 -0.60
C ASP B 148 40.09 49.98 0.54
N LYS B 149 39.16 50.01 1.49
CA LYS B 149 39.16 49.08 2.61
C LYS B 149 37.82 48.37 2.68
N ALA B 150 37.87 47.06 2.92
CA ALA B 150 36.66 46.23 2.93
C ALA B 150 35.78 46.64 4.11
N ASN B 151 34.65 47.28 3.82
CA ASN B 151 33.70 47.63 4.86
C ASN B 151 33.05 46.37 5.42
N ARG B 152 32.64 46.44 6.69
CA ARG B 152 32.05 45.31 7.39
C ARG B 152 30.53 45.47 7.38
N ASP B 153 29.83 44.40 7.00
CA ASP B 153 28.40 44.48 6.73
C ASP B 153 27.63 44.86 7.99
N MET B 154 26.59 45.68 7.80
CA MET B 154 25.77 46.11 8.93
C MET B 154 24.95 44.97 9.53
N ALA B 155 24.70 43.91 8.76
CA ALA B 155 23.98 42.76 9.30
C ALA B 155 24.77 42.09 10.42
N SER B 156 26.09 41.96 10.23
CA SER B 156 26.93 41.35 11.26
C SER B 156 27.17 42.29 12.43
N ILE B 157 27.24 43.60 12.18
CA ILE B 157 27.50 44.55 13.27
C ILE B 157 26.39 44.51 14.30
N VAL B 158 25.14 44.60 13.85
CA VAL B 158 24.01 44.58 14.76
C VAL B 158 23.90 43.21 15.43
N SER B 159 24.08 42.13 14.66
CA SER B 159 23.93 40.79 15.21
C SER B 159 24.99 40.50 16.27
N GLU B 160 26.24 40.89 16.00
CA GLU B 160 27.29 40.67 16.99
C GLU B 160 27.04 41.47 18.26
N ILE B 161 26.60 42.72 18.12
CA ILE B 161 26.25 43.52 19.27
C ILE B 161 25.05 42.91 20.00
N MET B 162 24.04 42.45 19.23
CA MET B 162 22.87 41.86 19.83
C MET B 162 23.20 40.59 20.60
N MET B 163 24.27 39.89 20.22
CA MET B 163 24.73 38.75 21.00
C MET B 163 25.10 39.17 22.41
N TYR B 164 25.96 40.20 22.52
CA TYR B 164 26.47 40.60 23.83
C TYR B 164 25.41 41.30 24.65
N VAL B 165 24.48 42.01 24.00
CA VAL B 165 23.38 42.65 24.72
C VAL B 165 22.49 41.59 25.36
N LEU B 166 22.09 40.59 24.57
CA LEU B 166 21.24 39.53 25.10
C LEU B 166 21.98 38.69 26.13
N ILE B 167 23.27 38.42 25.90
CA ILE B 167 24.04 37.64 26.86
C ILE B 167 24.15 38.38 28.19
N VAL B 168 24.44 39.68 28.14
CA VAL B 168 24.60 40.46 29.36
C VAL B 168 23.26 40.64 30.07
N VAL B 169 22.21 40.98 29.31
CA VAL B 169 20.90 41.22 29.91
C VAL B 169 20.36 39.94 30.55
N LEU B 170 20.50 38.80 29.86
CA LEU B 170 20.02 37.54 30.42
C LEU B 170 20.79 37.17 31.67
N THR B 171 22.11 37.39 31.67
CA THR B 171 22.91 37.14 32.87
C THR B 171 22.51 38.08 33.99
N ILE B 172 22.26 39.35 33.66
CA ILE B 172 21.80 40.30 34.68
C ILE B 172 20.45 39.88 35.22
N TRP B 173 19.54 39.46 34.34
CA TRP B 173 18.23 38.99 34.80
C TRP B 173 18.35 37.77 35.71
N LEU B 174 19.24 36.84 35.37
CA LEU B 174 19.40 35.65 36.19
C LEU B 174 20.05 35.99 37.54
N VAL B 175 21.09 36.83 37.53
CA VAL B 175 21.79 37.17 38.76
C VAL B 175 20.89 37.99 39.67
N ALA B 176 20.07 38.87 39.10
CA ALA B 176 19.17 39.67 39.92
C ALA B 176 18.18 38.80 40.68
N GLU B 177 17.64 37.77 40.03
CA GLU B 177 16.74 36.86 40.72
C GLU B 177 17.49 35.97 41.69
N MET B 178 18.70 35.54 41.31
CA MET B 178 19.49 34.69 42.20
C MET B 178 19.87 35.42 43.48
N ILE B 179 20.28 36.68 43.37
CA ILE B 179 20.62 37.46 44.55
C ILE B 179 19.36 37.74 45.38
N TYR B 180 18.25 38.08 44.70
CA TYR B 180 17.01 38.35 45.42
C TYR B 180 16.50 37.12 46.15
N CYS B 181 16.60 35.95 45.52
CA CYS B 181 16.11 34.72 46.15
C CYS B 181 16.95 34.35 47.37
N TYR B 182 18.22 34.77 47.40
CA TYR B 182 19.07 34.46 48.55
C TYR B 182 18.55 35.15 49.81
N LYS B 183 18.10 36.40 49.69
CA LYS B 183 17.59 37.12 50.85
C LYS B 183 16.35 36.44 51.41
N LYS B 184 15.44 35.99 50.55
CA LYS B 184 14.22 35.33 51.01
C LYS B 184 14.54 33.98 51.66
N ILE B 185 15.43 33.20 51.05
CA ILE B 185 15.74 31.88 51.58
C ILE B 185 16.51 31.97 52.88
N ALA B 186 17.51 32.84 52.94
CA ALA B 186 18.32 32.98 54.15
C ALA B 186 17.49 33.52 55.31
N ALA B 187 16.45 34.30 55.02
CA ALA B 187 15.60 34.82 56.09
C ALA B 187 14.87 33.68 56.81
N ALA B 188 14.36 32.71 56.05
CA ALA B 188 13.66 31.58 56.66
C ALA B 188 14.61 30.72 57.48
N THR B 189 15.88 30.63 57.07
CA THR B 189 16.85 29.85 57.84
C THR B 189 17.05 30.45 59.23
N GLU B 190 17.15 31.77 59.31
CA GLU B 190 17.33 32.45 60.60
C GLU B 190 16.04 32.44 61.40
N SER C 29 -7.94 -17.10 -35.76
CA SER C 29 -8.04 -15.91 -36.60
C SER C 29 -9.02 -14.91 -36.01
N MET C 30 -9.17 -13.77 -36.67
CA MET C 30 -10.08 -12.73 -36.20
C MET C 30 -11.53 -13.20 -36.31
N GLU C 31 -12.38 -12.67 -35.44
CA GLU C 31 -13.80 -12.99 -35.45
C GLU C 31 -14.43 -12.36 -36.69
N VAL C 32 -14.62 -13.15 -37.73
CA VAL C 32 -15.16 -12.70 -38.99
C VAL C 32 -16.40 -13.54 -39.28
N THR C 33 -17.57 -12.91 -39.27
CA THR C 33 -18.83 -13.62 -39.46
C THR C 33 -19.14 -13.67 -40.96
N VAL C 34 -19.07 -14.87 -41.53
CA VAL C 34 -19.21 -15.04 -42.97
C VAL C 34 -20.25 -16.14 -43.25
N PRO C 35 -21.27 -15.86 -44.06
CA PRO C 35 -22.14 -16.94 -44.53
C PRO C 35 -21.37 -17.92 -45.40
N ALA C 36 -21.67 -19.20 -45.25
CA ALA C 36 -20.94 -20.23 -45.97
C ALA C 36 -21.23 -20.19 -47.47
N THR C 37 -22.51 -20.14 -47.83
CA THR C 37 -22.92 -20.16 -49.23
C THR C 37 -24.04 -19.16 -49.44
N LEU C 38 -23.93 -18.36 -50.50
CA LEU C 38 -24.93 -17.35 -50.84
C LEU C 38 -25.50 -17.67 -52.22
N ASN C 39 -26.82 -17.83 -52.28
CA ASN C 39 -27.53 -18.08 -53.53
C ASN C 39 -28.49 -16.93 -53.80
N VAL C 40 -28.37 -16.33 -54.98
CA VAL C 40 -29.19 -15.19 -55.37
C VAL C 40 -29.69 -15.41 -56.80
N LEU C 41 -30.96 -15.07 -57.03
CA LEU C 41 -31.54 -15.21 -58.36
C LEU C 41 -30.83 -14.31 -59.36
N ASN C 42 -30.70 -14.78 -60.59
CA ASN C 42 -30.07 -13.99 -61.64
C ASN C 42 -30.92 -12.78 -61.98
N GLY C 43 -30.26 -11.65 -62.22
CA GLY C 43 -30.93 -10.42 -62.57
C GLY C 43 -31.48 -9.62 -61.41
N SER C 44 -31.05 -9.90 -60.17
CA SER C 44 -31.52 -9.19 -59.00
C SER C 44 -30.33 -8.72 -58.18
N ASP C 45 -30.56 -7.67 -57.40
CA ASP C 45 -29.53 -7.14 -56.53
C ASP C 45 -29.19 -8.15 -55.44
N ALA C 46 -27.89 -8.33 -55.19
CA ALA C 46 -27.40 -9.31 -54.22
C ALA C 46 -26.57 -8.59 -53.17
N ARG C 47 -27.00 -8.67 -51.92
CA ARG C 47 -26.21 -8.11 -50.83
C ARG C 47 -25.26 -9.16 -50.31
N LEU C 48 -23.96 -8.84 -50.32
CA LEU C 48 -22.91 -9.76 -49.90
C LEU C 48 -22.34 -9.30 -48.57
N PRO C 49 -22.73 -9.91 -47.45
CA PRO C 49 -22.30 -9.40 -46.14
C PRO C 49 -20.95 -9.94 -45.70
N CYS C 50 -20.04 -9.04 -45.33
CA CYS C 50 -18.77 -9.39 -44.72
C CYS C 50 -18.55 -8.46 -43.53
N THR C 51 -18.32 -9.04 -42.35
CA THR C 51 -18.16 -8.26 -41.13
C THR C 51 -17.13 -8.92 -40.24
N PHE C 52 -16.59 -8.13 -39.31
CA PHE C 52 -15.53 -8.60 -38.42
C PHE C 52 -15.69 -7.97 -37.05
N ASN C 53 -14.85 -8.42 -36.11
CA ASN C 53 -14.83 -7.89 -34.75
C ASN C 53 -13.39 -7.82 -34.27
N SER C 54 -13.05 -6.75 -33.58
CA SER C 54 -11.70 -6.56 -33.07
C SER C 54 -11.73 -5.48 -31.99
N CYS C 55 -10.59 -5.33 -31.31
CA CYS C 55 -10.43 -4.29 -30.31
C CYS C 55 -10.24 -2.95 -30.99
N TYR C 56 -9.89 -1.92 -30.19
CA TYR C 56 -9.47 -0.62 -30.68
C TYR C 56 -10.56 0.08 -31.48
N THR C 57 -10.26 1.26 -32.00
CA THR C 57 -11.19 2.02 -32.83
C THR C 57 -10.71 2.01 -34.26
N VAL C 58 -11.66 2.08 -35.19
CA VAL C 58 -11.32 2.04 -36.60
C VAL C 58 -10.61 3.33 -36.99
N ASN C 59 -9.45 3.20 -37.62
CA ASN C 59 -8.65 4.32 -38.07
C ASN C 59 -8.63 4.33 -39.59
N HIS C 60 -9.05 5.44 -40.18
CA HIS C 60 -9.12 5.54 -41.64
C HIS C 60 -7.72 5.48 -42.25
N LYS C 61 -6.74 6.13 -41.61
CA LYS C 61 -5.39 6.16 -42.17
C LYS C 61 -4.72 4.80 -42.11
N GLN C 62 -5.23 3.88 -41.28
CA GLN C 62 -4.60 2.59 -41.08
C GLN C 62 -5.36 1.44 -41.72
N PHE C 63 -6.66 1.60 -41.96
CA PHE C 63 -7.48 0.50 -42.45
C PHE C 63 -7.00 0.04 -43.83
N SER C 64 -6.79 -1.26 -43.96
CA SER C 64 -6.45 -1.89 -45.24
C SER C 64 -7.45 -3.00 -45.52
N LEU C 65 -8.01 -2.99 -46.73
CA LEU C 65 -9.09 -3.90 -47.08
C LEU C 65 -8.77 -4.56 -48.41
N ASN C 66 -8.82 -5.90 -48.43
CA ASN C 66 -8.72 -6.68 -49.65
C ASN C 66 -10.09 -7.21 -50.03
N TRP C 67 -10.44 -7.06 -51.30
CA TRP C 67 -11.68 -7.64 -51.85
C TRP C 67 -11.30 -8.41 -53.11
N THR C 68 -11.32 -9.73 -53.02
CA THR C 68 -10.87 -10.60 -54.09
C THR C 68 -12.04 -11.45 -54.61
N TYR C 69 -12.03 -11.71 -55.91
CA TYR C 69 -13.00 -12.57 -56.55
C TYR C 69 -12.29 -13.66 -57.34
N GLN C 70 -12.79 -14.89 -57.23
CA GLN C 70 -12.25 -16.04 -57.95
C GLN C 70 -13.38 -16.78 -58.61
N GLU C 71 -13.12 -17.27 -59.84
CA GLU C 71 -14.12 -18.03 -60.57
C GLU C 71 -14.19 -19.49 -60.14
N CYS C 72 -13.22 -19.96 -59.37
CA CYS C 72 -13.20 -21.34 -58.90
C CYS C 72 -12.28 -21.43 -57.68
N ASN C 73 -12.14 -22.64 -57.15
CA ASN C 73 -11.25 -22.84 -56.00
C ASN C 73 -9.80 -22.53 -56.36
N ASN C 74 -9.36 -22.99 -57.53
CA ASN C 74 -7.98 -22.79 -57.97
C ASN C 74 -7.81 -21.57 -58.87
N CYS C 75 -8.88 -20.82 -59.13
CA CYS C 75 -8.77 -19.63 -59.97
C CYS C 75 -8.04 -18.52 -59.24
N SER C 76 -7.34 -17.70 -60.02
CA SER C 76 -6.58 -16.59 -59.45
C SER C 76 -7.51 -15.52 -58.88
N GLU C 77 -7.11 -14.95 -57.76
CA GLU C 77 -7.90 -13.90 -57.12
C GLU C 77 -7.82 -12.61 -57.93
N GLU C 78 -8.94 -11.87 -57.96
CA GLU C 78 -9.03 -10.62 -58.69
C GLU C 78 -9.52 -9.53 -57.75
N MET C 79 -8.76 -8.44 -57.66
CA MET C 79 -9.12 -7.33 -56.78
C MET C 79 -10.11 -6.41 -57.49
N PHE C 80 -11.20 -6.07 -56.80
CA PHE C 80 -12.22 -5.20 -57.39
C PHE C 80 -12.52 -4.00 -56.50
N LEU C 81 -12.46 -4.17 -55.19
CA LEU C 81 -12.72 -3.09 -54.25
C LEU C 81 -11.54 -2.94 -53.30
N GLN C 82 -11.35 -1.72 -52.82
CA GLN C 82 -10.16 -1.38 -52.04
C GLN C 82 -10.51 -0.25 -51.08
N PHE C 83 -9.71 -0.13 -50.02
CA PHE C 83 -9.89 0.92 -49.03
C PHE C 83 -8.53 1.46 -48.60
N ARG C 84 -8.08 2.53 -49.26
CA ARG C 84 -6.85 3.25 -48.87
C ARG C 84 -7.28 4.66 -48.46
N MET C 85 -7.51 4.84 -47.16
CA MET C 85 -7.99 6.07 -46.54
C MET C 85 -9.35 6.51 -47.05
N LYS C 86 -9.97 5.75 -47.95
CA LYS C 86 -11.28 6.04 -48.54
C LYS C 86 -11.71 4.81 -49.32
N ILE C 87 -12.86 4.91 -49.98
CA ILE C 87 -13.37 3.82 -50.80
C ILE C 87 -12.80 3.97 -52.21
N ILE C 88 -12.09 2.95 -52.66
CA ILE C 88 -11.46 2.93 -53.98
C ILE C 88 -11.93 1.67 -54.70
N ASN C 89 -12.53 1.85 -55.88
CA ASN C 89 -12.98 0.75 -56.72
C ASN C 89 -12.18 0.75 -58.01
N LEU C 90 -11.74 -0.42 -58.44
CA LEU C 90 -10.91 -0.55 -59.62
C LEU C 90 -11.69 -0.65 -60.93
N LYS C 91 -13.02 -0.79 -60.85
CA LYS C 91 -13.88 -0.88 -62.03
C LYS C 91 -13.43 -2.00 -62.96
N LEU C 92 -13.53 -3.23 -62.46
CA LEU C 92 -13.11 -4.39 -63.23
C LEU C 92 -13.98 -4.54 -64.48
N GLU C 93 -13.35 -5.01 -65.56
CA GLU C 93 -14.07 -5.20 -66.82
C GLU C 93 -15.12 -6.29 -66.68
N ARG C 94 -14.79 -7.38 -65.97
CA ARG C 94 -15.74 -8.48 -65.80
C ARG C 94 -16.92 -8.10 -64.92
N PHE C 95 -16.82 -7.02 -64.15
CA PHE C 95 -17.91 -6.54 -63.31
C PHE C 95 -18.54 -5.25 -63.80
N GLN C 96 -17.87 -4.54 -64.71
CA GLN C 96 -18.36 -3.25 -65.26
C GLN C 96 -18.55 -2.30 -64.08
N ASP C 97 -19.72 -1.68 -63.92
CA ASP C 97 -20.00 -0.76 -62.83
C ASP C 97 -21.09 -1.30 -61.90
N ARG C 98 -21.09 -2.62 -61.70
CA ARG C 98 -22.11 -3.27 -60.89
C ARG C 98 -21.67 -3.52 -59.46
N VAL C 99 -20.48 -3.07 -59.06
CA VAL C 99 -19.94 -3.33 -57.74
C VAL C 99 -20.14 -2.10 -56.87
N GLU C 100 -20.84 -2.27 -55.73
CA GLU C 100 -21.11 -1.17 -54.83
C GLU C 100 -20.94 -1.60 -53.37
N PHE C 101 -20.81 -0.58 -52.52
CA PHE C 101 -20.53 -0.76 -51.10
C PHE C 101 -21.74 -0.40 -50.26
N SER C 102 -22.00 -1.20 -49.23
CA SER C 102 -22.88 -0.83 -48.11
C SER C 102 -22.25 -1.22 -46.80
N GLY C 103 -21.16 -0.56 -46.48
CA GLY C 103 -20.59 -0.71 -45.17
C GLY C 103 -19.89 0.58 -44.83
N ASN C 104 -19.71 0.77 -43.53
CA ASN C 104 -18.93 1.86 -42.97
C ASN C 104 -17.99 1.24 -41.97
N PRO C 105 -16.72 1.66 -41.98
CA PRO C 105 -15.75 0.95 -41.15
C PRO C 105 -16.05 1.06 -39.66
N SER C 106 -16.78 2.10 -39.24
CA SER C 106 -17.06 2.29 -37.83
C SER C 106 -17.90 1.13 -37.26
N LYS C 107 -18.90 0.67 -38.02
CA LYS C 107 -19.76 -0.41 -37.56
C LYS C 107 -19.20 -1.79 -37.94
N TYR C 108 -17.91 -1.86 -38.27
CA TYR C 108 -17.24 -3.13 -38.56
C TYR C 108 -17.86 -3.84 -39.75
N ASP C 109 -18.41 -3.08 -40.70
CA ASP C 109 -19.12 -3.63 -41.85
C ASP C 109 -18.39 -3.26 -43.14
N VAL C 110 -18.16 -4.27 -43.99
CA VAL C 110 -17.50 -4.05 -45.27
C VAL C 110 -18.25 -4.74 -46.39
N SER C 111 -19.57 -4.91 -46.23
CA SER C 111 -20.36 -5.63 -47.23
C SER C 111 -20.38 -4.88 -48.56
N VAL C 112 -20.51 -5.65 -49.65
CA VAL C 112 -20.46 -5.13 -51.01
C VAL C 112 -21.69 -5.61 -51.77
N MET C 113 -22.04 -4.87 -52.81
CA MET C 113 -23.20 -5.15 -53.66
C MET C 113 -22.74 -5.64 -55.04
N LEU C 114 -23.54 -6.49 -55.67
CA LEU C 114 -23.43 -6.77 -57.10
C LEU C 114 -24.80 -6.56 -57.72
N ARG C 115 -25.02 -5.40 -58.32
CA ARG C 115 -26.28 -5.13 -59.01
C ARG C 115 -26.36 -5.91 -60.32
N ASN C 116 -27.54 -6.51 -60.54
CA ASN C 116 -27.80 -7.30 -61.74
C ASN C 116 -26.77 -8.43 -61.89
N VAL C 117 -26.79 -9.34 -60.92
CA VAL C 117 -25.85 -10.44 -60.91
C VAL C 117 -26.05 -11.30 -62.16
N GLN C 118 -24.94 -11.83 -62.68
CA GLN C 118 -24.91 -12.62 -63.89
C GLN C 118 -24.37 -14.01 -63.60
N PRO C 119 -24.66 -14.99 -64.46
CA PRO C 119 -24.08 -16.33 -64.25
C PRO C 119 -22.56 -16.33 -64.24
N GLU C 120 -21.92 -15.40 -64.95
CA GLU C 120 -20.47 -15.30 -64.89
C GLU C 120 -19.99 -14.93 -63.49
N ASP C 121 -20.79 -14.17 -62.74
CA ASP C 121 -20.41 -13.75 -61.40
C ASP C 121 -20.30 -14.90 -60.42
N GLU C 122 -20.81 -16.09 -60.78
CA GLU C 122 -20.68 -17.25 -59.92
C GLU C 122 -19.20 -17.57 -59.69
N GLY C 123 -18.84 -17.80 -58.44
CA GLY C 123 -17.45 -18.08 -58.11
C GLY C 123 -17.22 -17.95 -56.60
N ILE C 124 -16.03 -17.45 -56.26
CA ILE C 124 -15.60 -17.32 -54.87
C ILE C 124 -15.34 -15.86 -54.57
N TYR C 125 -15.91 -15.37 -53.48
CA TYR C 125 -15.71 -14.01 -53.01
C TYR C 125 -15.00 -14.04 -51.66
N ASN C 126 -14.01 -13.17 -51.51
CA ASN C 126 -13.17 -13.15 -50.31
C ASN C 126 -12.95 -11.72 -49.86
N CYS C 127 -12.89 -11.53 -48.53
CA CYS C 127 -12.65 -10.22 -47.94
C CYS C 127 -11.59 -10.37 -46.84
N TYR C 128 -10.35 -9.98 -47.16
CA TYR C 128 -9.31 -9.85 -46.15
C TYR C 128 -9.42 -8.49 -45.48
N ILE C 129 -9.23 -8.47 -44.16
CA ILE C 129 -9.33 -7.24 -43.38
C ILE C 129 -8.06 -7.07 -42.57
N MET C 130 -7.53 -5.85 -42.58
CA MET C 130 -6.30 -5.51 -41.85
C MET C 130 -6.56 -4.21 -41.10
N ASN C 131 -6.80 -4.31 -39.79
CA ASN C 131 -7.11 -3.16 -38.96
C ASN C 131 -6.04 -2.98 -37.89
N PRO C 132 -5.05 -2.12 -38.11
CA PRO C 132 -4.02 -1.88 -37.09
C PRO C 132 -4.62 -1.25 -35.85
N PRO C 133 -4.00 -1.42 -34.68
CA PRO C 133 -2.71 -2.10 -34.41
C PRO C 133 -2.80 -3.62 -34.43
N ASP C 134 -4.00 -4.18 -34.63
CA ASP C 134 -4.16 -5.63 -34.67
C ASP C 134 -3.35 -6.24 -35.80
N ARG C 135 -2.34 -7.03 -35.47
CA ARG C 135 -1.47 -7.62 -36.47
C ARG C 135 -2.12 -8.80 -37.21
N HIS C 136 -3.19 -9.36 -36.66
CA HIS C 136 -3.90 -10.42 -37.35
C HIS C 136 -4.63 -9.88 -38.57
N ARG C 137 -4.75 -10.71 -39.61
CA ARG C 137 -5.43 -10.35 -40.83
C ARG C 137 -6.65 -11.24 -41.01
N GLY C 138 -7.81 -10.62 -41.22
CA GLY C 138 -9.04 -11.38 -41.37
C GLY C 138 -9.11 -12.09 -42.70
N HIS C 139 -10.03 -13.05 -42.78
CA HIS C 139 -10.19 -13.86 -43.99
C HIS C 139 -11.60 -14.43 -44.00
N GLY C 140 -12.44 -13.97 -44.92
CA GLY C 140 -13.80 -14.45 -45.03
C GLY C 140 -14.16 -14.85 -46.44
N LYS C 141 -14.51 -16.12 -46.63
CA LYS C 141 -14.71 -16.71 -47.95
C LYS C 141 -16.19 -16.94 -48.21
N ILE C 142 -16.67 -16.47 -49.35
CA ILE C 142 -18.05 -16.69 -49.80
C ILE C 142 -18.02 -17.26 -51.21
N HIS C 143 -18.75 -18.35 -51.41
CA HIS C 143 -18.94 -18.93 -52.74
C HIS C 143 -20.32 -18.51 -53.24
N LEU C 144 -20.34 -17.57 -54.19
CA LEU C 144 -21.59 -17.07 -54.71
C LEU C 144 -22.14 -18.00 -55.78
N GLN C 145 -23.39 -18.39 -55.64
CA GLN C 145 -24.08 -19.24 -56.60
C GLN C 145 -25.25 -18.48 -57.20
N VAL C 146 -25.35 -18.49 -58.52
CA VAL C 146 -26.39 -17.76 -59.24
C VAL C 146 -27.37 -18.79 -59.82
N LEU C 147 -28.62 -18.68 -59.42
CA LEU C 147 -29.66 -19.57 -59.91
C LEU C 147 -30.19 -19.08 -61.25
N MET C 148 -30.92 -19.95 -61.94
CA MET C 148 -31.49 -19.62 -63.24
C MET C 148 -32.73 -18.74 -63.08
#